data_2BWN
#
_entry.id   2BWN
#
_cell.length_a   67.875
_cell.length_b   92.872
_cell.length_c   250.131
_cell.angle_alpha   90.00
_cell.angle_beta   90.00
_cell.angle_gamma   90.00
#
_symmetry.space_group_name_H-M   'P 21 21 21'
#
loop_
_entity.id
_entity.type
_entity.pdbx_description
1 polymer '5-AMINOLEVULINATE SYNTHASE'
2 non-polymer "PYRIDOXAL-5'-PHOSPHATE"
3 non-polymer 'SUCCINIC ACID'
4 non-polymer 'CHLORIDE ION'
5 non-polymer 'SULFATE ION'
6 non-polymer 'ACETIC ACID'
7 non-polymer 'FORMIC ACID'
8 water water
#
_entity_poly.entity_id   1
_entity_poly.type   'polypeptide(L)'
_entity_poly.pdbx_seq_one_letter_code
;MDYNLALDKAIQKLHDEGRYRTFIDIEREKGAFPKAQWNRPDGGKQDITVWCGNDYLGMGQHPVVLAAMHEALEAVGAGS
GGTRNISGTTAYHRRLEAEIAGLHQKEAALVFSSAYNANDATLSTLRVLFPGLIIYSDSLNHASMIEGIKRNAGPKRIFR
HNDVAHLRELIAADDPAAPKLIAFESVYSMDGDFGPIKEICDIAEEFGALTYIDEVHAVGMYGPRGAGVAERDGLMHRID
IFNGTLAKAYGVFGGYIAASARMVDAVRSYAPGFIFSTSLPPAIAAGAQASIAFLKTAEGQKLRDAQQMHAKVLKMRLKA
LGMPIIDHGSHIVPVVIGDPVHTKAVSDMLLSDYGVYVQPINFPTVPRGTERLRFTPSPVHDLKQIDGLVHAMDLLWARC
A
;
_entity_poly.pdbx_strand_id   A,B,D,E
#
loop_
_chem_comp.id
_chem_comp.type
_chem_comp.name
_chem_comp.formula
ACY non-polymer 'ACETIC ACID' 'C2 H4 O2'
CL non-polymer 'CHLORIDE ION' 'Cl -1'
FMT non-polymer 'FORMIC ACID' 'C H2 O2'
PLP non-polymer PYRIDOXAL-5'-PHOSPHATE 'C8 H10 N O6 P'
SIN non-polymer 'SUCCINIC ACID' 'C4 H6 O4'
SO4 non-polymer 'SULFATE ION' 'O4 S -2'
#
# COMPACT_ATOMS: atom_id res chain seq x y z
N ASP A 2 19.01 18.24 6.38
CA ASP A 2 19.12 18.57 7.83
C ASP A 2 17.97 17.99 8.64
N TYR A 3 18.30 16.91 9.33
CA TYR A 3 17.37 16.21 10.16
C TYR A 3 16.94 17.04 11.36
N ASN A 4 17.87 17.81 11.90
CA ASN A 4 17.60 18.68 13.06
C ASN A 4 16.66 19.84 12.77
N LEU A 5 16.80 20.42 11.58
CA LEU A 5 15.87 21.45 11.11
C LEU A 5 14.46 20.92 11.01
N ALA A 6 14.32 19.73 10.43
CA ALA A 6 13.00 19.07 10.29
C ALA A 6 12.31 18.83 11.63
N LEU A 7 13.11 18.39 12.58
CA LEU A 7 12.64 18.12 13.96
C LEU A 7 12.20 19.42 14.61
N ASP A 8 13.02 20.46 14.44
CA ASP A 8 12.71 21.79 14.99
C ASP A 8 11.38 22.32 14.40
N LYS A 9 11.21 22.16 13.09
CA LYS A 9 9.93 22.53 12.42
C LYS A 9 8.72 21.77 12.94
N ALA A 10 8.88 20.48 13.15
CA ALA A 10 7.80 19.61 13.63
C ALA A 10 7.35 20.05 15.00
N ILE A 11 8.34 20.36 15.84
CA ILE A 11 8.08 20.80 17.22
C ILE A 11 7.48 22.22 17.23
N GLN A 12 7.99 23.12 16.38
CA GLN A 12 7.49 24.47 16.34
C GLN A 12 6.06 24.51 15.94
N LYS A 13 5.70 23.72 14.93
CA LYS A 13 4.28 23.56 14.49
C LYS A 13 3.30 23.33 15.64
N LEU A 14 3.70 22.49 16.60
CA LEU A 14 2.91 22.22 17.83
C LEU A 14 2.72 23.46 18.67
N HIS A 15 3.80 24.20 18.87
CA HIS A 15 3.75 25.46 19.61
C HIS A 15 2.83 26.47 18.90
N ASP A 16 3.02 26.58 17.57
CA ASP A 16 2.23 27.47 16.69
C ASP A 16 0.74 27.16 16.73
N GLU A 17 0.40 25.90 16.86
CA GLU A 17 -1.01 25.43 17.00
C GLU A 17 -1.51 25.45 18.45
N GLY A 18 -0.63 25.78 19.39
CA GLY A 18 -0.98 25.90 20.81
C GLY A 18 -1.25 24.57 21.49
N ARG A 19 -0.83 23.48 20.82
CA ARG A 19 -1.07 22.11 21.29
C ARG A 19 0.15 21.36 21.80
N TYR A 20 1.26 22.07 22.00
CA TYR A 20 2.44 21.44 22.57
C TYR A 20 2.06 21.07 23.97
N ARG A 21 2.39 19.85 24.35
CA ARG A 21 1.98 19.34 25.62
C ARG A 21 3.08 19.30 26.68
N THR A 22 2.77 19.86 27.85
CA THR A 22 3.63 19.88 29.00
C THR A 22 3.07 18.87 30.01
N PHE A 23 3.85 17.82 30.28
CA PHE A 23 3.46 16.82 31.26
C PHE A 23 3.70 17.27 32.70
N ILE A 24 2.81 16.81 33.58
CA ILE A 24 2.83 17.10 35.03
C ILE A 24 3.33 15.84 35.75
N ASP A 25 4.40 15.99 36.48
CA ASP A 25 5.06 14.90 37.19
C ASP A 25 4.42 14.74 38.57
N ILE A 26 3.71 13.62 38.75
CA ILE A 26 3.04 13.32 40.04
C ILE A 26 3.40 11.99 40.60
N GLU A 27 3.13 11.85 41.90
CA GLU A 27 3.23 10.56 42.59
C GLU A 27 1.98 10.40 43.43
N ARG A 28 1.05 9.55 43.00
CA ARG A 28 -0.18 9.32 43.77
C ARG A 28 0.14 8.69 45.10
N GLU A 29 -0.58 9.09 46.14
CA GLU A 29 -0.31 8.58 47.47
C GLU A 29 -1.21 7.37 47.78
N LYS A 30 -0.64 6.20 47.68
CA LYS A 30 -1.37 4.98 47.88
C LYS A 30 -1.96 4.98 49.29
N GLY A 31 -3.27 4.69 49.38
CA GLY A 31 -3.99 4.65 50.62
C GLY A 31 -4.66 5.98 50.90
N ALA A 32 -4.39 6.98 50.09
CA ALA A 32 -4.95 8.33 50.27
C ALA A 32 -5.45 8.90 48.94
N PHE A 33 -5.80 8.06 47.97
CA PHE A 33 -6.27 8.58 46.72
C PHE A 33 -7.49 9.44 47.05
N PRO A 34 -7.74 10.51 46.30
CA PRO A 34 -7.10 11.02 45.09
C PRO A 34 -5.92 12.00 45.31
N LYS A 35 -5.35 11.98 46.52
N LYS A 35 -5.33 11.97 46.51
CA LYS A 35 -4.16 12.78 46.85
CA LYS A 35 -4.19 12.81 46.87
C LYS A 35 -2.93 12.33 46.05
C LYS A 35 -2.93 12.34 46.12
N ALA A 36 -2.13 13.31 45.65
CA ALA A 36 -0.86 13.05 44.97
C ALA A 36 0.12 14.12 45.38
N GLN A 37 1.39 13.82 45.21
CA GLN A 37 2.48 14.80 45.33
C GLN A 37 2.80 15.29 43.92
N TRP A 38 2.77 16.58 43.73
CA TRP A 38 3.15 17.20 42.48
C TRP A 38 4.61 17.64 42.61
N ASN A 39 5.43 17.09 41.72
CA ASN A 39 6.85 17.41 41.63
C ASN A 39 6.97 18.56 40.65
N ARG A 40 7.03 19.76 41.20
CA ARG A 40 6.99 20.99 40.39
C ARG A 40 8.29 21.23 39.63
N PRO A 41 8.20 22.00 38.54
CA PRO A 41 9.40 22.30 37.75
C PRO A 41 10.48 23.09 38.51
N ASP A 42 10.07 23.84 39.54
CA ASP A 42 11.06 24.58 40.39
C ASP A 42 11.82 23.64 41.39
N GLY A 43 11.48 22.36 41.40
CA GLY A 43 12.11 21.39 42.31
C GLY A 43 11.31 21.19 43.59
N GLY A 44 10.22 21.94 43.74
CA GLY A 44 9.37 21.84 44.90
C GLY A 44 8.41 20.67 44.83
N LYS A 45 7.77 20.41 45.96
CA LYS A 45 6.78 19.34 46.12
C LYS A 45 5.50 19.93 46.75
N GLN A 46 4.36 19.64 46.16
CA GLN A 46 3.09 20.19 46.59
C GLN A 46 2.02 19.09 46.57
N ASP A 47 1.25 19.00 47.65
CA ASP A 47 0.12 18.07 47.66
C ASP A 47 -0.93 18.59 46.71
N ILE A 48 -1.48 17.68 45.91
CA ILE A 48 -2.55 18.02 44.99
C ILE A 48 -3.65 16.97 45.03
N THR A 49 -4.80 17.32 44.47
CA THR A 49 -5.89 16.36 44.23
C THR A 49 -5.98 16.07 42.77
N VAL A 50 -5.88 14.81 42.43
CA VAL A 50 -5.99 14.37 41.05
C VAL A 50 -7.46 14.32 40.67
N TRP A 51 -7.80 15.01 39.59
CA TRP A 51 -9.19 15.12 39.13
C TRP A 51 -9.44 14.64 37.72
N CYS A 52 -8.41 14.14 37.06
CA CYS A 52 -8.48 13.78 35.64
C CYS A 52 -7.97 12.38 35.31
N GLY A 53 -7.68 11.58 36.31
CA GLY A 53 -7.14 10.26 36.06
C GLY A 53 -8.17 9.24 35.57
N ASN A 54 -7.66 8.10 35.06
CA ASN A 54 -8.50 7.02 34.56
C ASN A 54 -8.64 5.86 35.52
N ASP A 55 -8.05 5.93 36.70
CA ASP A 55 -8.21 4.89 37.73
C ASP A 55 -9.52 5.25 38.41
N TYR A 56 -10.57 5.04 37.67
CA TYR A 56 -11.91 5.53 37.98
C TYR A 56 -12.52 5.10 39.29
N LEU A 57 -12.21 3.91 39.75
CA LEU A 57 -12.81 3.38 40.98
C LEU A 57 -11.87 3.31 42.15
N GLY A 58 -10.66 3.87 41.99
CA GLY A 58 -9.60 3.79 43.00
C GLY A 58 -9.05 2.39 43.23
N MET A 59 -9.16 1.53 42.24
CA MET A 59 -8.67 0.13 42.39
C MET A 59 -7.16 0.02 42.43
N GLY A 60 -6.47 1.05 41.98
CA GLY A 60 -4.98 1.11 42.07
C GLY A 60 -4.41 1.01 43.46
N GLN A 61 -5.20 1.41 44.48
CA GLN A 61 -4.81 1.31 45.88
C GLN A 61 -5.58 0.22 46.64
N HIS A 62 -6.36 -0.60 45.95
CA HIS A 62 -7.21 -1.59 46.63
C HIS A 62 -6.33 -2.70 47.23
N PRO A 63 -6.58 -3.06 48.50
CA PRO A 63 -5.73 -4.07 49.15
C PRO A 63 -5.74 -5.44 48.50
N VAL A 64 -6.88 -5.84 47.92
CA VAL A 64 -6.94 -7.19 47.28
C VAL A 64 -6.09 -7.24 45.98
N VAL A 65 -6.10 -6.16 45.23
CA VAL A 65 -5.24 -6.00 44.03
C VAL A 65 -3.75 -6.03 44.49
N LEU A 66 -3.40 -5.16 45.42
CA LEU A 66 -2.01 -5.05 45.85
C LEU A 66 -1.48 -6.33 46.49
N ALA A 67 -2.30 -6.94 47.33
CA ALA A 67 -1.92 -8.20 47.97
C ALA A 67 -1.55 -9.25 46.90
N ALA A 68 -2.41 -9.38 45.91
CA ALA A 68 -2.18 -10.32 44.78
C ALA A 68 -0.88 -10.04 44.04
N MET A 69 -0.60 -8.75 43.83
CA MET A 69 0.66 -8.31 43.13
C MET A 69 1.91 -8.62 43.95
N HIS A 70 1.88 -8.29 45.23
CA HIS A 70 3.03 -8.59 46.13
C HIS A 70 3.34 -10.12 46.22
N GLU A 71 2.28 -10.90 46.30
CA GLU A 71 2.34 -12.36 46.32
C GLU A 71 2.97 -12.92 45.05
N ALA A 72 2.51 -12.42 43.91
CA ALA A 72 3.01 -12.90 42.61
C ALA A 72 4.50 -12.61 42.46
N LEU A 73 4.90 -11.41 42.86
CA LEU A 73 6.30 -11.01 42.80
C LEU A 73 7.17 -11.95 43.61
N GLU A 74 6.71 -12.26 44.82
CA GLU A 74 7.44 -13.22 45.68
C GLU A 74 7.41 -14.67 45.15
N ALA A 75 6.33 -15.04 44.46
CA ALA A 75 6.20 -16.41 43.92
C ALA A 75 7.04 -16.62 42.65
N VAL A 76 6.89 -15.72 41.69
CA VAL A 76 7.52 -15.94 40.33
C VAL A 76 8.47 -14.86 39.83
N GLY A 77 8.57 -13.77 40.57
CA GLY A 77 9.48 -12.68 40.24
C GLY A 77 8.89 -11.52 39.45
N ALA A 78 9.79 -10.69 38.96
CA ALA A 78 9.44 -9.36 38.36
C ALA A 78 8.72 -9.37 37.00
N GLY A 79 9.10 -10.32 36.15
CA GLY A 79 8.53 -10.43 34.83
C GLY A 79 8.33 -11.88 34.44
N SER A 80 7.82 -12.09 33.22
CA SER A 80 7.57 -13.47 32.70
C SER A 80 8.81 -14.06 32.10
N GLY A 81 9.67 -13.19 31.57
CA GLY A 81 10.90 -13.59 30.95
C GLY A 81 10.74 -14.09 29.52
N GLY A 82 9.55 -13.92 28.96
CA GLY A 82 9.41 -14.28 27.56
C GLY A 82 8.07 -13.98 26.96
N THR A 83 8.00 -14.33 25.68
CA THR A 83 6.77 -14.24 24.90
C THR A 83 5.87 -15.39 25.29
N ARG A 84 4.59 -15.29 24.93
CA ARG A 84 3.62 -16.35 25.26
C ARG A 84 4.02 -17.72 24.68
N ASN A 85 4.64 -17.67 23.51
CA ASN A 85 5.20 -18.85 22.81
C ASN A 85 6.50 -19.36 23.52
N ILE A 86 7.36 -18.48 23.98
CA ILE A 86 8.67 -18.89 24.52
C ILE A 86 8.87 -18.52 25.99
N SER A 87 8.38 -19.41 26.85
CA SER A 87 8.51 -19.36 28.33
C SER A 87 7.69 -18.32 29.09
N GLY A 88 6.91 -17.49 28.36
CA GLY A 88 6.12 -16.43 29.00
C GLY A 88 4.64 -16.69 29.21
N THR A 89 4.18 -17.93 28.92
CA THR A 89 2.79 -18.33 29.28
C THR A 89 2.83 -18.97 30.67
N THR A 90 2.12 -18.32 31.60
CA THR A 90 2.05 -18.74 32.99
C THR A 90 0.61 -18.92 33.42
N ALA A 91 0.44 -19.63 34.54
CA ALA A 91 -0.86 -19.84 35.16
C ALA A 91 -1.61 -18.52 35.39
N TYR A 92 -0.84 -17.47 35.67
CA TYR A 92 -1.42 -16.12 35.95
C TYR A 92 -2.10 -15.56 34.70
N HIS A 93 -1.45 -15.77 33.53
CA HIS A 93 -2.02 -15.42 32.22
C HIS A 93 -3.32 -16.22 31.90
N ARG A 94 -3.29 -17.55 32.03
N ARG A 94 -3.29 -17.55 32.03
CA ARG A 94 -4.49 -18.36 31.75
CA ARG A 94 -4.49 -18.35 31.74
C ARG A 94 -5.64 -18.04 32.70
C ARG A 94 -5.64 -18.02 32.69
N ARG A 95 -5.36 -17.90 34.01
CA ARG A 95 -6.39 -17.54 35.00
C ARG A 95 -6.97 -16.17 34.68
N LEU A 96 -6.11 -15.21 34.28
CA LEU A 96 -6.60 -13.87 33.89
C LEU A 96 -7.53 -13.94 32.68
N GLU A 97 -7.08 -14.63 31.64
CA GLU A 97 -7.85 -14.80 30.43
C GLU A 97 -9.21 -15.47 30.73
N ALA A 98 -9.20 -16.46 31.62
CA ALA A 98 -10.44 -17.13 32.04
C ALA A 98 -11.41 -16.16 32.75
N GLU A 99 -10.87 -15.27 33.54
CA GLU A 99 -11.70 -14.29 34.28
C GLU A 99 -12.38 -13.27 33.30
N ILE A 100 -11.61 -12.88 32.35
CA ILE A 100 -12.05 -11.93 31.35
C ILE A 100 -13.12 -12.56 30.46
N ALA A 101 -12.85 -13.77 30.01
CA ALA A 101 -13.81 -14.52 29.17
C ALA A 101 -15.15 -14.65 29.94
N GLY A 102 -15.04 -15.03 31.21
CA GLY A 102 -16.18 -15.12 32.14
C GLY A 102 -16.91 -13.80 32.32
N LEU A 103 -16.17 -12.71 32.46
CA LEU A 103 -16.76 -11.37 32.56
C LEU A 103 -17.70 -11.08 31.38
N HIS A 104 -17.26 -11.41 30.16
CA HIS A 104 -18.02 -11.09 28.96
C HIS A 104 -18.86 -12.22 28.46
N GLN A 105 -18.95 -13.27 29.25
CA GLN A 105 -19.66 -14.50 28.89
C GLN A 105 -19.28 -15.02 27.50
N LYS A 106 -17.97 -15.00 27.24
CA LYS A 106 -17.41 -15.48 26.00
C LYS A 106 -16.62 -16.78 26.26
N GLU A 107 -16.42 -17.56 25.21
CA GLU A 107 -15.64 -18.80 25.33
C GLU A 107 -14.17 -18.57 25.74
N ALA A 108 -13.61 -17.46 25.27
CA ALA A 108 -12.18 -17.24 25.35
C ALA A 108 -11.84 -15.75 25.41
N ALA A 109 -10.60 -15.48 25.80
CA ALA A 109 -10.08 -14.15 25.91
C ALA A 109 -8.58 -14.16 25.70
N LEU A 110 -8.04 -13.01 25.28
CA LEU A 110 -6.64 -12.88 24.93
C LEU A 110 -6.07 -11.59 25.47
N VAL A 111 -5.03 -11.71 26.31
CA VAL A 111 -4.40 -10.55 26.89
C VAL A 111 -3.23 -10.07 26.07
N PHE A 112 -3.13 -8.76 26.03
CA PHE A 112 -2.06 -8.03 25.34
C PHE A 112 -1.42 -7.14 26.36
N SER A 113 -0.30 -6.55 25.94
CA SER A 113 0.44 -5.53 26.71
C SER A 113 -0.44 -4.28 27.07
N SER A 114 -1.40 -3.97 26.21
CA SER A 114 -2.32 -2.86 26.43
C SER A 114 -3.52 -3.03 25.60
N ALA A 115 -4.56 -2.27 25.92
CA ALA A 115 -5.79 -2.28 25.11
C ALA A 115 -5.49 -1.60 23.76
N TYR A 116 -4.54 -0.67 23.74
CA TYR A 116 -4.09 -0.02 22.47
C TYR A 116 -3.62 -1.12 21.50
N ASN A 117 -2.73 -1.97 22.02
CA ASN A 117 -2.18 -3.11 21.25
C ASN A 117 -3.24 -4.14 20.88
N ALA A 118 -4.16 -4.40 21.79
CA ALA A 118 -5.24 -5.33 21.53
C ALA A 118 -6.02 -4.87 20.30
N ASN A 119 -6.41 -3.60 20.27
CA ASN A 119 -7.18 -3.01 19.15
C ASN A 119 -6.39 -2.98 17.82
N ASP A 120 -5.20 -2.43 17.87
CA ASP A 120 -4.35 -2.29 16.71
C ASP A 120 -4.03 -3.68 16.11
N ALA A 121 -3.64 -4.64 16.95
CA ALA A 121 -3.27 -6.01 16.48
C ALA A 121 -4.46 -6.81 15.99
N THR A 122 -5.56 -6.73 16.71
CA THR A 122 -6.75 -7.51 16.38
C THR A 122 -7.40 -7.01 15.08
N LEU A 123 -7.65 -5.73 15.00
CA LEU A 123 -8.34 -5.14 13.83
C LEU A 123 -7.54 -5.35 12.55
N SER A 124 -6.22 -5.17 12.64
CA SER A 124 -5.36 -5.34 11.48
C SER A 124 -5.26 -6.85 11.04
N THR A 125 -5.22 -7.75 12.02
CA THR A 125 -5.15 -9.20 11.77
C THR A 125 -6.49 -9.73 11.22
N LEU A 126 -7.61 -9.14 11.62
CA LEU A 126 -8.92 -9.53 11.06
C LEU A 126 -9.00 -9.40 9.51
N ARG A 127 -8.24 -8.45 8.95
N ARG A 127 -8.24 -8.45 8.95
CA ARG A 127 -8.15 -8.28 7.48
CA ARG A 127 -8.15 -8.28 7.48
C ARG A 127 -7.47 -9.45 6.81
C ARG A 127 -7.47 -9.45 6.81
N VAL A 128 -6.49 -10.00 7.51
CA VAL A 128 -5.76 -11.18 7.04
C VAL A 128 -6.68 -12.42 7.13
N LEU A 129 -7.35 -12.57 8.26
CA LEU A 129 -8.24 -13.70 8.52
C LEU A 129 -9.52 -13.73 7.63
N PHE A 130 -10.00 -12.53 7.26
CA PHE A 130 -11.19 -12.34 6.45
C PHE A 130 -10.83 -11.52 5.23
N PRO A 131 -10.24 -12.15 4.21
CA PRO A 131 -9.83 -11.39 3.00
C PRO A 131 -10.99 -10.62 2.37
N GLY A 132 -10.76 -9.34 2.07
CA GLY A 132 -11.80 -8.44 1.54
C GLY A 132 -12.64 -7.72 2.59
N LEU A 133 -12.27 -7.91 3.86
CA LEU A 133 -12.99 -7.29 5.01
C LEU A 133 -13.17 -5.79 4.83
N ILE A 134 -14.40 -5.34 4.92
CA ILE A 134 -14.70 -3.91 4.95
C ILE A 134 -14.95 -3.55 6.43
N ILE A 135 -14.13 -2.66 6.97
CA ILE A 135 -14.32 -2.17 8.35
C ILE A 135 -15.09 -0.82 8.35
N TYR A 136 -16.21 -0.81 9.06
CA TYR A 136 -17.06 0.37 9.26
C TYR A 136 -16.70 0.94 10.63
N SER A 137 -16.22 2.17 10.66
CA SER A 137 -15.67 2.76 11.90
C SER A 137 -16.30 4.09 12.30
N ASP A 138 -16.71 4.20 13.58
CA ASP A 138 -17.21 5.45 14.11
C ASP A 138 -16.15 6.54 13.98
N SER A 139 -16.55 7.71 13.46
CA SER A 139 -15.64 8.82 13.25
C SER A 139 -14.89 9.24 14.51
N LEU A 140 -15.44 9.03 15.72
CA LEU A 140 -14.72 9.39 16.95
C LEU A 140 -14.06 8.19 17.61
N ASN A 141 -13.81 7.11 16.87
CA ASN A 141 -13.15 5.95 17.45
C ASN A 141 -11.76 6.32 17.94
N HIS A 142 -11.34 5.68 19.04
CA HIS A 142 -9.98 5.88 19.64
C HIS A 142 -8.93 5.61 18.57
N ALA A 143 -7.79 6.27 18.72
CA ALA A 143 -6.59 6.14 17.83
C ALA A 143 -6.14 4.73 17.61
N SER A 144 -6.17 3.93 18.67
CA SER A 144 -5.73 2.49 18.60
C SER A 144 -6.55 1.69 17.60
N MET A 145 -7.85 1.95 17.58
CA MET A 145 -8.77 1.31 16.62
C MET A 145 -8.50 1.84 15.20
N ILE A 146 -8.41 3.16 15.06
CA ILE A 146 -8.13 3.80 13.75
C ILE A 146 -6.84 3.26 13.14
N GLU A 147 -5.81 3.24 13.97
CA GLU A 147 -4.49 2.73 13.60
C GLU A 147 -4.52 1.26 13.18
N GLY A 148 -5.27 0.45 13.90
CA GLY A 148 -5.42 -0.95 13.50
C GLY A 148 -6.18 -1.11 12.20
N ILE A 149 -7.22 -0.30 12.04
CA ILE A 149 -8.05 -0.29 10.84
C ILE A 149 -7.24 0.12 9.58
N LYS A 150 -6.40 1.15 9.70
CA LYS A 150 -5.65 1.66 8.54
C LYS A 150 -4.36 0.88 8.28
N ARG A 151 -3.89 0.17 9.31
CA ARG A 151 -2.60 -0.56 9.33
C ARG A 151 -2.37 -1.43 8.09
N ASN A 152 -3.18 -2.47 7.97
CA ASN A 152 -3.13 -3.33 6.82
C ASN A 152 -4.03 -2.66 5.81
N ALA A 153 -3.58 -2.68 4.56
CA ALA A 153 -4.36 -2.11 3.47
C ALA A 153 -5.71 -2.86 3.36
N GLY A 154 -6.76 -2.09 3.11
CA GLY A 154 -8.09 -2.68 2.93
C GLY A 154 -9.18 -1.67 3.04
N PRO A 155 -10.38 -2.04 2.59
CA PRO A 155 -11.46 -1.07 2.64
C PRO A 155 -11.91 -0.64 4.06
N LYS A 156 -12.15 0.66 4.21
N LYS A 156 -12.08 0.67 4.23
CA LYS A 156 -12.63 1.25 5.43
CA LYS A 156 -12.58 1.28 5.45
C LYS A 156 -13.71 2.26 5.03
C LYS A 156 -13.68 2.29 5.06
N ARG A 157 -14.71 2.39 5.88
CA ARG A 157 -15.79 3.36 5.70
C ARG A 157 -15.93 4.02 7.10
N ILE A 158 -15.88 5.36 7.15
CA ILE A 158 -16.04 6.10 8.38
C ILE A 158 -17.47 6.63 8.41
N PHE A 159 -18.19 6.28 9.47
CA PHE A 159 -19.54 6.81 9.66
C PHE A 159 -19.55 7.93 10.69
N ARG A 160 -20.42 8.90 10.47
CA ARG A 160 -20.56 10.03 11.32
C ARG A 160 -20.83 9.51 12.71
N HIS A 161 -20.24 10.20 13.72
CA HIS A 161 -20.33 9.77 15.09
C HIS A 161 -21.74 9.43 15.55
N ASN A 162 -21.90 8.20 16.03
CA ASN A 162 -23.22 7.67 16.50
C ASN A 162 -24.34 7.68 15.44
N ASP A 163 -24.02 7.99 14.18
CA ASP A 163 -25.01 8.15 13.09
C ASP A 163 -25.28 6.80 12.41
N VAL A 164 -26.21 6.04 12.95
CA VAL A 164 -26.56 4.69 12.41
C VAL A 164 -27.32 4.75 11.08
N ALA A 165 -28.01 5.85 10.79
CA ALA A 165 -28.59 6.05 9.48
C ALA A 165 -27.46 6.12 8.44
N HIS A 166 -26.40 6.86 8.77
CA HIS A 166 -25.20 6.97 7.89
C HIS A 166 -24.51 5.62 7.71
N LEU A 167 -24.30 4.93 8.82
CA LEU A 167 -23.73 3.56 8.81
C LEU A 167 -24.53 2.62 7.87
N ARG A 168 -25.85 2.73 7.95
CA ARG A 168 -26.71 1.93 7.10
C ARG A 168 -26.57 2.27 5.61
N GLU A 169 -26.53 3.56 5.33
CA GLU A 169 -26.28 4.11 4.00
C GLU A 169 -24.97 3.51 3.41
N LEU A 170 -23.89 3.53 4.21
CA LEU A 170 -22.56 3.00 3.79
C LEU A 170 -22.56 1.51 3.59
N ILE A 171 -23.10 0.79 4.57
CA ILE A 171 -23.09 -0.69 4.52
C ILE A 171 -23.96 -1.22 3.38
N ALA A 172 -25.09 -0.56 3.15
CA ALA A 172 -26.01 -0.95 2.07
C ALA A 172 -25.42 -0.75 0.66
N ALA A 173 -24.54 0.23 0.49
CA ALA A 173 -23.88 0.53 -0.78
C ALA A 173 -22.82 -0.48 -1.17
N ASP A 174 -22.30 -1.21 -0.19
CA ASP A 174 -21.21 -2.15 -0.43
C ASP A 174 -21.64 -3.50 -0.95
N ASP A 175 -20.63 -4.21 -1.49
CA ASP A 175 -20.77 -5.59 -2.00
C ASP A 175 -21.33 -6.49 -0.87
N PRO A 176 -22.55 -7.07 -1.03
CA PRO A 176 -23.12 -7.88 0.05
C PRO A 176 -22.35 -9.17 0.36
N ALA A 177 -21.53 -9.61 -0.57
CA ALA A 177 -20.70 -10.82 -0.40
C ALA A 177 -19.45 -10.57 0.44
N ALA A 178 -19.00 -9.31 0.49
CA ALA A 178 -17.78 -8.98 1.22
C ALA A 178 -17.95 -9.20 2.72
N PRO A 179 -16.89 -9.70 3.38
CA PRO A 179 -16.96 -9.77 4.82
C PRO A 179 -16.96 -8.34 5.41
N LYS A 180 -17.64 -8.19 6.55
CA LYS A 180 -17.84 -6.88 7.17
C LYS A 180 -17.70 -6.89 8.69
N LEU A 181 -17.16 -5.82 9.22
CA LEU A 181 -17.02 -5.64 10.68
C LEU A 181 -17.33 -4.19 11.02
N ILE A 182 -18.11 -4.00 12.07
CA ILE A 182 -18.47 -2.67 12.54
C ILE A 182 -17.79 -2.45 13.87
N ALA A 183 -16.91 -1.45 13.90
CA ALA A 183 -16.11 -1.09 15.10
C ALA A 183 -16.59 0.21 15.73
N PHE A 184 -16.85 0.17 17.04
CA PHE A 184 -17.38 1.30 17.79
C PHE A 184 -17.07 1.19 19.29
N GLU A 185 -17.41 2.23 20.04
CA GLU A 185 -17.19 2.25 21.51
C GLU A 185 -18.50 2.26 22.27
N SER A 186 -18.51 1.69 23.46
CA SER A 186 -19.70 1.73 24.32
C SER A 186 -19.82 3.10 25.02
N VAL A 187 -18.69 3.61 25.51
CA VAL A 187 -18.57 4.93 26.13
C VAL A 187 -17.42 5.66 25.45
N TYR A 188 -17.68 6.84 24.85
CA TYR A 188 -16.63 7.60 24.18
C TYR A 188 -15.86 8.47 25.19
N SER A 189 -14.54 8.31 25.16
CA SER A 189 -13.62 8.83 26.20
C SER A 189 -13.70 10.24 26.51
N MET A 190 -13.96 11.08 25.52
CA MET A 190 -13.82 12.53 25.70
C MET A 190 -15.12 13.30 25.87
N ASP A 191 -16.12 12.96 25.09
CA ASP A 191 -17.47 13.56 25.26
C ASP A 191 -18.23 12.89 26.42
N GLY A 192 -17.92 11.65 26.71
CA GLY A 192 -18.64 10.87 27.73
C GLY A 192 -20.07 10.43 27.29
N ASP A 193 -20.28 10.31 25.97
CA ASP A 193 -21.49 9.81 25.42
C ASP A 193 -21.44 8.32 25.13
N PHE A 194 -22.64 7.74 24.97
CA PHE A 194 -22.82 6.32 24.76
C PHE A 194 -23.01 5.97 23.30
N GLY A 195 -22.42 4.85 22.88
CA GLY A 195 -22.61 4.34 21.55
C GLY A 195 -23.98 3.63 21.48
N PRO A 196 -24.66 3.65 20.30
CA PRO A 196 -25.96 3.02 20.20
C PRO A 196 -25.83 1.51 19.90
N ILE A 197 -25.50 0.77 20.93
CA ILE A 197 -25.12 -0.66 20.80
C ILE A 197 -26.25 -1.44 20.13
N LYS A 198 -27.47 -1.29 20.63
CA LYS A 198 -28.62 -2.09 20.07
C LYS A 198 -28.82 -1.82 18.59
N GLU A 199 -28.79 -0.55 18.18
CA GLU A 199 -29.07 -0.19 16.78
C GLU A 199 -27.95 -0.68 15.87
N ILE A 200 -26.72 -0.63 16.37
CA ILE A 200 -25.59 -1.10 15.57
C ILE A 200 -25.69 -2.63 15.40
N CYS A 201 -26.02 -3.34 16.48
CA CYS A 201 -26.18 -4.80 16.42
C CYS A 201 -27.30 -5.22 15.45
N ASP A 202 -28.39 -4.44 15.45
CA ASP A 202 -29.53 -4.64 14.48
C ASP A 202 -29.02 -4.48 13.02
N ILE A 203 -28.25 -3.45 12.76
CA ILE A 203 -27.66 -3.27 11.40
C ILE A 203 -26.72 -4.45 11.06
N ALA A 204 -25.87 -4.79 12.01
CA ALA A 204 -24.91 -5.90 11.82
C ALA A 204 -25.62 -7.21 11.50
N GLU A 205 -26.70 -7.53 12.21
N GLU A 205 -26.71 -7.51 12.22
CA GLU A 205 -27.44 -8.76 11.91
CA GLU A 205 -27.48 -8.73 11.97
C GLU A 205 -28.11 -8.69 10.53
C GLU A 205 -28.13 -8.70 10.57
N GLU A 206 -28.67 -7.54 10.20
CA GLU A 206 -29.32 -7.35 8.91
C GLU A 206 -28.37 -7.50 7.72
N PHE A 207 -27.19 -6.89 7.82
CA PHE A 207 -26.19 -6.92 6.76
C PHE A 207 -25.10 -8.01 6.88
N GLY A 208 -25.20 -8.85 7.90
CA GLY A 208 -24.28 -9.98 8.07
C GLY A 208 -22.83 -9.58 8.39
N ALA A 209 -22.70 -8.63 9.31
CA ALA A 209 -21.40 -8.08 9.72
C ALA A 209 -21.06 -8.49 11.13
N LEU A 210 -19.77 -8.55 11.40
CA LEU A 210 -19.28 -8.74 12.76
C LEU A 210 -19.36 -7.41 13.56
N THR A 211 -19.58 -7.53 14.87
CA THR A 211 -19.57 -6.36 15.77
C THR A 211 -18.34 -6.44 16.67
N TYR A 212 -17.63 -5.32 16.73
CA TYR A 212 -16.40 -5.15 17.52
C TYR A 212 -16.64 -3.91 18.39
N ILE A 213 -16.69 -4.11 19.72
CA ILE A 213 -16.95 -3.00 20.64
C ILE A 213 -15.74 -2.79 21.60
N ASP A 214 -15.34 -1.53 21.67
CA ASP A 214 -14.30 -1.07 22.61
C ASP A 214 -15.08 -0.58 23.85
N GLU A 215 -15.02 -1.34 24.94
CA GLU A 215 -15.63 -1.01 26.23
C GLU A 215 -14.60 -0.57 27.28
N VAL A 216 -13.48 -0.02 26.81
CA VAL A 216 -12.37 0.45 27.66
C VAL A 216 -12.81 1.46 28.77
N HIS A 217 -13.77 2.35 28.42
CA HIS A 217 -14.32 3.33 29.37
C HIS A 217 -15.60 2.92 30.05
N ALA A 218 -15.87 1.63 29.99
CA ALA A 218 -17.04 1.07 30.67
C ALA A 218 -16.73 -0.13 31.54
N VAL A 219 -15.72 -0.92 31.18
CA VAL A 219 -15.43 -2.15 31.96
C VAL A 219 -15.07 -1.77 33.39
N GLY A 220 -15.67 -2.52 34.32
CA GLY A 220 -15.58 -2.28 35.74
C GLY A 220 -16.65 -1.36 36.31
N MET A 221 -17.30 -0.57 35.44
CA MET A 221 -18.15 0.55 35.84
C MET A 221 -19.62 0.48 35.49
N TYR A 222 -19.97 -0.35 34.54
CA TYR A 222 -21.35 -0.49 34.08
C TYR A 222 -21.68 -1.95 34.03
N GLY A 223 -22.97 -2.21 34.15
CA GLY A 223 -23.49 -3.56 34.23
C GLY A 223 -23.41 -4.07 35.67
N PRO A 224 -24.27 -5.06 36.00
CA PRO A 224 -24.30 -5.59 37.37
C PRO A 224 -23.01 -6.27 37.86
N ARG A 225 -22.15 -6.71 36.96
CA ARG A 225 -20.82 -7.27 37.34
C ARG A 225 -19.64 -6.51 36.75
N GLY A 226 -19.91 -5.31 36.29
CA GLY A 226 -18.89 -4.46 35.68
C GLY A 226 -18.44 -4.93 34.32
N ALA A 227 -19.25 -5.74 33.62
CA ALA A 227 -18.84 -6.26 32.24
C ALA A 227 -19.03 -5.20 31.15
N GLY A 228 -19.66 -4.07 31.50
CA GLY A 228 -19.82 -2.95 30.56
C GLY A 228 -21.24 -2.57 30.24
N VAL A 229 -21.36 -1.69 29.25
CA VAL A 229 -22.67 -1.18 28.83
C VAL A 229 -23.48 -2.24 28.09
N ALA A 230 -22.82 -3.06 27.27
CA ALA A 230 -23.55 -4.19 26.63
C ALA A 230 -24.18 -5.06 27.75
N GLU A 231 -23.45 -5.28 28.87
CA GLU A 231 -23.99 -6.05 30.00
C GLU A 231 -25.15 -5.30 30.65
N ARG A 232 -24.98 -4.00 30.85
CA ARG A 232 -26.05 -3.16 31.43
C ARG A 232 -27.37 -3.28 30.61
N ASP A 233 -27.23 -3.23 29.29
CA ASP A 233 -28.35 -3.26 28.35
C ASP A 233 -28.75 -4.66 27.85
N GLY A 234 -28.05 -5.68 28.28
CA GLY A 234 -28.38 -7.08 27.97
C GLY A 234 -28.09 -7.52 26.56
N LEU A 235 -27.11 -6.89 25.91
CA LEU A 235 -26.71 -7.12 24.56
C LEU A 235 -25.37 -7.85 24.39
N MET A 236 -24.78 -8.31 25.48
N MET A 236 -24.74 -8.31 25.46
CA MET A 236 -23.44 -8.97 25.44
CA MET A 236 -23.40 -8.93 25.29
C MET A 236 -23.35 -10.08 24.37
C MET A 236 -23.36 -10.07 24.29
N HIS A 237 -24.36 -10.95 24.36
CA HIS A 237 -24.50 -12.08 23.40
C HIS A 237 -24.52 -11.68 21.91
N ARG A 238 -24.82 -10.40 21.64
CA ARG A 238 -24.87 -9.82 20.27
C ARG A 238 -23.55 -9.23 19.78
N ILE A 239 -22.57 -9.17 20.68
CA ILE A 239 -21.25 -8.65 20.37
C ILE A 239 -20.34 -9.83 20.03
N ASP A 240 -19.64 -9.73 18.90
CA ASP A 240 -18.73 -10.78 18.49
C ASP A 240 -17.40 -10.68 19.20
N ILE A 241 -16.87 -9.45 19.27
CA ILE A 241 -15.58 -9.22 19.91
C ILE A 241 -15.66 -8.03 20.86
N PHE A 242 -15.20 -8.27 22.07
CA PHE A 242 -15.05 -7.21 23.10
C PHE A 242 -13.58 -6.83 23.19
N ASN A 243 -13.35 -5.52 23.19
CA ASN A 243 -12.06 -4.98 23.54
C ASN A 243 -12.20 -4.22 24.85
N GLY A 244 -11.26 -4.45 25.75
CA GLY A 244 -11.23 -3.73 27.01
C GLY A 244 -9.80 -3.54 27.51
N THR A 245 -9.70 -2.84 28.64
CA THR A 245 -8.39 -2.56 29.27
C THR A 245 -8.43 -3.00 30.73
N LEU A 246 -7.23 -3.22 31.27
CA LEU A 246 -7.06 -3.55 32.68
C LEU A 246 -6.44 -2.39 33.43
N ALA A 247 -6.17 -1.32 32.69
CA ALA A 247 -5.39 -0.15 33.16
C ALA A 247 -6.20 1.06 33.66
N LYS A 248 -7.52 0.99 33.57
CA LYS A 248 -8.36 2.13 33.92
C LYS A 248 -9.18 1.80 35.16
N ALA A 249 -10.47 1.51 35.04
CA ALA A 249 -11.25 1.14 36.26
C ALA A 249 -10.67 -0.10 36.98
N TYR A 250 -10.06 -1.04 36.24
CA TYR A 250 -9.42 -2.20 36.86
C TYR A 250 -8.13 -1.83 37.61
N GLY A 251 -7.56 -0.68 37.28
CA GLY A 251 -6.52 -0.04 38.11
C GLY A 251 -5.13 -0.56 37.97
N VAL A 252 -4.88 -1.37 36.95
CA VAL A 252 -3.56 -2.02 36.83
C VAL A 252 -2.96 -1.66 35.49
N PHE A 253 -2.84 -2.64 34.61
CA PHE A 253 -2.18 -2.44 33.32
C PHE A 253 -2.50 -3.64 32.43
N GLY A 254 -2.51 -3.39 31.12
CA GLY A 254 -2.76 -4.42 30.12
C GLY A 254 -4.09 -4.24 29.42
N GLY A 255 -4.30 -5.07 28.42
CA GLY A 255 -5.53 -5.02 27.65
C GLY A 255 -5.91 -6.36 27.12
N TYR A 256 -7.07 -6.40 26.50
CA TYR A 256 -7.59 -7.67 26.00
C TYR A 256 -8.62 -7.61 24.91
N ILE A 257 -8.81 -8.76 24.27
CA ILE A 257 -10.05 -9.06 23.56
C ILE A 257 -10.73 -10.27 24.19
N ALA A 258 -12.04 -10.37 24.00
CA ALA A 258 -12.83 -11.50 24.44
C ALA A 258 -13.75 -11.85 23.29
N ALA A 259 -13.79 -13.14 22.97
CA ALA A 259 -14.51 -13.63 21.80
C ALA A 259 -14.60 -15.14 21.83
N SER A 260 -15.12 -15.73 20.77
CA SER A 260 -15.18 -17.18 20.63
C SER A 260 -13.77 -17.75 20.63
N ALA A 261 -13.67 -19.04 20.94
CA ALA A 261 -12.41 -19.74 20.96
C ALA A 261 -11.74 -19.72 19.60
N ARG A 262 -12.52 -19.85 18.54
CA ARG A 262 -12.00 -19.76 17.15
C ARG A 262 -11.37 -18.40 16.89
N MET A 263 -12.11 -17.34 17.22
CA MET A 263 -11.67 -15.98 16.99
C MET A 263 -10.35 -15.75 17.72
N VAL A 264 -10.31 -16.07 19.01
CA VAL A 264 -9.12 -15.87 19.85
C VAL A 264 -7.92 -16.72 19.36
N ASP A 265 -8.18 -17.98 19.08
CA ASP A 265 -7.10 -18.87 18.59
C ASP A 265 -6.51 -18.38 17.27
N ALA A 266 -7.36 -17.88 16.38
CA ALA A 266 -6.92 -17.35 15.10
C ALA A 266 -6.08 -16.08 15.25
N VAL A 267 -6.54 -15.15 16.08
CA VAL A 267 -5.84 -13.88 16.33
C VAL A 267 -4.48 -14.11 16.99
N ARG A 268 -4.47 -14.92 18.02
CA ARG A 268 -3.21 -15.19 18.70
C ARG A 268 -2.18 -15.92 17.83
N SER A 269 -2.67 -16.71 16.88
CA SER A 269 -1.81 -17.47 15.98
C SER A 269 -1.26 -16.64 14.80
N TYR A 270 -1.92 -15.51 14.48
CA TYR A 270 -1.56 -14.67 13.29
C TYR A 270 -1.13 -13.24 13.60
N ALA A 271 -1.48 -12.70 14.76
CA ALA A 271 -1.19 -11.26 15.08
C ALA A 271 0.25 -11.05 15.52
N PRO A 272 1.11 -10.33 14.73
CA PRO A 272 2.50 -10.12 15.19
C PRO A 272 2.64 -9.37 16.52
N GLY A 273 1.76 -8.42 16.75
CA GLY A 273 1.73 -7.69 17.98
C GLY A 273 1.46 -8.54 19.23
N PHE A 274 0.82 -9.70 19.04
CA PHE A 274 0.64 -10.62 20.15
C PHE A 274 1.86 -11.51 20.30
N ILE A 275 2.38 -11.99 19.17
CA ILE A 275 3.36 -13.05 19.14
C ILE A 275 4.76 -12.61 19.52
N PHE A 276 5.11 -11.44 18.98
CA PHE A 276 6.50 -10.97 19.06
C PHE A 276 6.82 -9.99 20.18
N SER A 277 6.04 -10.04 21.26
CA SER A 277 6.28 -9.20 22.39
C SER A 277 6.18 -9.99 23.69
N THR A 278 7.00 -9.56 24.66
CA THR A 278 7.03 -10.20 26.02
C THR A 278 5.65 -10.17 26.63
N SER A 279 5.28 -11.28 27.29
CA SER A 279 3.99 -11.34 27.92
C SER A 279 3.98 -10.44 29.16
N LEU A 280 2.79 -10.03 29.58
CA LEU A 280 2.62 -9.16 30.74
C LEU A 280 3.27 -9.80 31.97
N PRO A 281 3.90 -8.99 32.86
CA PRO A 281 4.43 -9.59 34.09
C PRO A 281 3.37 -10.33 34.87
N PRO A 282 3.69 -11.54 35.37
CA PRO A 282 2.68 -12.27 36.23
C PRO A 282 2.01 -11.48 37.32
N ALA A 283 2.77 -10.61 37.99
CA ALA A 283 2.24 -9.71 39.06
C ALA A 283 1.15 -8.74 38.56
N ILE A 284 1.33 -8.25 37.34
CA ILE A 284 0.32 -7.41 36.70
C ILE A 284 -0.95 -8.23 36.42
N ALA A 285 -0.74 -9.41 35.87
CA ALA A 285 -1.82 -10.30 35.57
C ALA A 285 -2.58 -10.69 36.84
N ALA A 286 -1.84 -10.96 37.93
CA ALA A 286 -2.44 -11.32 39.26
C ALA A 286 -3.32 -10.19 39.81
N GLY A 287 -2.75 -9.00 39.82
CA GLY A 287 -3.47 -7.80 40.27
C GLY A 287 -4.72 -7.54 39.47
N ALA A 288 -4.61 -7.62 38.16
CA ALA A 288 -5.76 -7.38 37.24
C ALA A 288 -6.87 -8.40 37.48
N GLN A 289 -6.49 -9.66 37.63
CA GLN A 289 -7.49 -10.68 37.86
C GLN A 289 -8.28 -10.47 39.15
N ALA A 290 -7.55 -10.16 40.21
CA ALA A 290 -8.09 -9.87 41.54
C ALA A 290 -9.03 -8.66 41.47
N SER A 291 -8.64 -7.67 40.69
CA SER A 291 -9.48 -6.47 40.49
C SER A 291 -10.81 -6.79 39.74
N ILE A 292 -10.70 -7.59 38.70
CA ILE A 292 -11.86 -8.00 37.90
C ILE A 292 -12.82 -8.80 38.78
N ALA A 293 -12.28 -9.77 39.51
CA ALA A 293 -13.05 -10.64 40.39
C ALA A 293 -13.76 -9.85 41.48
N PHE A 294 -13.05 -8.91 42.09
CA PHE A 294 -13.69 -8.07 43.15
C PHE A 294 -14.84 -7.23 42.58
N LEU A 295 -14.59 -6.62 41.41
CA LEU A 295 -15.59 -5.76 40.80
C LEU A 295 -16.83 -6.51 40.27
N LYS A 296 -16.72 -7.81 40.06
CA LYS A 296 -17.89 -8.63 39.74
C LYS A 296 -18.83 -8.82 40.94
N THR A 297 -18.37 -8.52 42.14
CA THR A 297 -19.15 -8.78 43.35
C THR A 297 -20.03 -7.59 43.74
N ALA A 298 -20.90 -7.83 44.74
CA ALA A 298 -21.80 -6.81 45.34
C ALA A 298 -20.99 -5.66 45.98
N GLU A 299 -19.82 -5.98 46.52
CA GLU A 299 -18.88 -4.98 47.06
C GLU A 299 -18.35 -4.09 45.94
N GLY A 300 -18.08 -4.71 44.79
CA GLY A 300 -17.73 -3.95 43.59
C GLY A 300 -18.85 -3.01 43.13
N GLN A 301 -20.10 -3.49 43.22
CA GLN A 301 -21.25 -2.69 42.83
C GLN A 301 -21.36 -1.42 43.66
N LYS A 302 -20.97 -1.52 44.94
CA LYS A 302 -20.98 -0.37 45.83
C LYS A 302 -20.05 0.76 45.31
N LEU A 303 -18.91 0.39 44.72
CA LEU A 303 -17.98 1.44 44.12
C LEU A 303 -18.59 2.08 42.89
N ARG A 304 -19.26 1.29 42.05
CA ARG A 304 -19.96 1.81 40.86
C ARG A 304 -21.05 2.81 41.26
N ASP A 305 -21.83 2.42 42.25
CA ASP A 305 -22.92 3.27 42.79
C ASP A 305 -22.39 4.60 43.32
N ALA A 306 -21.27 4.53 44.04
CA ALA A 306 -20.60 5.74 44.56
C ALA A 306 -20.06 6.63 43.44
N GLN A 307 -19.43 6.02 42.45
CA GLN A 307 -18.90 6.77 41.29
C GLN A 307 -20.03 7.55 40.64
N GLN A 308 -21.13 6.85 40.35
CA GLN A 308 -22.28 7.48 39.65
C GLN A 308 -22.87 8.61 40.45
N MET A 309 -23.01 8.41 41.77
N MET A 309 -23.02 8.41 41.77
CA MET A 309 -23.52 9.43 42.70
CA MET A 309 -23.54 9.46 42.70
C MET A 309 -22.62 10.67 42.75
C MET A 309 -22.63 10.69 42.72
N HIS A 310 -21.31 10.45 42.82
CA HIS A 310 -20.33 11.57 42.78
C HIS A 310 -20.28 12.30 41.47
N ALA A 311 -20.35 11.56 40.36
CA ALA A 311 -20.43 12.14 39.03
C ALA A 311 -21.67 13.05 38.93
N LYS A 312 -22.83 12.54 39.38
CA LYS A 312 -24.12 13.29 39.35
C LYS A 312 -24.01 14.62 40.11
N VAL A 313 -23.45 14.50 41.28
CA VAL A 313 -23.31 15.67 42.16
C VAL A 313 -22.35 16.72 41.56
N LEU A 314 -21.21 16.26 41.07
CA LEU A 314 -20.24 17.19 40.42
C LEU A 314 -20.92 17.96 39.27
N LYS A 315 -21.64 17.22 38.44
CA LYS A 315 -22.35 17.79 37.31
C LYS A 315 -23.32 18.87 37.76
N MET A 316 -24.04 18.62 38.87
CA MET A 316 -25.09 19.56 39.41
C MET A 316 -24.42 20.83 39.85
N ARG A 317 -23.36 20.61 40.53
CA ARG A 317 -22.66 21.73 41.09
C ARG A 317 -22.03 22.66 40.03
N LEU A 318 -21.38 22.07 39.07
CA LEU A 318 -20.81 22.80 37.98
C LEU A 318 -21.89 23.50 37.08
N LYS A 319 -23.01 22.82 36.71
CA LYS A 319 -24.16 23.42 35.96
C LYS A 319 -24.69 24.63 36.74
N ALA A 320 -24.75 24.48 38.05
CA ALA A 320 -25.21 25.55 38.97
C ALA A 320 -24.37 26.83 38.87
N LEU A 321 -23.12 26.67 38.47
CA LEU A 321 -22.21 27.81 38.22
C LEU A 321 -22.42 28.41 36.85
N GLY A 322 -22.84 27.59 35.93
CA GLY A 322 -23.01 27.99 34.59
C GLY A 322 -21.72 27.69 33.89
N MET A 323 -21.13 26.55 34.22
CA MET A 323 -19.98 26.06 33.52
C MET A 323 -20.51 25.44 32.24
N PRO A 324 -19.71 25.44 31.15
CA PRO A 324 -20.13 24.77 29.91
C PRO A 324 -19.85 23.27 30.01
N ILE A 325 -20.74 22.55 30.70
N ILE A 325 -20.79 22.56 30.67
CA ILE A 325 -20.55 21.10 30.85
CA ILE A 325 -20.71 21.11 30.85
C ILE A 325 -21.42 20.34 29.87
C ILE A 325 -21.46 20.38 29.79
N ILE A 326 -20.80 19.37 29.23
CA ILE A 326 -21.45 18.51 28.28
C ILE A 326 -21.87 17.31 29.08
N ASP A 327 -23.17 17.08 29.23
CA ASP A 327 -23.68 15.96 30.07
C ASP A 327 -24.48 14.93 29.27
N HIS A 328 -23.79 13.85 28.90
CA HIS A 328 -24.41 12.71 28.19
C HIS A 328 -24.83 11.56 29.11
N GLY A 329 -24.73 11.78 30.42
CA GLY A 329 -25.19 10.77 31.42
C GLY A 329 -24.18 9.69 31.83
N SER A 330 -22.89 9.92 31.60
CA SER A 330 -21.87 8.96 32.04
C SER A 330 -21.12 9.49 33.27
N HIS A 331 -20.10 8.75 33.67
CA HIS A 331 -19.21 9.12 34.79
C HIS A 331 -18.20 10.23 34.46
N ILE A 332 -18.08 10.53 33.17
CA ILE A 332 -17.11 11.50 32.63
C ILE A 332 -17.75 12.88 32.64
N VAL A 333 -16.97 13.86 33.10
CA VAL A 333 -17.46 15.24 33.26
C VAL A 333 -16.58 16.24 32.49
N PRO A 334 -16.86 16.42 31.20
CA PRO A 334 -16.09 17.36 30.39
C PRO A 334 -16.58 18.80 30.52
N VAL A 335 -15.61 19.71 30.68
CA VAL A 335 -15.88 21.20 30.66
C VAL A 335 -15.09 21.70 29.48
N VAL A 336 -15.83 22.12 28.44
CA VAL A 336 -15.25 22.54 27.17
C VAL A 336 -14.89 24.00 27.17
N ILE A 337 -13.61 24.26 26.91
CA ILE A 337 -13.09 25.64 26.87
C ILE A 337 -13.06 26.12 25.41
N GLY A 338 -12.61 25.23 24.51
CA GLY A 338 -12.68 25.50 23.08
C GLY A 338 -11.49 26.20 22.50
N ASP A 339 -10.42 26.33 23.31
CA ASP A 339 -9.14 27.01 22.92
C ASP A 339 -8.00 26.31 23.65
N PRO A 340 -6.98 25.84 22.92
CA PRO A 340 -5.95 25.03 23.59
C PRO A 340 -5.11 25.82 24.61
N VAL A 341 -4.77 27.07 24.26
CA VAL A 341 -3.98 27.93 25.12
C VAL A 341 -4.73 28.36 26.41
N HIS A 342 -6.01 28.75 26.30
N HIS A 342 -6.01 28.71 26.29
CA HIS A 342 -6.78 29.13 27.48
CA HIS A 342 -6.77 29.10 27.46
C HIS A 342 -7.02 27.87 28.35
C HIS A 342 -7.14 27.88 28.33
N THR A 343 -7.26 26.70 27.73
CA THR A 343 -7.50 25.46 28.49
C THR A 343 -6.26 25.19 29.38
N LYS A 344 -5.06 25.33 28.79
CA LYS A 344 -3.82 25.18 29.57
C LYS A 344 -3.73 26.22 30.68
N ALA A 345 -4.10 27.45 30.37
CA ALA A 345 -4.05 28.54 31.37
C ALA A 345 -4.97 28.27 32.56
N VAL A 346 -6.17 27.84 32.28
CA VAL A 346 -7.14 27.47 33.36
C VAL A 346 -6.56 26.29 34.16
N SER A 347 -6.06 25.28 33.46
CA SER A 347 -5.49 24.11 34.11
C SER A 347 -4.28 24.49 34.99
N ASP A 348 -3.41 25.34 34.44
CA ASP A 348 -2.23 25.80 35.16
C ASP A 348 -2.57 26.55 36.47
N MET A 349 -3.59 27.40 36.42
N MET A 349 -3.57 27.44 36.41
CA MET A 349 -3.97 28.19 37.57
CA MET A 349 -3.95 28.19 37.59
C MET A 349 -4.66 27.27 38.60
C MET A 349 -4.63 27.26 38.61
N LEU A 350 -5.50 26.34 38.15
CA LEU A 350 -6.14 25.34 39.06
C LEU A 350 -5.05 24.51 39.83
N LEU A 351 -4.02 24.13 39.11
CA LEU A 351 -2.96 23.35 39.72
C LEU A 351 -2.13 24.16 40.72
N SER A 352 -1.59 25.27 40.25
CA SER A 352 -0.64 26.05 41.06
C SER A 352 -1.24 26.84 42.21
N ASP A 353 -2.41 27.43 41.98
CA ASP A 353 -3.05 28.20 43.01
C ASP A 353 -3.99 27.39 43.94
N TYR A 354 -4.61 26.33 43.44
CA TYR A 354 -5.66 25.56 44.20
C TYR A 354 -5.36 24.08 44.46
N GLY A 355 -4.29 23.56 43.90
CA GLY A 355 -3.94 22.13 44.11
C GLY A 355 -4.90 21.12 43.43
N VAL A 356 -5.59 21.58 42.41
CA VAL A 356 -6.50 20.83 41.62
C VAL A 356 -5.79 20.46 40.30
N TYR A 357 -5.65 19.16 40.05
CA TYR A 357 -4.98 18.69 38.84
C TYR A 357 -5.98 18.10 37.83
N VAL A 358 -6.20 18.88 36.77
CA VAL A 358 -7.02 18.52 35.63
C VAL A 358 -6.25 18.89 34.32
N GLN A 359 -5.66 17.90 33.68
CA GLN A 359 -4.83 18.14 32.51
C GLN A 359 -5.61 18.77 31.36
N PRO A 360 -5.00 19.78 30.69
CA PRO A 360 -5.68 20.35 29.54
C PRO A 360 -5.66 19.32 28.40
N ILE A 361 -6.82 19.08 27.83
CA ILE A 361 -6.99 18.14 26.73
C ILE A 361 -7.16 18.83 25.40
N ASN A 362 -6.25 18.51 24.47
CA ASN A 362 -6.19 19.16 23.16
C ASN A 362 -6.04 18.17 21.99
N PHE A 363 -5.97 18.70 20.77
CA PHE A 363 -5.71 17.90 19.56
C PHE A 363 -4.33 17.20 19.74
N PRO A 364 -4.20 15.92 19.32
CA PRO A 364 -5.14 15.03 18.61
C PRO A 364 -6.09 14.18 19.47
N THR A 365 -6.17 14.45 20.76
CA THR A 365 -7.07 13.66 21.63
C THR A 365 -8.55 14.05 21.44
N VAL A 366 -8.76 15.34 21.18
CA VAL A 366 -10.10 15.88 20.85
C VAL A 366 -9.97 16.77 19.62
N PRO A 367 -11.10 16.95 18.88
CA PRO A 367 -10.98 17.81 17.70
C PRO A 367 -10.60 19.24 18.04
N ARG A 368 -9.88 19.89 17.10
CA ARG A 368 -9.48 21.30 17.25
C ARG A 368 -10.74 22.14 17.56
N GLY A 369 -10.61 23.10 18.45
CA GLY A 369 -11.73 23.98 18.85
C GLY A 369 -12.68 23.38 19.90
N THR A 370 -12.41 22.14 20.33
CA THR A 370 -13.19 21.48 21.37
C THR A 370 -12.29 21.13 22.56
N GLU A 371 -11.25 21.92 22.78
CA GLU A 371 -10.25 21.65 23.86
C GLU A 371 -10.95 21.82 25.19
N ARG A 372 -10.54 21.00 26.14
CA ARG A 372 -11.34 20.85 27.36
C ARG A 372 -10.60 20.34 28.54
N LEU A 373 -11.26 20.51 29.66
CA LEU A 373 -10.88 19.91 30.93
C LEU A 373 -11.81 18.68 31.12
N ARG A 374 -11.25 17.57 31.53
CA ARG A 374 -12.04 16.37 31.70
C ARG A 374 -11.92 15.80 33.11
N PHE A 375 -13.00 16.05 33.88
CA PHE A 375 -13.11 15.59 35.24
C PHE A 375 -13.62 14.16 35.30
N THR A 376 -12.98 13.39 36.17
CA THR A 376 -13.26 11.97 36.34
C THR A 376 -13.55 11.68 37.80
N PRO A 377 -14.70 12.16 38.30
CA PRO A 377 -15.02 11.91 39.71
C PRO A 377 -15.12 10.41 40.01
N SER A 378 -14.58 10.01 41.16
CA SER A 378 -14.48 8.62 41.51
C SER A 378 -15.10 8.41 42.89
N PRO A 379 -15.21 7.15 43.35
CA PRO A 379 -15.72 6.94 44.72
C PRO A 379 -14.85 7.57 45.82
N VAL A 380 -13.58 7.82 45.55
CA VAL A 380 -12.69 8.45 46.55
C VAL A 380 -12.78 9.98 46.55
N HIS A 381 -13.46 10.58 45.57
CA HIS A 381 -13.72 12.02 45.53
C HIS A 381 -15.04 12.28 46.32
N ASP A 382 -14.90 12.40 47.62
CA ASP A 382 -16.07 12.64 48.51
C ASP A 382 -16.76 14.01 48.21
N LEU A 383 -17.90 14.24 48.87
N LEU A 383 -17.93 14.23 48.83
CA LEU A 383 -18.72 15.45 48.67
CA LEU A 383 -18.69 15.55 48.71
C LEU A 383 -17.98 16.76 49.11
C LEU A 383 -17.76 16.71 48.95
N LYS A 384 -17.03 16.58 50.02
CA LYS A 384 -16.15 17.66 50.50
C LYS A 384 -15.08 18.06 49.50
N GLN A 385 -14.62 17.07 48.73
CA GLN A 385 -13.63 17.33 47.66
C GLN A 385 -14.30 17.99 46.52
N ILE A 386 -15.52 17.53 46.24
CA ILE A 386 -16.32 18.09 45.18
C ILE A 386 -16.54 19.58 45.52
N ASP A 387 -16.88 19.85 46.76
CA ASP A 387 -17.14 21.23 47.24
C ASP A 387 -15.93 22.10 47.02
N GLY A 388 -14.80 21.56 47.42
CA GLY A 388 -13.51 22.22 47.27
C GLY A 388 -13.14 22.53 45.80
N LEU A 389 -13.38 21.57 44.92
CA LEU A 389 -13.20 21.80 43.48
C LEU A 389 -14.12 22.92 42.92
N VAL A 390 -15.35 22.88 43.31
CA VAL A 390 -16.36 23.78 42.79
C VAL A 390 -15.97 25.20 43.15
N HIS A 391 -15.71 25.34 44.40
CA HIS A 391 -15.31 26.60 44.95
C HIS A 391 -14.09 27.22 44.24
N ALA A 392 -13.09 26.38 43.99
CA ALA A 392 -11.91 26.78 43.21
C ALA A 392 -12.26 27.23 41.79
N MET A 393 -13.17 26.51 41.14
CA MET A 393 -13.63 26.82 39.77
C MET A 393 -14.42 28.15 39.74
N ASP A 394 -15.23 28.37 40.76
CA ASP A 394 -16.03 29.62 40.93
C ASP A 394 -15.09 30.82 41.10
N LEU A 395 -14.15 30.66 42.06
CA LEU A 395 -13.11 31.69 42.35
C LEU A 395 -12.28 32.02 41.14
N LEU A 396 -11.98 30.99 40.37
CA LEU A 396 -11.16 31.13 39.17
C LEU A 396 -11.87 31.94 38.09
N TRP A 397 -13.19 31.78 37.95
CA TRP A 397 -13.94 32.69 37.04
C TRP A 397 -14.27 34.01 37.75
N MET B 1 -20.63 -13.09 5.15
CA MET B 1 -20.14 -14.44 4.68
C MET B 1 -20.09 -15.48 5.85
N ASP B 2 -19.36 -16.62 5.69
CA ASP B 2 -19.24 -17.62 6.78
C ASP B 2 -17.93 -17.30 7.54
N TYR B 3 -18.05 -16.52 8.62
CA TYR B 3 -16.86 -16.11 9.40
C TYR B 3 -16.21 -17.26 10.10
N ASN B 4 -17.01 -18.16 10.68
CA ASN B 4 -16.45 -19.31 11.40
C ASN B 4 -15.67 -20.27 10.51
N LEU B 5 -16.15 -20.49 9.29
CA LEU B 5 -15.42 -21.26 8.30
C LEU B 5 -14.02 -20.63 7.99
N ALA B 6 -14.02 -19.34 7.71
CA ALA B 6 -12.79 -18.57 7.50
C ALA B 6 -11.82 -18.72 8.69
N LEU B 7 -12.32 -18.63 9.92
CA LEU B 7 -11.48 -18.90 11.08
C LEU B 7 -10.99 -20.33 11.06
N ASP B 8 -11.86 -21.28 10.73
CA ASP B 8 -11.48 -22.72 10.66
C ASP B 8 -10.32 -22.98 9.66
N LYS B 9 -10.45 -22.39 8.47
CA LYS B 9 -9.43 -22.47 7.45
C LYS B 9 -8.10 -21.90 7.95
N ALA B 10 -8.14 -20.79 8.68
CA ALA B 10 -6.92 -20.13 9.16
C ALA B 10 -6.19 -21.02 10.17
N ILE B 11 -6.97 -21.63 11.07
CA ILE B 11 -6.41 -22.50 12.12
C ILE B 11 -5.91 -23.83 11.50
N GLN B 12 -6.79 -24.48 10.67
CA GLN B 12 -6.49 -25.76 10.05
C GLN B 12 -5.22 -25.74 9.20
N LYS B 13 -5.02 -24.60 8.53
CA LYS B 13 -3.83 -24.32 7.74
C LYS B 13 -2.56 -24.44 8.57
N LEU B 14 -2.59 -23.95 9.82
CA LEU B 14 -1.43 -24.04 10.75
C LEU B 14 -1.21 -25.49 11.14
N HIS B 15 -2.29 -26.19 11.48
CA HIS B 15 -2.22 -27.62 11.79
C HIS B 15 -1.64 -28.41 10.62
N ASP B 16 -2.12 -28.13 9.40
CA ASP B 16 -1.62 -28.81 8.16
C ASP B 16 -0.13 -28.59 7.93
N GLU B 17 0.33 -27.39 8.26
CA GLU B 17 1.74 -27.01 8.06
C GLU B 17 2.65 -27.35 9.26
N GLY B 18 2.08 -28.04 10.27
CA GLY B 18 2.77 -28.38 11.50
C GLY B 18 3.20 -27.19 12.37
N ARG B 19 2.64 -25.99 12.13
CA ARG B 19 3.11 -24.78 12.83
C ARG B 19 2.15 -24.20 13.87
N TYR B 20 1.09 -24.95 14.18
CA TYR B 20 0.23 -24.61 15.28
C TYR B 20 1.10 -24.75 16.54
N ARG B 21 1.13 -23.67 17.35
CA ARG B 21 1.98 -23.61 18.55
C ARG B 21 1.14 -23.88 19.82
N THR B 22 1.61 -24.80 20.64
CA THR B 22 0.96 -25.19 21.88
C THR B 22 1.74 -24.47 22.97
N PHE B 23 1.06 -23.63 23.76
CA PHE B 23 1.75 -22.87 24.83
C PHE B 23 2.00 -23.81 25.95
N ILE B 24 3.21 -23.79 26.52
N ILE B 24 3.17 -23.68 26.57
CA ILE B 24 3.40 -24.50 27.77
CA ILE B 24 3.54 -24.44 27.74
C ILE B 24 3.15 -23.50 28.91
C ILE B 24 3.28 -23.52 28.97
N ASP B 25 2.43 -23.98 29.90
CA ASP B 25 2.05 -23.17 31.06
C ASP B 25 3.06 -23.38 32.18
N ILE B 26 3.89 -22.38 32.46
CA ILE B 26 4.87 -22.47 33.56
C ILE B 26 4.70 -21.37 34.60
N GLU B 27 5.28 -21.61 35.78
CA GLU B 27 5.44 -20.61 36.82
C GLU B 27 6.89 -20.71 37.30
N ARG B 28 7.74 -19.76 36.93
CA ARG B 28 9.13 -19.77 37.44
C ARG B 28 9.17 -19.67 38.95
N GLU B 29 10.13 -20.33 39.58
CA GLU B 29 10.22 -20.29 41.03
C GLU B 29 11.22 -19.20 41.52
N LYS B 30 10.70 -18.11 42.05
CA LYS B 30 11.51 -17.00 42.49
C LYS B 30 12.45 -17.44 43.58
N GLY B 31 13.72 -17.06 43.43
CA GLY B 31 14.78 -17.46 44.33
C GLY B 31 15.43 -18.76 43.87
N ALA B 32 14.85 -19.43 42.89
CA ALA B 32 15.38 -20.73 42.42
C ALA B 32 15.42 -20.83 40.90
N PHE B 33 15.58 -19.69 40.23
CA PHE B 33 15.77 -19.69 38.75
C PHE B 33 17.01 -20.58 38.51
N PRO B 34 17.01 -21.40 37.45
CA PRO B 34 16.07 -21.58 36.37
C PRO B 34 14.87 -22.53 36.56
N LYS B 35 14.58 -22.90 37.82
CA LYS B 35 13.53 -23.84 38.12
C LYS B 35 12.15 -23.25 37.85
N ALA B 36 11.25 -24.10 37.41
CA ALA B 36 9.87 -23.71 37.26
C ALA B 36 9.03 -24.93 37.38
N GLN B 37 7.75 -24.70 37.62
CA GLN B 37 6.78 -25.77 37.70
C GLN B 37 6.01 -25.78 36.39
N TRP B 38 5.99 -26.93 35.71
CA TRP B 38 5.21 -27.08 34.50
C TRP B 38 3.80 -27.63 34.80
N ASN B 39 2.82 -26.84 34.41
CA ASN B 39 1.41 -27.18 34.50
C ASN B 39 1.05 -27.88 33.19
N ARG B 40 1.24 -29.21 33.19
CA ARG B 40 1.09 -30.01 32.04
C ARG B 40 -0.34 -30.07 31.52
N PRO B 41 -0.49 -30.23 30.18
CA PRO B 41 -1.85 -30.24 29.55
C PRO B 41 -2.71 -31.43 29.96
N ASP B 42 -2.08 -32.52 30.40
CA ASP B 42 -2.82 -33.66 30.92
C ASP B 42 -3.22 -33.49 32.39
N GLY B 43 -3.02 -32.29 32.98
CA GLY B 43 -3.37 -32.06 34.38
C GLY B 43 -2.24 -32.29 35.38
N GLY B 44 -1.21 -33.02 34.97
CA GLY B 44 -0.08 -33.26 35.89
C GLY B 44 0.76 -32.03 36.20
N LYS B 45 1.63 -32.17 37.22
CA LYS B 45 2.57 -31.12 37.57
C LYS B 45 3.97 -31.68 37.67
N GLN B 46 4.95 -30.90 37.20
CA GLN B 46 6.36 -31.35 37.18
C GLN B 46 7.29 -30.17 37.23
N ASP B 47 8.38 -30.29 37.97
CA ASP B 47 9.44 -29.26 37.96
C ASP B 47 10.24 -29.40 36.69
N ILE B 48 10.71 -28.28 36.16
CA ILE B 48 11.52 -28.25 34.95
C ILE B 48 12.55 -27.17 35.16
N THR B 49 13.45 -27.12 34.22
CA THR B 49 14.44 -26.06 34.12
C THR B 49 14.19 -25.30 32.83
N VAL B 50 14.18 -23.97 32.94
CA VAL B 50 13.98 -23.13 31.76
C VAL B 50 15.36 -22.86 31.14
N TRP B 51 15.46 -23.15 29.85
CA TRP B 51 16.68 -23.05 29.10
C TRP B 51 16.56 -22.21 27.83
N CYS B 52 15.38 -21.63 27.58
CA CYS B 52 15.17 -20.84 26.40
C CYS B 52 14.59 -19.45 26.71
N GLY B 53 14.69 -19.01 27.95
CA GLY B 53 14.14 -17.70 28.35
C GLY B 53 14.99 -16.49 27.97
N ASN B 54 14.38 -15.31 27.95
N ASN B 54 14.36 -15.31 27.98
CA ASN B 54 15.10 -14.08 27.65
CA ASN B 54 15.00 -14.03 27.65
C ASN B 54 15.41 -13.23 28.89
C ASN B 54 15.48 -13.28 28.90
N ASP B 55 15.10 -13.75 30.09
CA ASP B 55 15.57 -13.14 31.38
C ASP B 55 17.03 -13.66 31.60
N TYR B 56 17.87 -13.18 30.73
CA TYR B 56 19.20 -13.67 30.53
C TYR B 56 20.12 -13.66 31.72
N LEU B 57 19.89 -12.77 32.69
CA LEU B 57 20.86 -12.60 33.78
C LEU B 57 20.27 -12.92 35.10
N GLY B 58 19.09 -13.51 35.06
CA GLY B 58 18.30 -13.74 36.24
C GLY B 58 17.85 -12.55 37.06
N MET B 59 17.72 -11.37 36.44
CA MET B 59 17.25 -10.15 37.16
C MET B 59 15.80 -10.20 37.60
N GLY B 60 15.00 -11.04 36.96
CA GLY B 60 13.60 -11.23 37.37
C GLY B 60 13.41 -11.64 38.81
N GLN B 61 14.43 -12.22 39.40
CA GLN B 61 14.44 -12.62 40.85
C GLN B 61 15.44 -11.82 41.67
N HIS B 62 16.10 -10.81 41.09
CA HIS B 62 17.07 -10.06 41.86
C HIS B 62 16.40 -9.27 43.03
N PRO B 63 16.92 -9.43 44.26
CA PRO B 63 16.40 -8.70 45.41
C PRO B 63 16.36 -7.13 45.30
N VAL B 64 17.26 -6.52 44.60
CA VAL B 64 17.20 -5.04 44.43
C VAL B 64 16.04 -4.67 43.51
N VAL B 65 15.83 -5.45 42.46
CA VAL B 65 14.70 -5.21 41.51
C VAL B 65 13.38 -5.40 42.24
N LEU B 66 13.29 -6.49 42.97
CA LEU B 66 12.06 -6.79 43.67
C LEU B 66 11.79 -5.83 44.83
N ALA B 67 12.85 -5.38 45.49
CA ALA B 67 12.68 -4.44 46.59
C ALA B 67 12.03 -3.16 46.08
N ALA B 68 12.50 -2.70 44.92
CA ALA B 68 12.05 -1.46 44.30
C ALA B 68 10.58 -1.51 43.82
N MET B 69 10.20 -2.68 43.37
CA MET B 69 8.83 -2.96 42.94
C MET B 69 7.85 -3.04 44.13
N HIS B 70 8.21 -3.76 45.19
CA HIS B 70 7.36 -3.81 46.40
C HIS B 70 7.14 -2.41 47.03
N GLU B 71 8.22 -1.63 47.10
CA GLU B 71 8.19 -0.24 47.66
C GLU B 71 7.27 0.67 46.86
N ALA B 72 7.39 0.57 45.55
CA ALA B 72 6.65 1.40 44.62
C ALA B 72 5.19 1.07 44.69
N LEU B 73 4.87 -0.21 44.82
CA LEU B 73 3.48 -0.63 44.98
C LEU B 73 2.88 0.00 46.23
N GLU B 74 3.62 -0.04 47.31
CA GLU B 74 3.19 0.57 48.55
C GLU B 74 3.17 2.08 48.57
N ALA B 75 4.06 2.73 47.82
CA ALA B 75 4.07 4.18 47.73
C ALA B 75 2.92 4.72 46.87
N VAL B 76 2.81 4.20 45.67
CA VAL B 76 1.90 4.76 44.66
C VAL B 76 0.85 3.83 44.11
N GLY B 77 0.87 2.53 44.49
CA GLY B 77 -0.17 1.61 44.01
C GLY B 77 0.16 0.84 42.74
N ALA B 78 -0.90 0.23 42.19
CA ALA B 78 -0.80 -0.77 41.12
C ALA B 78 -0.42 -0.27 39.75
N GLY B 79 -1.05 0.78 39.31
CA GLY B 79 -0.69 1.40 38.03
C GLY B 79 -0.56 2.90 38.12
N SER B 80 -0.35 3.49 36.94
CA SER B 80 -0.22 4.93 36.82
C SER B 80 -1.56 5.67 36.83
N GLY B 81 -2.60 5.00 36.34
CA GLY B 81 -3.88 5.62 36.22
C GLY B 81 -4.07 6.56 35.01
N GLY B 82 -3.12 6.62 34.10
CA GLY B 82 -3.36 7.42 32.93
C GLY B 82 -2.27 7.34 31.92
N THR B 83 -2.48 8.06 30.82
CA THR B 83 -1.51 8.24 29.76
C THR B 83 -0.44 9.22 30.29
N ARG B 84 0.71 9.32 29.61
CA ARG B 84 1.74 10.28 30.03
C ARG B 84 1.20 11.70 30.09
N ASN B 85 0.31 12.06 29.16
CA ASN B 85 -0.40 13.37 29.20
C ASN B 85 -1.43 13.47 30.35
N ILE B 86 -2.27 12.45 30.53
CA ILE B 86 -3.38 12.49 31.47
C ILE B 86 -3.13 11.72 32.78
N SER B 87 -2.33 12.34 33.66
CA SER B 87 -2.01 11.91 35.06
C SER B 87 -1.03 10.77 35.19
N GLY B 88 -0.57 10.21 34.08
CA GLY B 88 0.34 9.07 34.12
C GLY B 88 1.83 9.34 34.10
N THR B 89 2.23 10.61 34.09
CA THR B 89 3.67 10.94 34.18
C THR B 89 4.04 11.01 35.68
N THR B 90 4.94 10.12 36.08
CA THR B 90 5.42 10.04 37.46
C THR B 90 6.94 10.19 37.50
N ALA B 91 7.44 10.52 38.69
CA ALA B 91 8.87 10.60 38.97
C ALA B 91 9.58 9.26 38.60
N TYR B 92 8.84 8.16 38.68
CA TYR B 92 9.35 6.82 38.34
C TYR B 92 9.64 6.74 36.81
N HIS B 93 8.78 7.32 36.00
CA HIS B 93 8.99 7.30 34.53
C HIS B 93 10.18 8.23 34.21
N ARG B 94 10.22 9.38 34.87
CA ARG B 94 11.23 10.35 34.67
C ARG B 94 12.61 9.85 35.04
N ARG B 95 12.75 9.27 36.22
CA ARG B 95 14.01 8.71 36.66
C ARG B 95 14.42 7.56 35.78
N LEU B 96 13.47 6.72 35.36
CA LEU B 96 13.76 5.64 34.39
C LEU B 96 14.35 6.17 33.06
N GLU B 97 13.67 7.15 32.44
CA GLU B 97 14.12 7.79 31.21
C GLU B 97 15.49 8.45 31.46
N ALA B 98 15.72 9.04 32.65
CA ALA B 98 17.10 9.58 32.92
C ALA B 98 18.19 8.51 32.98
N GLU B 99 17.88 7.37 33.58
N GLU B 99 17.87 7.38 33.61
CA GLU B 99 18.82 6.26 33.73
CA GLU B 99 18.79 6.23 33.76
C GLU B 99 19.16 5.65 32.37
C GLU B 99 19.15 5.64 32.40
N ILE B 100 18.14 5.51 31.53
CA ILE B 100 18.31 4.95 30.15
C ILE B 100 19.11 5.92 29.31
N ALA B 101 18.76 7.20 29.38
CA ALA B 101 19.52 8.26 28.63
C ALA B 101 21.01 8.15 28.96
N GLY B 102 21.27 8.02 30.27
CA GLY B 102 22.62 7.93 30.78
C GLY B 102 23.34 6.68 30.33
N LEU B 103 22.60 5.57 30.23
CA LEU B 103 23.17 4.28 29.79
C LEU B 103 23.74 4.46 28.39
N HIS B 104 22.93 5.07 27.51
CA HIS B 104 23.34 5.29 26.12
C HIS B 104 24.01 6.53 25.81
N GLN B 105 24.25 7.32 26.85
CA GLN B 105 24.94 8.59 26.72
C GLN B 105 24.27 9.54 25.70
N LYS B 106 22.95 9.57 25.78
CA LYS B 106 22.11 10.44 24.98
C LYS B 106 21.46 11.52 25.88
N GLU B 107 20.97 12.59 25.26
CA GLU B 107 20.32 13.68 25.95
C GLU B 107 19.01 13.21 26.59
N ALA B 108 18.32 12.27 25.97
CA ALA B 108 17.02 11.84 26.44
C ALA B 108 16.69 10.39 26.12
N ALA B 109 15.57 9.95 26.71
CA ALA B 109 15.01 8.65 26.42
C ALA B 109 13.50 8.72 26.60
N LEU B 110 12.79 7.80 25.93
CA LEU B 110 11.35 7.77 25.93
C LEU B 110 10.90 6.34 26.20
N VAL B 111 10.13 6.09 27.25
CA VAL B 111 9.70 4.70 27.53
C VAL B 111 8.36 4.43 26.92
N PHE B 112 8.17 3.20 26.44
CA PHE B 112 6.93 2.73 25.89
C PHE B 112 6.49 1.51 26.69
N SER B 113 5.29 1.04 26.40
CA SER B 113 4.77 -0.19 27.06
C SER B 113 5.66 -1.43 26.81
N SER B 114 6.38 -1.42 25.67
CA SER B 114 7.27 -2.49 25.24
C SER B 114 8.20 -2.01 24.19
N ALA B 115 9.29 -2.75 23.96
CA ALA B 115 10.20 -2.44 22.84
C ALA B 115 9.50 -2.67 21.50
N TYR B 116 8.60 -3.65 21.42
CA TYR B 116 7.78 -3.87 20.21
C TYR B 116 7.10 -2.52 19.86
N ASN B 117 6.44 -1.94 20.84
CA ASN B 117 5.75 -0.64 20.65
C ASN B 117 6.73 0.49 20.38
N ALA B 118 7.87 0.50 21.08
CA ALA B 118 8.91 1.53 20.77
C ALA B 118 9.36 1.49 19.31
N ASN B 119 9.67 0.30 18.79
CA ASN B 119 10.08 0.19 17.40
C ASN B 119 8.96 0.55 16.43
N ASP B 120 7.81 -0.05 16.66
CA ASP B 120 6.66 0.15 15.78
C ASP B 120 6.27 1.66 15.73
N ALA B 121 6.11 2.27 16.92
CA ALA B 121 5.73 3.64 17.02
C ALA B 121 6.80 4.60 16.43
N THR B 122 8.06 4.39 16.77
CA THR B 122 9.11 5.29 16.37
C THR B 122 9.46 5.31 14.90
N LEU B 123 9.56 4.14 14.30
CA LEU B 123 9.94 4.07 12.91
C LEU B 123 8.83 4.59 12.03
N SER B 124 7.58 4.34 12.41
CA SER B 124 6.41 4.83 11.65
C SER B 124 6.27 6.35 11.75
N THR B 125 6.45 6.88 12.96
CA THR B 125 6.40 8.33 13.20
C THR B 125 7.51 9.12 12.53
N LEU B 126 8.68 8.52 12.38
CA LEU B 126 9.79 9.17 11.71
C LEU B 126 9.48 9.49 10.28
N ARG B 127 8.64 8.69 9.62
CA ARG B 127 8.24 9.02 8.26
C ARG B 127 7.43 10.30 8.24
N VAL B 128 6.68 10.56 9.31
CA VAL B 128 5.88 11.79 9.43
C VAL B 128 6.81 13.01 9.66
N LEU B 129 7.79 12.83 10.55
CA LEU B 129 8.71 13.88 10.93
C LEU B 129 9.67 14.18 9.83
N PHE B 130 9.95 13.23 8.95
CA PHE B 130 10.98 13.44 7.88
C PHE B 130 10.33 13.06 6.57
N PRO B 131 9.49 13.96 6.01
CA PRO B 131 8.77 13.70 4.76
C PRO B 131 9.67 13.16 3.66
N GLY B 132 9.27 12.04 3.06
CA GLY B 132 10.07 11.39 2.02
C GLY B 132 11.14 10.46 2.56
N LEU B 133 11.10 10.16 3.83
CA LEU B 133 12.11 9.29 4.42
C LEU B 133 12.19 7.92 3.72
N ILE B 134 13.40 7.52 3.34
CA ILE B 134 13.66 6.15 2.90
C ILE B 134 14.31 5.42 4.05
N ILE B 135 13.76 4.26 4.43
CA ILE B 135 14.34 3.40 5.49
C ILE B 135 15.01 2.16 4.88
N TYR B 136 16.28 1.93 5.19
CA TYR B 136 17.06 0.77 4.74
C TYR B 136 17.01 -0.19 5.91
N SER B 137 16.46 -1.39 5.68
CA SER B 137 16.17 -2.36 6.74
C SER B 137 16.91 -3.66 6.51
N ASP B 138 17.55 -4.20 7.54
CA ASP B 138 18.16 -5.51 7.45
C ASP B 138 17.04 -6.57 7.27
N SER B 139 17.32 -7.56 6.41
CA SER B 139 16.33 -8.57 6.04
C SER B 139 15.85 -9.40 7.22
N LEU B 140 16.73 -9.56 8.21
CA LEU B 140 16.40 -10.29 9.47
C LEU B 140 15.95 -9.39 10.64
N ASN B 141 15.54 -8.15 10.36
CA ASN B 141 15.05 -7.30 11.42
C ASN B 141 13.81 -7.85 12.08
N HIS B 142 13.67 -7.61 13.38
N HIS B 142 13.67 -7.61 13.37
CA HIS B 142 12.56 -8.10 14.17
CA HIS B 142 12.57 -8.14 14.17
C HIS B 142 11.21 -7.60 13.61
C HIS B 142 11.21 -7.61 13.63
N ALA B 143 10.16 -8.42 13.80
CA ALA B 143 8.77 -8.08 13.39
C ALA B 143 8.33 -6.65 13.66
N SER B 144 8.68 -6.16 14.83
CA SER B 144 8.31 -4.80 15.35
C SER B 144 8.87 -3.67 14.54
N MET B 145 10.11 -3.87 14.11
CA MET B 145 10.80 -2.95 13.21
C MET B 145 10.18 -3.01 11.84
N ILE B 146 9.94 -4.22 11.31
CA ILE B 146 9.26 -4.42 10.01
C ILE B 146 7.85 -3.74 9.99
N GLU B 147 7.07 -4.00 11.01
CA GLU B 147 5.78 -3.41 11.14
C GLU B 147 5.83 -1.89 11.23
N GLY B 148 6.79 -1.33 11.96
CA GLY B 148 6.94 0.15 12.04
C GLY B 148 7.31 0.77 10.69
N ILE B 149 8.16 0.06 9.96
CA ILE B 149 8.67 0.52 8.68
C ILE B 149 7.56 0.49 7.60
N LYS B 150 6.74 -0.55 7.62
CA LYS B 150 5.62 -0.69 6.68
C LYS B 150 4.36 0.07 7.13
N ARG B 151 4.22 0.37 8.45
CA ARG B 151 2.98 0.97 8.99
C ARG B 151 2.49 2.10 8.16
N ASN B 152 3.28 3.18 8.14
CA ASN B 152 2.97 4.34 7.34
C ASN B 152 3.60 4.10 5.99
N ALA B 153 2.98 4.63 4.95
CA ALA B 153 3.48 4.45 3.62
C ALA B 153 4.77 5.32 3.36
N GLY B 154 5.64 4.80 2.50
CA GLY B 154 6.84 5.48 2.13
C GLY B 154 7.89 4.48 1.69
N PRO B 155 8.94 4.97 1.02
CA PRO B 155 9.98 4.08 0.51
C PRO B 155 10.69 3.26 1.57
N LYS B 156 11.00 2.02 1.23
CA LYS B 156 11.77 1.13 2.08
C LYS B 156 12.68 0.32 1.17
N ARG B 157 13.81 -0.13 1.70
CA ARG B 157 14.77 -0.97 0.96
C ARG B 157 15.26 -2.05 1.92
N ILE B 158 15.01 -3.31 1.59
CA ILE B 158 15.49 -4.40 2.42
C ILE B 158 16.84 -4.82 1.85
N PHE B 159 17.87 -4.71 2.71
CA PHE B 159 19.20 -5.17 2.35
C PHE B 159 19.41 -6.59 2.97
N ARG B 160 20.19 -7.42 2.28
N ARG B 160 20.27 -7.37 2.31
CA ARG B 160 20.37 -8.81 2.66
CA ARG B 160 20.51 -8.76 2.66
C ARG B 160 21.16 -8.82 3.98
C ARG B 160 21.15 -8.77 4.03
N HIS B 161 20.80 -9.76 4.84
CA HIS B 161 21.30 -9.80 6.20
C HIS B 161 22.80 -9.57 6.35
N ASN B 162 23.18 -8.57 7.15
CA ASN B 162 24.57 -8.21 7.33
C ASN B 162 25.35 -7.82 6.06
N ASP B 163 24.68 -7.73 4.90
CA ASP B 163 25.34 -7.46 3.61
C ASP B 163 25.53 -5.95 3.37
N VAL B 164 26.63 -5.40 3.87
N VAL B 164 26.67 -5.44 3.87
CA VAL B 164 26.88 -3.95 3.74
CA VAL B 164 27.08 -4.04 3.75
C VAL B 164 27.07 -3.48 2.27
C VAL B 164 27.11 -3.51 2.30
N ALA B 165 27.48 -4.40 1.38
CA ALA B 165 27.62 -4.09 -0.03
C ALA B 165 26.25 -3.87 -0.66
N HIS B 166 25.28 -4.70 -0.26
CA HIS B 166 23.93 -4.57 -0.75
C HIS B 166 23.37 -3.24 -0.28
N LEU B 167 23.60 -2.91 1.00
CA LEU B 167 23.17 -1.61 1.58
C LEU B 167 23.75 -0.39 0.80
N ARG B 168 25.08 -0.36 0.64
N ARG B 168 25.07 -0.35 0.59
CA ARG B 168 25.79 0.66 -0.20
CA ARG B 168 25.71 0.76 -0.15
C ARG B 168 25.09 0.89 -1.52
C ARG B 168 25.16 0.92 -1.57
N GLU B 169 24.99 -0.20 -2.27
CA GLU B 169 24.42 -0.24 -3.62
C GLU B 169 22.98 0.36 -3.61
N LEU B 170 22.16 -0.02 -2.64
CA LEU B 170 20.78 0.48 -2.54
C LEU B 170 20.72 2.00 -2.29
N ILE B 171 21.53 2.47 -1.35
CA ILE B 171 21.55 3.86 -0.90
C ILE B 171 22.13 4.84 -1.90
N ALA B 172 23.21 4.44 -2.56
CA ALA B 172 23.88 5.21 -3.64
C ALA B 172 22.99 5.42 -4.88
N ALA B 173 22.04 4.50 -5.04
CA ALA B 173 21.05 4.52 -6.10
C ALA B 173 19.89 5.48 -5.86
N ASP B 174 19.69 5.95 -4.63
CA ASP B 174 18.48 6.72 -4.28
C ASP B 174 18.73 8.20 -4.39
N ASP B 175 17.62 8.93 -4.41
CA ASP B 175 17.62 10.40 -4.48
C ASP B 175 18.57 10.93 -3.41
N PRO B 176 19.60 11.69 -3.82
CA PRO B 176 20.55 12.20 -2.84
C PRO B 176 19.97 13.19 -1.84
N ALA B 177 18.90 13.88 -2.24
CA ALA B 177 18.18 14.82 -1.36
C ALA B 177 17.23 14.20 -0.35
N ALA B 178 16.94 12.91 -0.48
CA ALA B 178 15.91 12.31 0.34
C ALA B 178 16.41 12.05 1.75
N PRO B 179 15.56 12.27 2.78
CA PRO B 179 15.96 11.87 4.13
C PRO B 179 16.13 10.36 4.15
N LYS B 180 17.14 9.88 4.88
CA LYS B 180 17.50 8.46 4.91
C LYS B 180 17.73 7.93 6.34
N LEU B 181 17.26 6.72 6.61
CA LEU B 181 17.50 6.06 7.89
C LEU B 181 17.85 4.59 7.65
N ILE B 182 18.84 4.09 8.38
CA ILE B 182 19.27 2.69 8.28
C ILE B 182 18.94 2.05 9.60
N ALA B 183 18.11 1.00 9.54
CA ALA B 183 17.59 0.31 10.73
C ALA B 183 18.18 -1.09 10.81
N PHE B 184 18.70 -1.45 11.98
CA PHE B 184 19.32 -2.75 12.15
C PHE B 184 19.40 -3.15 13.61
N GLU B 185 19.94 -4.33 13.90
CA GLU B 185 20.14 -4.82 15.24
C GLU B 185 21.62 -5.03 15.55
N SER B 186 21.98 -4.95 16.83
CA SER B 186 23.36 -5.25 17.29
C SER B 186 23.58 -6.74 17.39
N VAL B 187 22.60 -7.44 17.96
N VAL B 187 22.64 -7.46 18.00
CA VAL B 187 22.62 -8.90 18.09
CA VAL B 187 22.67 -8.91 17.97
C VAL B 187 21.27 -9.44 17.60
C VAL B 187 21.30 -9.46 17.61
N TYR B 188 21.33 -10.39 16.64
CA TYR B 188 20.14 -10.99 16.07
C TYR B 188 19.83 -12.30 16.81
N SER B 189 18.62 -12.41 17.34
CA SER B 189 18.32 -13.47 18.30
C SER B 189 18.43 -14.94 17.85
N MET B 190 17.89 -15.27 16.67
N MET B 190 17.88 -15.29 16.68
CA MET B 190 17.86 -16.67 16.21
CA MET B 190 17.87 -16.71 16.26
C MET B 190 19.23 -17.29 15.98
C MET B 190 19.23 -17.32 15.97
N ASP B 191 20.07 -16.62 15.20
CA ASP B 191 21.47 -17.09 14.93
C ASP B 191 22.48 -16.64 16.01
N GLY B 192 22.18 -15.54 16.70
CA GLY B 192 23.10 -14.96 17.69
C GLY B 192 24.27 -14.24 17.05
N ASP B 193 24.06 -13.73 15.83
CA ASP B 193 25.11 -13.03 15.12
C ASP B 193 25.08 -11.55 15.48
N PHE B 194 26.19 -10.87 15.20
CA PHE B 194 26.35 -9.45 15.47
C PHE B 194 26.15 -8.66 14.17
N GLY B 195 25.53 -7.50 14.29
CA GLY B 195 25.40 -6.59 13.13
C GLY B 195 26.76 -5.88 12.97
N PRO B 196 27.14 -5.53 11.73
CA PRO B 196 28.44 -4.86 11.54
C PRO B 196 28.24 -3.37 11.75
N ILE B 197 28.11 -2.97 13.02
CA ILE B 197 27.78 -1.59 13.41
C ILE B 197 28.71 -0.51 12.79
N LYS B 198 30.02 -0.65 12.98
CA LYS B 198 31.00 0.35 12.46
C LYS B 198 30.83 0.63 10.95
N GLU B 199 30.75 -0.45 10.17
CA GLU B 199 30.62 -0.35 8.72
C GLU B 199 29.26 0.20 8.24
N ILE B 200 28.19 0.05 9.04
CA ILE B 200 26.90 0.65 8.71
C ILE B 200 26.91 2.15 9.05
N CYS B 201 27.53 2.52 10.16
CA CYS B 201 27.75 3.92 10.48
C CYS B 201 28.61 4.64 9.49
N ASP B 202 29.54 3.91 8.84
CA ASP B 202 30.43 4.52 7.85
C ASP B 202 29.62 4.93 6.63
N ILE B 203 28.78 4.02 6.18
CA ILE B 203 27.85 4.26 5.08
C ILE B 203 26.87 5.38 5.42
N ALA B 204 26.25 5.32 6.60
CA ALA B 204 25.36 6.39 7.06
C ALA B 204 26.03 7.73 6.95
N GLU B 205 27.27 7.80 7.44
CA GLU B 205 28.04 9.03 7.45
C GLU B 205 28.35 9.51 6.03
N GLU B 206 28.66 8.57 5.17
CA GLU B 206 29.03 8.87 3.80
C GLU B 206 27.84 9.44 3.05
N PHE B 207 26.65 8.84 3.27
CA PHE B 207 25.42 9.24 2.60
C PHE B 207 24.43 10.15 3.40
N GLY B 208 24.80 10.62 4.59
CA GLY B 208 23.93 11.51 5.37
C GLY B 208 22.63 10.84 5.83
N ALA B 209 22.72 9.60 6.27
CA ALA B 209 21.53 8.88 6.78
C ALA B 209 21.58 8.82 8.32
N LEU B 210 20.41 8.66 8.92
CA LEU B 210 20.32 8.42 10.34
C LEU B 210 20.54 6.91 10.54
N THR B 211 21.07 6.55 11.71
CA THR B 211 21.24 5.18 12.17
C THR B 211 20.30 4.86 13.34
N TYR B 212 19.62 3.74 13.19
CA TYR B 212 18.66 3.30 14.16
C TYR B 212 19.06 1.87 14.52
N ILE B 213 19.37 1.61 15.78
CA ILE B 213 19.86 0.27 16.17
C ILE B 213 19.01 -0.30 17.29
N ASP B 214 18.59 -1.55 17.12
CA ASP B 214 17.84 -2.31 18.13
C ASP B 214 18.87 -3.14 18.90
N GLU B 215 19.08 -2.81 20.18
CA GLU B 215 20.04 -3.49 21.08
C GLU B 215 19.33 -4.37 22.12
N VAL B 216 18.08 -4.76 21.82
CA VAL B 216 17.29 -5.66 22.66
C VAL B 216 18.04 -6.92 23.18
N HIS B 217 18.82 -7.56 22.32
CA HIS B 217 19.60 -8.75 22.70
C HIS B 217 21.01 -8.45 23.08
N ALA B 218 21.28 -7.18 23.40
CA ALA B 218 22.59 -6.75 23.93
C ALA B 218 22.54 -5.91 25.19
N VAL B 219 21.48 -5.12 25.38
CA VAL B 219 21.41 -4.31 26.58
C VAL B 219 21.35 -5.19 27.80
N GLY B 220 22.19 -4.79 28.75
CA GLY B 220 22.38 -5.46 30.02
C GLY B 220 23.56 -6.41 29.97
N MET B 221 23.90 -6.89 28.77
CA MET B 221 24.81 -7.99 28.58
C MET B 221 26.14 -7.66 27.95
N TYR B 222 26.26 -6.49 27.33
CA TYR B 222 27.48 -6.12 26.59
C TYR B 222 27.85 -4.69 26.93
N GLY B 223 29.13 -4.38 26.79
CA GLY B 223 29.67 -3.08 27.15
C GLY B 223 30.00 -3.07 28.64
N PRO B 224 30.99 -2.25 29.06
CA PRO B 224 31.36 -2.15 30.49
C PRO B 224 30.22 -1.83 31.47
N ARG B 225 29.21 -1.12 31.00
CA ARG B 225 28.02 -0.80 31.82
C ARG B 225 26.74 -1.50 31.34
N GLY B 226 26.88 -2.45 30.40
CA GLY B 226 25.70 -3.16 29.88
C GLY B 226 24.89 -2.32 28.93
N ALA B 227 25.52 -1.27 28.39
CA ALA B 227 24.83 -0.36 27.42
C ALA B 227 24.68 -0.98 26.01
N GLY B 228 25.33 -2.12 25.76
CA GLY B 228 25.20 -2.84 24.49
C GLY B 228 26.51 -3.03 23.75
N VAL B 229 26.38 -3.59 22.55
CA VAL B 229 27.48 -3.88 21.65
C VAL B 229 28.13 -2.62 21.10
N ALA B 230 27.34 -1.57 20.83
CA ALA B 230 27.90 -0.28 20.41
C ALA B 230 28.77 0.32 21.54
N GLU B 231 28.39 0.10 22.82
CA GLU B 231 29.23 0.55 23.95
C GLU B 231 30.53 -0.21 23.96
N ARG B 232 30.46 -1.54 23.88
N ARG B 232 30.44 -1.55 23.87
CA ARG B 232 31.64 -2.41 23.86
CA ARG B 232 31.62 -2.47 23.79
C ARG B 232 32.66 -2.03 22.77
C ARG B 232 32.65 -1.97 22.79
N ASP B 233 32.16 -1.63 21.61
CA ASP B 233 33.00 -1.24 20.47
C ASP B 233 33.38 0.24 20.40
N GLY B 234 32.90 1.02 21.36
CA GLY B 234 33.08 2.48 21.34
C GLY B 234 32.41 3.21 20.16
N LEU B 235 31.16 2.89 19.87
CA LEU B 235 30.47 3.50 18.71
C LEU B 235 29.14 4.15 19.07
N MET B 236 28.87 4.32 20.35
CA MET B 236 27.53 4.76 20.81
C MET B 236 27.22 6.21 20.28
N HIS B 237 28.25 7.04 20.25
CA HIS B 237 28.23 8.38 19.72
C HIS B 237 27.89 8.44 18.23
N ARG B 238 28.05 7.34 17.51
CA ARG B 238 27.69 7.30 16.08
C ARG B 238 26.31 6.73 15.79
N ILE B 239 25.56 6.38 16.82
CA ILE B 239 24.19 5.91 16.67
C ILE B 239 23.30 7.07 16.99
N ASP B 240 22.33 7.37 16.11
CA ASP B 240 21.31 8.43 16.36
C ASP B 240 20.22 8.01 17.31
N ILE B 241 19.63 6.85 17.07
CA ILE B 241 18.60 6.30 17.95
C ILE B 241 18.88 4.85 18.39
N PHE B 242 18.86 4.62 19.71
CA PHE B 242 18.86 3.27 20.28
C PHE B 242 17.43 2.83 20.58
N ASN B 243 17.11 1.60 20.22
CA ASN B 243 15.96 0.90 20.71
C ASN B 243 16.44 -0.19 21.69
N GLY B 244 15.73 -0.30 22.81
CA GLY B 244 16.02 -1.31 23.80
C GLY B 244 14.76 -1.77 24.49
N THR B 245 14.90 -2.83 25.27
CA THR B 245 13.84 -3.39 26.08
C THR B 245 14.24 -3.43 27.54
N LEU B 246 13.22 -3.42 28.41
CA LEU B 246 13.44 -3.59 29.85
C LEU B 246 13.00 -4.98 30.29
N ALA B 247 12.59 -5.79 29.31
CA ALA B 247 11.92 -7.06 29.54
C ALA B 247 12.77 -8.31 29.45
N LYS B 248 14.00 -8.17 29.00
CA LYS B 248 14.82 -9.35 28.74
C LYS B 248 15.93 -9.41 29.79
N ALA B 249 17.13 -8.92 29.47
CA ALA B 249 18.23 -8.95 30.41
C ALA B 249 17.96 -8.10 31.67
N TYR B 250 17.18 -7.00 31.53
CA TYR B 250 16.80 -6.20 32.66
C TYR B 250 15.74 -6.86 33.53
N GLY B 251 15.02 -7.85 33.02
CA GLY B 251 14.19 -8.77 33.86
C GLY B 251 12.81 -8.28 34.24
N VAL B 252 12.37 -7.21 33.60
CA VAL B 252 11.13 -6.59 33.97
C VAL B 252 10.19 -6.52 32.78
N PHE B 253 9.88 -5.32 32.31
CA PHE B 253 8.90 -5.13 31.24
C PHE B 253 9.02 -3.68 30.75
N GLY B 254 8.69 -3.48 29.50
CA GLY B 254 8.76 -2.17 28.88
C GLY B 254 9.84 -2.05 27.84
N GLY B 255 9.83 -0.91 27.19
CA GLY B 255 10.83 -0.64 26.15
C GLY B 255 11.09 0.83 26.06
N TYR B 256 12.07 1.18 25.22
CA TYR B 256 12.46 2.59 25.07
C TYR B 256 13.17 2.92 23.77
N ILE B 257 13.23 4.22 23.53
CA ILE B 257 14.20 4.78 22.63
C ILE B 257 15.07 5.75 23.38
N ALA B 258 16.28 5.94 22.91
CA ALA B 258 17.16 6.92 23.49
C ALA B 258 17.81 7.67 22.32
N ALA B 259 17.79 8.99 22.39
CA ALA B 259 18.22 9.87 21.29
C ALA B 259 18.40 11.26 21.82
N SER B 260 18.51 12.22 20.92
CA SER B 260 18.62 13.62 21.31
C SER B 260 17.27 14.07 21.89
N ALA B 261 17.30 15.13 22.69
CA ALA B 261 16.08 15.71 23.21
C ALA B 261 15.10 16.14 22.06
N ARG B 262 15.60 16.71 20.94
CA ARG B 262 14.67 17.04 19.76
C ARG B 262 14.01 15.77 19.18
N MET B 263 14.80 14.72 19.00
CA MET B 263 14.23 13.44 18.50
C MET B 263 13.12 12.87 19.39
N VAL B 264 13.40 12.79 20.69
CA VAL B 264 12.49 12.27 21.67
C VAL B 264 11.25 13.17 21.79
N ASP B 265 11.46 14.48 21.81
CA ASP B 265 10.35 15.38 21.96
C ASP B 265 9.38 15.27 20.77
N ALA B 266 9.94 15.14 19.59
CA ALA B 266 9.16 15.01 18.37
C ALA B 266 8.36 13.68 18.33
N VAL B 267 9.02 12.59 18.62
CA VAL B 267 8.39 11.29 18.62
C VAL B 267 7.28 11.25 19.64
N ARG B 268 7.54 11.73 20.86
CA ARG B 268 6.51 11.70 21.92
C ARG B 268 5.34 12.63 21.63
N SER B 269 5.61 13.68 20.88
CA SER B 269 4.59 14.58 20.42
C SER B 269 3.78 14.13 19.22
N TYR B 270 4.27 13.15 18.48
CA TYR B 270 3.61 12.72 17.27
C TYR B 270 3.17 11.29 17.20
N ALA B 271 3.72 10.40 18.02
CA ALA B 271 3.47 9.01 17.87
C ALA B 271 2.21 8.61 18.62
N PRO B 272 1.14 8.21 17.88
CA PRO B 272 -0.08 7.81 18.59
C PRO B 272 0.12 6.64 19.55
N GLY B 273 1.04 5.74 19.20
CA GLY B 273 1.43 4.63 20.07
C GLY B 273 2.03 5.06 21.40
N PHE B 274 2.66 6.24 21.42
CA PHE B 274 3.10 6.82 22.70
C PHE B 274 1.94 7.53 23.42
N ILE B 275 1.24 8.36 22.68
CA ILE B 275 0.26 9.25 23.23
C ILE B 275 -0.97 8.57 23.85
N PHE B 276 -1.51 7.55 23.16
CA PHE B 276 -2.85 7.02 23.48
C PHE B 276 -2.91 5.68 24.21
N SER B 277 -1.92 5.43 25.05
CA SER B 277 -1.88 4.27 25.86
C SER B 277 -1.36 4.63 27.27
N THR B 278 -1.89 3.91 28.23
CA THR B 278 -1.57 4.08 29.62
C THR B 278 -0.09 3.92 29.80
N SER B 279 0.49 4.84 30.60
CA SER B 279 1.92 4.73 30.92
C SER B 279 2.22 3.45 31.74
N LEU B 280 3.49 3.00 31.69
CA LEU B 280 3.95 1.86 32.50
C LEU B 280 3.61 1.98 34.00
N PRO B 281 3.22 0.85 34.66
CA PRO B 281 3.00 0.98 36.07
C PRO B 281 4.28 1.47 36.77
N PRO B 282 4.14 2.41 37.71
CA PRO B 282 5.33 2.88 38.39
C PRO B 282 6.18 1.78 39.02
N ALA B 283 5.57 0.70 39.48
CA ALA B 283 6.34 -0.41 40.05
C ALA B 283 7.27 -1.10 39.00
N ILE B 284 6.77 -1.21 37.77
CA ILE B 284 7.54 -1.75 36.65
C ILE B 284 8.70 -0.79 36.38
N ALA B 285 8.38 0.52 36.23
CA ALA B 285 9.41 1.56 36.07
C ALA B 285 10.43 1.57 37.20
N ALA B 286 10.00 1.46 38.48
CA ALA B 286 10.99 1.34 39.61
C ALA B 286 11.92 0.11 39.42
N GLY B 287 11.31 -1.04 39.17
CA GLY B 287 12.04 -2.28 38.96
C GLY B 287 13.07 -2.20 37.83
N ALA B 288 12.64 -1.65 36.69
CA ALA B 288 13.49 -1.51 35.53
C ALA B 288 14.66 -0.61 35.78
N GLN B 289 14.42 0.50 36.45
CA GLN B 289 15.47 1.44 36.77
C GLN B 289 16.48 0.83 37.74
N ALA B 290 15.99 0.09 38.72
CA ALA B 290 16.88 -0.54 39.69
C ALA B 290 17.79 -1.59 38.99
N SER B 291 17.20 -2.31 38.03
CA SER B 291 17.93 -3.32 37.28
C SER B 291 19.04 -2.71 36.45
N ILE B 292 18.72 -1.63 35.75
CA ILE B 292 19.68 -0.91 34.95
C ILE B 292 20.83 -0.37 35.73
N ALA B 293 20.54 0.32 36.82
CA ALA B 293 21.58 0.91 37.66
C ALA B 293 22.45 -0.16 38.26
N PHE B 294 21.83 -1.28 38.67
CA PHE B 294 22.60 -2.40 39.20
C PHE B 294 23.53 -2.95 38.13
N LEU B 295 23.03 -3.10 36.90
CA LEU B 295 23.86 -3.65 35.82
C LEU B 295 24.90 -2.71 35.29
N LYS B 296 24.88 -1.44 35.71
CA LYS B 296 26.00 -0.53 35.37
C LYS B 296 27.21 -0.72 36.31
N THR B 297 27.01 -1.36 37.46
CA THR B 297 28.09 -1.56 38.46
C THR B 297 28.94 -2.81 38.17
N ALA B 298 30.07 -2.87 38.90
CA ALA B 298 31.03 -3.99 38.85
C ALA B 298 30.35 -5.29 39.21
N GLU B 299 29.37 -5.24 40.11
CA GLU B 299 28.58 -6.43 40.49
C GLU B 299 27.75 -6.93 39.33
N GLY B 300 27.24 -6.02 38.50
CA GLY B 300 26.54 -6.40 37.24
C GLY B 300 27.49 -6.99 36.22
N GLN B 301 28.68 -6.39 36.13
CA GLN B 301 29.74 -6.95 35.29
C GLN B 301 29.97 -8.44 35.58
N LYS B 302 29.97 -8.82 36.86
CA LYS B 302 30.17 -10.22 37.27
C LYS B 302 29.07 -11.06 36.63
N LEU B 303 27.85 -10.56 36.55
CA LEU B 303 26.78 -11.33 35.90
C LEU B 303 27.06 -11.58 34.40
N ARG B 304 27.52 -10.53 33.70
CA ARG B 304 27.81 -10.61 32.25
C ARG B 304 28.94 -11.62 32.01
N ASP B 305 30.03 -11.44 32.75
CA ASP B 305 31.17 -12.39 32.76
C ASP B 305 30.70 -13.85 32.91
N ALA B 306 29.86 -14.12 33.93
CA ALA B 306 29.32 -15.46 34.16
C ALA B 306 28.50 -15.95 32.94
N GLN B 307 27.66 -15.09 32.39
CA GLN B 307 26.82 -15.50 31.25
C GLN B 307 27.75 -15.96 30.13
N GLN B 308 28.71 -15.11 29.82
CA GLN B 308 29.64 -15.35 28.74
C GLN B 308 30.36 -16.69 28.92
N MET B 309 30.83 -16.98 30.14
N MET B 309 30.82 -16.96 30.14
CA MET B 309 31.52 -18.23 30.40
CA MET B 309 31.53 -18.20 30.44
C MET B 309 30.58 -19.43 30.17
C MET B 309 30.62 -19.44 30.27
N HIS B 310 29.35 -19.34 30.66
CA HIS B 310 28.37 -20.47 30.54
C HIS B 310 28.03 -20.77 29.10
N ALA B 311 27.80 -19.70 28.34
CA ALA B 311 27.58 -19.81 26.91
C ALA B 311 28.77 -20.48 26.24
N LYS B 312 29.97 -20.00 26.59
CA LYS B 312 31.22 -20.52 26.06
C LYS B 312 31.37 -21.98 26.42
N VAL B 313 31.13 -22.30 27.70
CA VAL B 313 31.20 -23.69 28.15
C VAL B 313 30.18 -24.61 27.42
N LEU B 314 28.93 -24.19 27.29
CA LEU B 314 27.90 -25.05 26.65
C LEU B 314 28.27 -25.36 25.17
N LYS B 315 28.58 -24.30 24.41
CA LYS B 315 29.04 -24.44 23.01
C LYS B 315 30.23 -25.40 22.86
N MET B 316 31.27 -25.25 23.67
CA MET B 316 32.46 -26.17 23.58
C MET B 316 32.10 -27.60 23.88
N ARG B 317 31.35 -27.80 24.96
N ARG B 317 31.37 -27.81 24.97
CA ARG B 317 30.95 -29.13 25.41
CA ARG B 317 30.98 -29.16 25.39
C ARG B 317 30.07 -29.85 24.40
C ARG B 317 30.06 -29.86 24.39
N LEU B 318 29.22 -29.10 23.70
CA LEU B 318 28.34 -29.67 22.65
C LEU B 318 29.14 -29.95 21.36
N LYS B 319 30.09 -29.06 21.03
CA LYS B 319 30.98 -29.23 19.87
C LYS B 319 31.86 -30.47 20.12
N ALA B 320 32.50 -30.51 21.29
CA ALA B 320 33.25 -31.69 21.75
C ALA B 320 32.42 -32.99 21.60
N LEU B 321 31.09 -32.96 21.81
CA LEU B 321 30.22 -34.15 21.54
C LEU B 321 29.98 -34.47 20.02
N GLY B 322 30.33 -33.54 19.14
CA GLY B 322 30.12 -33.69 17.70
C GLY B 322 28.84 -33.04 17.18
N MET B 323 28.18 -32.27 18.03
CA MET B 323 26.92 -31.62 17.62
C MET B 323 27.15 -30.39 16.73
N PRO B 324 26.18 -30.08 15.83
CA PRO B 324 26.31 -28.92 14.94
C PRO B 324 25.82 -27.66 15.62
N ILE B 325 26.76 -26.71 15.83
CA ILE B 325 26.49 -25.44 16.53
C ILE B 325 26.68 -24.22 15.64
N ILE B 326 25.65 -23.36 15.54
CA ILE B 326 25.80 -22.10 14.83
C ILE B 326 26.42 -21.15 15.85
N ASP B 327 27.75 -21.00 15.78
CA ASP B 327 28.51 -20.21 16.76
C ASP B 327 29.00 -18.88 16.22
N HIS B 328 28.28 -17.76 16.46
CA HIS B 328 28.77 -16.42 16.01
C HIS B 328 29.46 -15.53 17.09
N GLY B 329 29.82 -16.11 18.25
CA GLY B 329 30.46 -15.37 19.36
C GLY B 329 29.53 -14.70 20.41
N SER B 330 28.25 -15.08 20.46
CA SER B 330 27.31 -14.47 21.43
C SER B 330 26.89 -15.40 22.59
N HIS B 331 26.00 -14.91 23.45
CA HIS B 331 25.43 -15.65 24.59
C HIS B 331 24.36 -16.64 24.12
N ILE B 332 23.96 -16.54 22.86
CA ILE B 332 22.94 -17.42 22.28
C ILE B 332 23.62 -18.71 21.76
N VAL B 333 22.96 -19.85 21.94
CA VAL B 333 23.53 -21.14 21.50
C VAL B 333 22.51 -21.90 20.66
N PRO B 334 22.54 -21.68 19.33
CA PRO B 334 21.63 -22.45 18.47
C PRO B 334 22.25 -23.81 18.03
N VAL B 335 21.53 -24.91 18.34
CA VAL B 335 21.93 -26.27 18.00
C VAL B 335 21.07 -26.65 16.79
N VAL B 336 21.71 -26.99 15.67
N VAL B 336 21.70 -26.97 15.66
CA VAL B 336 21.01 -27.30 14.40
CA VAL B 336 20.96 -27.24 14.41
C VAL B 336 20.60 -28.76 14.31
C VAL B 336 20.62 -28.74 14.22
N ILE B 337 19.33 -28.99 13.91
CA ILE B 337 18.74 -30.36 13.75
C ILE B 337 18.36 -30.64 12.27
N GLY B 338 18.01 -29.59 11.50
CA GLY B 338 17.75 -29.71 10.04
C GLY B 338 16.41 -30.26 9.54
N ASP B 339 15.54 -30.74 10.47
CA ASP B 339 14.15 -31.11 10.11
C ASP B 339 13.14 -30.82 11.27
N PRO B 340 11.94 -30.30 10.91
CA PRO B 340 10.99 -29.88 11.94
C PRO B 340 10.44 -31.02 12.86
N VAL B 341 10.31 -32.24 12.31
CA VAL B 341 9.83 -33.41 13.11
C VAL B 341 10.87 -33.79 14.15
N HIS B 342 12.14 -33.95 13.72
CA HIS B 342 13.24 -34.27 14.64
C HIS B 342 13.54 -33.11 15.62
N THR B 343 13.33 -31.85 15.22
CA THR B 343 13.54 -30.72 16.13
C THR B 343 12.56 -30.85 17.34
N LYS B 344 11.25 -30.95 17.01
CA LYS B 344 10.14 -31.12 18.03
C LYS B 344 10.30 -32.39 18.84
N ALA B 345 10.74 -33.45 18.21
CA ALA B 345 11.03 -34.68 18.90
C ALA B 345 12.14 -34.51 19.94
N VAL B 346 13.16 -33.69 19.65
CA VAL B 346 14.24 -33.49 20.63
C VAL B 346 13.75 -32.58 21.82
N SER B 347 12.95 -31.55 21.55
CA SER B 347 12.47 -30.64 22.60
C SER B 347 11.39 -31.31 23.48
N ASP B 348 10.48 -32.09 22.85
CA ASP B 348 9.50 -32.94 23.56
C ASP B 348 10.22 -33.93 24.44
N MET B 349 11.26 -34.55 23.90
CA MET B 349 12.14 -35.45 24.67
C MET B 349 12.78 -34.73 25.81
N LEU B 350 13.49 -33.65 25.53
CA LEU B 350 14.22 -32.94 26.58
C LEU B 350 13.30 -32.57 27.72
N LEU B 351 12.13 -32.06 27.36
CA LEU B 351 11.16 -31.62 28.35
C LEU B 351 10.62 -32.79 29.13
N SER B 352 10.06 -33.76 28.40
CA SER B 352 9.44 -34.96 29.03
C SER B 352 10.41 -35.78 29.82
N ASP B 353 11.59 -36.00 29.27
CA ASP B 353 12.56 -36.93 29.85
C ASP B 353 13.47 -36.34 30.95
N TYR B 354 13.95 -35.12 30.75
CA TYR B 354 14.92 -34.47 31.66
C TYR B 354 14.43 -33.16 32.28
N GLY B 355 13.25 -32.66 31.87
CA GLY B 355 12.71 -31.41 32.40
C GLY B 355 13.35 -30.18 31.80
N VAL B 356 14.12 -30.38 30.76
CA VAL B 356 14.79 -29.31 30.08
C VAL B 356 13.81 -28.65 29.09
N TYR B 357 13.52 -27.41 29.33
CA TYR B 357 12.62 -26.69 28.48
C TYR B 357 13.37 -25.81 27.50
N VAL B 358 13.44 -26.25 26.24
CA VAL B 358 14.01 -25.47 25.13
C VAL B 358 13.00 -25.55 23.96
N GLN B 359 12.44 -24.43 23.50
N GLN B 359 12.68 -24.40 23.37
CA GLN B 359 11.45 -24.50 22.40
CA GLN B 359 11.71 -24.33 22.28
C GLN B 359 12.17 -24.84 21.08
C GLN B 359 12.30 -24.85 20.98
N PRO B 360 11.49 -25.59 20.18
CA PRO B 360 12.03 -25.92 18.88
C PRO B 360 11.78 -24.72 17.99
N ILE B 361 12.67 -24.49 17.01
CA ILE B 361 12.48 -23.41 16.02
C ILE B 361 12.59 -23.99 14.62
N ASN B 362 11.43 -24.09 13.94
CA ASN B 362 11.33 -24.64 12.54
C ASN B 362 10.89 -23.52 11.56
N PHE B 363 10.70 -23.86 10.28
CA PHE B 363 10.09 -22.92 9.28
C PHE B 363 8.67 -22.48 9.77
N PRO B 364 8.28 -21.17 9.56
CA PRO B 364 8.88 -20.11 8.74
C PRO B 364 9.81 -19.20 9.52
N THR B 365 10.05 -19.51 10.79
CA THR B 365 10.84 -18.67 11.65
C THR B 365 12.33 -18.64 11.26
N VAL B 366 12.78 -19.70 10.58
CA VAL B 366 14.15 -19.84 10.05
C VAL B 366 13.96 -20.68 8.80
N PRO B 367 14.92 -20.64 7.84
CA PRO B 367 14.74 -21.49 6.66
C PRO B 367 14.59 -23.03 6.91
N ARG B 368 14.15 -23.72 5.87
CA ARG B 368 14.04 -25.17 5.87
C ARG B 368 15.46 -25.71 5.85
N GLY B 369 15.76 -26.67 6.71
CA GLY B 369 17.11 -27.22 6.83
C GLY B 369 17.98 -26.56 7.88
N THR B 370 17.49 -25.46 8.48
CA THR B 370 18.20 -24.71 9.54
C THR B 370 17.50 -24.90 10.85
N GLU B 371 16.57 -25.86 10.90
CA GLU B 371 15.70 -26.10 12.09
C GLU B 371 16.62 -26.39 13.28
N ARG B 372 16.26 -25.85 14.44
CA ARG B 372 17.18 -25.80 15.58
C ARG B 372 16.51 -25.55 16.96
N LEU B 373 17.30 -25.77 18.02
N LEU B 373 17.30 -25.77 18.02
CA LEU B 373 16.91 -25.45 19.40
CA LEU B 373 16.93 -25.46 19.40
C LEU B 373 17.79 -24.28 19.80
C LEU B 373 17.79 -24.26 19.78
N ARG B 374 17.16 -23.25 20.39
CA ARG B 374 17.84 -22.04 20.83
C ARG B 374 17.92 -22.01 22.34
N PHE B 375 19.18 -22.13 22.81
CA PHE B 375 19.51 -22.17 24.19
C PHE B 375 20.01 -20.80 24.59
N THR B 376 19.60 -20.37 25.79
CA THR B 376 19.93 -19.05 26.33
C THR B 376 20.52 -19.22 27.71
N PRO B 377 21.76 -19.78 27.79
CA PRO B 377 22.45 -19.97 29.07
C PRO B 377 22.67 -18.71 29.87
N SER B 378 22.51 -18.81 31.18
CA SER B 378 22.47 -17.63 32.04
C SER B 378 23.40 -17.83 33.24
N PRO B 379 23.67 -16.76 34.03
CA PRO B 379 24.48 -16.92 35.24
C PRO B 379 23.83 -17.91 36.25
N VAL B 380 22.50 -18.05 36.23
CA VAL B 380 21.85 -19.05 37.10
C VAL B 380 21.96 -20.51 36.59
N HIS B 381 22.37 -20.72 35.34
CA HIS B 381 22.61 -22.07 34.84
C HIS B 381 24.03 -22.46 35.28
N ASP B 382 24.18 -23.05 36.48
CA ASP B 382 25.53 -23.36 36.98
C ASP B 382 26.33 -24.40 36.11
N LEU B 383 27.60 -24.61 36.44
N LEU B 383 27.60 -24.62 36.45
CA LEU B 383 28.44 -25.56 35.69
CA LEU B 383 28.44 -25.55 35.69
C LEU B 383 27.96 -27.01 35.79
C LEU B 383 27.96 -27.01 35.80
N LYS B 384 27.28 -27.34 36.89
CA LYS B 384 26.77 -28.71 37.11
C LYS B 384 25.52 -28.99 36.25
N GLN B 385 24.58 -28.04 36.16
N GLN B 385 24.61 -28.02 36.18
CA GLN B 385 23.39 -28.29 35.34
CA GLN B 385 23.39 -28.14 35.37
C GLN B 385 23.64 -28.17 33.85
C GLN B 385 23.75 -28.26 33.90
N ILE B 386 24.71 -27.45 33.46
CA ILE B 386 25.20 -27.47 32.05
C ILE B 386 25.74 -28.85 31.77
N ASP B 387 26.45 -29.42 32.75
CA ASP B 387 26.95 -30.80 32.65
C ASP B 387 25.77 -31.76 32.42
N GLY B 388 24.71 -31.58 33.20
CA GLY B 388 23.51 -32.41 33.07
C GLY B 388 22.93 -32.34 31.68
N LEU B 389 22.72 -31.12 31.20
CA LEU B 389 22.21 -30.85 29.83
C LEU B 389 23.09 -31.46 28.71
N VAL B 390 24.42 -31.39 28.87
CA VAL B 390 25.35 -32.00 27.86
C VAL B 390 25.15 -33.52 27.82
N HIS B 391 25.20 -34.10 29.00
CA HIS B 391 24.99 -35.52 29.16
C HIS B 391 23.62 -35.98 28.66
N ALA B 392 22.60 -35.12 28.78
CA ALA B 392 21.23 -35.42 28.29
C ALA B 392 21.22 -35.41 26.78
N MET B 393 21.87 -34.40 26.22
CA MET B 393 21.94 -34.27 24.76
C MET B 393 22.83 -35.29 24.08
N ASP B 394 23.15 -36.38 24.77
CA ASP B 394 23.78 -37.50 24.16
C ASP B 394 22.53 -38.33 23.76
N LEU B 395 22.02 -37.96 22.58
CA LEU B 395 20.73 -38.39 22.00
C LEU B 395 19.84 -39.30 22.83
N MET C 1 -3.85 25.49 -0.56
CA MET C 1 -2.35 25.61 -0.74
C MET C 1 -1.96 26.12 -2.13
N ASP C 2 -0.66 26.39 -2.33
CA ASP C 2 -0.13 26.87 -3.63
C ASP C 2 0.25 25.67 -4.52
N TYR C 3 -0.65 25.36 -5.45
CA TYR C 3 -0.43 24.27 -6.40
C TYR C 3 0.71 24.59 -7.33
N ASN C 4 0.84 25.84 -7.73
CA ASN C 4 1.88 26.29 -8.66
C ASN C 4 3.30 26.22 -8.07
N LEU C 5 3.41 26.53 -6.78
CA LEU C 5 4.68 26.39 -6.05
C LEU C 5 5.12 24.93 -6.06
N ALA C 6 4.18 24.04 -5.74
CA ALA C 6 4.47 22.59 -5.67
C ALA C 6 4.95 22.02 -7.04
N LEU C 7 4.30 22.47 -8.09
CA LEU C 7 4.70 22.12 -9.47
C LEU C 7 6.09 22.67 -9.80
N ASP C 8 6.36 23.92 -9.42
CA ASP C 8 7.68 24.56 -9.62
C ASP C 8 8.76 23.75 -8.92
N LYS C 9 8.47 23.36 -7.67
CA LYS C 9 9.40 22.52 -6.88
C LYS C 9 9.70 21.17 -7.52
N ALA C 10 8.66 20.53 -8.02
CA ALA C 10 8.80 19.20 -8.63
C ALA C 10 9.68 19.28 -9.87
N ILE C 11 9.46 20.34 -10.64
CA ILE C 11 10.21 20.58 -11.87
C ILE C 11 11.66 20.98 -11.53
N GLN C 12 11.85 21.79 -10.47
CA GLN C 12 13.18 22.17 -10.03
C GLN C 12 14.03 20.97 -9.56
N LYS C 13 13.42 20.02 -8.84
N LYS C 13 13.40 20.03 -8.83
CA LYS C 13 14.16 18.81 -8.38
CA LYS C 13 14.09 18.77 -8.43
C LYS C 13 14.81 18.12 -9.61
C LYS C 13 14.82 18.18 -9.62
N LEU C 14 14.08 18.07 -10.72
CA LEU C 14 14.61 17.44 -11.96
C LEU C 14 15.85 18.13 -12.47
N HIS C 15 15.78 19.47 -12.55
CA HIS C 15 16.96 20.28 -12.99
C HIS C 15 18.13 20.10 -12.02
N ASP C 16 17.82 20.17 -10.72
CA ASP C 16 18.83 19.98 -9.63
C ASP C 16 19.53 18.61 -9.66
N GLU C 17 18.78 17.58 -10.07
CA GLU C 17 19.31 16.23 -10.25
C GLU C 17 19.96 16.00 -11.64
N GLY C 18 19.87 17.00 -12.50
CA GLY C 18 20.44 16.93 -13.84
C GLY C 18 19.70 15.99 -14.80
N ARG C 19 18.48 15.59 -14.41
CA ARG C 19 17.69 14.60 -15.15
C ARG C 19 16.46 15.16 -15.86
N TYR C 20 16.36 16.48 -15.95
CA TYR C 20 15.26 17.11 -16.69
C TYR C 20 15.51 16.75 -18.14
N ARG C 21 14.45 16.29 -18.81
CA ARG C 21 14.56 15.78 -20.15
C ARG C 21 14.08 16.72 -21.21
N THR C 22 14.94 16.98 -22.19
CA THR C 22 14.65 17.79 -23.37
C THR C 22 14.42 16.84 -24.55
N PHE C 23 13.18 16.83 -25.07
CA PHE C 23 12.86 16.01 -26.22
C PHE C 23 13.36 16.62 -27.55
N ILE C 24 13.73 15.74 -28.47
CA ILE C 24 14.21 16.09 -29.80
C ILE C 24 13.07 15.80 -30.78
N ASP C 25 12.71 16.83 -31.53
CA ASP C 25 11.61 16.75 -32.51
C ASP C 25 12.17 16.31 -33.86
N ILE C 26 11.80 15.09 -34.26
CA ILE C 26 12.23 14.53 -35.54
C ILE C 26 11.09 14.03 -36.41
N GLU C 27 11.41 13.88 -37.69
CA GLU C 27 10.50 13.25 -38.66
C GLU C 27 11.34 12.25 -39.46
N ARG C 28 11.16 10.97 -39.19
CA ARG C 28 11.89 9.96 -39.94
C ARG C 28 11.48 9.99 -41.40
N GLU C 29 12.43 9.73 -42.30
CA GLU C 29 12.15 9.77 -43.72
C GLU C 29 11.85 8.37 -44.26
N LYS C 30 10.57 8.11 -44.48
CA LYS C 30 10.11 6.80 -44.93
C LYS C 30 10.77 6.48 -46.25
N GLY C 31 11.39 5.30 -46.31
CA GLY C 31 12.07 4.82 -47.51
C GLY C 31 13.55 5.15 -47.48
N ALA C 32 13.99 5.91 -46.47
CA ALA C 32 15.41 6.28 -46.31
C ALA C 32 15.84 6.10 -44.88
N PHE C 33 15.18 5.22 -44.11
CA PHE C 33 15.63 5.02 -42.73
C PHE C 33 17.11 4.60 -42.82
N PRO C 34 17.96 4.97 -41.83
CA PRO C 34 17.73 5.66 -40.58
C PRO C 34 17.76 7.21 -40.62
N LYS C 35 17.66 7.78 -41.82
N LYS C 35 17.64 7.78 -41.81
CA LYS C 35 17.62 9.24 -42.01
CA LYS C 35 17.65 9.23 -42.01
C LYS C 35 16.35 9.83 -41.38
C LYS C 35 16.36 9.86 -41.45
N ALA C 36 16.52 11.01 -40.80
CA ALA C 36 15.38 11.80 -40.28
C ALA C 36 15.68 13.27 -40.43
N GLN C 37 14.63 14.06 -40.38
CA GLN C 37 14.75 15.53 -40.33
C GLN C 37 14.64 15.93 -38.87
N TRP C 38 15.62 16.67 -38.39
CA TRP C 38 15.59 17.23 -37.05
C TRP C 38 15.05 18.65 -37.13
N ASN C 39 13.94 18.86 -36.42
CA ASN C 39 13.30 20.17 -36.34
C ASN C 39 13.91 20.86 -35.13
N ARG C 40 14.90 21.71 -35.40
CA ARG C 40 15.68 22.33 -34.33
C ARG C 40 14.92 23.38 -33.59
N PRO C 41 15.32 23.66 -32.32
CA PRO C 41 14.63 24.71 -31.56
C PRO C 41 14.76 26.12 -32.15
N ASP C 42 15.80 26.39 -32.97
CA ASP C 42 15.92 27.70 -33.64
C ASP C 42 14.98 27.83 -34.88
N GLY C 43 14.19 26.79 -35.19
CA GLY C 43 13.26 26.79 -36.33
C GLY C 43 13.86 26.20 -37.60
N GLY C 44 15.13 25.82 -37.51
CA GLY C 44 15.85 25.20 -38.62
C GLY C 44 15.52 23.73 -38.76
N LYS C 45 15.94 23.17 -39.89
CA LYS C 45 15.74 21.78 -40.26
C LYS C 45 17.07 21.21 -40.68
N GLN C 46 17.51 20.12 -40.08
N GLN C 46 17.46 20.08 -40.09
CA GLN C 46 18.71 19.46 -40.60
CA GLN C 46 18.76 19.45 -40.37
C GLN C 46 18.55 17.98 -40.57
C GLN C 46 18.56 17.94 -40.52
N ASP C 47 19.14 17.37 -41.59
CA ASP C 47 19.11 15.92 -41.76
C ASP C 47 20.02 15.29 -40.71
N ILE C 48 19.52 14.24 -40.11
CA ILE C 48 20.25 13.49 -39.09
C ILE C 48 20.09 11.99 -39.31
N THR C 49 20.92 11.23 -38.62
CA THR C 49 20.83 9.77 -38.57
C THR C 49 20.38 9.38 -37.22
N VAL C 50 19.26 8.67 -37.16
CA VAL C 50 18.75 8.15 -35.93
C VAL C 50 19.56 6.93 -35.52
N TRP C 51 20.08 6.96 -34.29
CA TRP C 51 20.91 5.86 -33.77
C TRP C 51 20.43 5.22 -32.49
N CYS C 52 19.27 5.67 -32.00
CA CYS C 52 18.77 5.27 -30.70
C CYS C 52 17.33 4.75 -30.70
N GLY C 53 16.74 4.60 -31.87
CA GLY C 53 15.33 4.20 -31.95
C GLY C 53 15.09 2.72 -31.65
N ASN C 54 13.83 2.39 -31.49
CA ASN C 54 13.39 1.01 -31.20
C ASN C 54 12.74 0.29 -32.36
N ASP C 55 12.71 0.93 -33.51
CA ASP C 55 12.22 0.28 -34.75
C ASP C 55 13.43 -0.48 -35.28
N TYR C 56 13.78 -1.50 -34.54
CA TYR C 56 15.05 -2.23 -34.67
C TYR C 56 15.39 -2.82 -36.02
N LEU C 57 14.38 -3.26 -36.76
CA LEU C 57 14.59 -3.91 -38.05
C LEU C 57 14.15 -3.09 -39.25
N GLY C 58 13.82 -1.82 -39.00
CA GLY C 58 13.33 -0.91 -40.06
C GLY C 58 11.97 -1.30 -40.62
N MET C 59 11.15 -2.03 -39.84
CA MET C 59 9.83 -2.46 -40.34
C MET C 59 8.86 -1.34 -40.50
N GLY C 60 9.11 -0.23 -39.81
CA GLY C 60 8.24 0.96 -39.94
C GLY C 60 8.10 1.52 -41.35
N GLN C 61 9.10 1.24 -42.21
CA GLN C 61 9.07 1.65 -43.61
C GLN C 61 8.86 0.47 -44.57
N HIS C 62 8.58 -0.73 -44.05
CA HIS C 62 8.49 -1.91 -44.90
C HIS C 62 7.23 -1.82 -45.78
N PRO C 63 7.36 -2.07 -47.10
CA PRO C 63 6.19 -1.95 -47.98
C PRO C 63 5.03 -2.89 -47.67
N VAL C 64 5.30 -4.10 -47.15
CA VAL C 64 4.18 -5.03 -46.81
C VAL C 64 3.36 -4.50 -45.61
N VAL C 65 4.05 -3.93 -44.65
CA VAL C 65 3.39 -3.30 -43.48
C VAL C 65 2.54 -2.13 -43.97
N LEU C 66 3.17 -1.20 -44.69
CA LEU C 66 2.47 0.01 -45.13
C LEU C 66 1.31 -0.26 -46.06
N ALA C 67 1.49 -1.20 -47.00
CA ALA C 67 0.42 -1.58 -47.90
C ALA C 67 -0.80 -2.06 -47.11
N ALA C 68 -0.56 -2.95 -46.14
CA ALA C 68 -1.65 -3.46 -45.28
C ALA C 68 -2.37 -2.34 -44.54
N MET C 69 -1.62 -1.36 -44.08
CA MET C 69 -2.19 -0.20 -43.33
C MET C 69 -3.03 0.70 -44.23
N HIS C 70 -2.52 1.02 -45.41
CA HIS C 70 -3.27 1.85 -46.39
C HIS C 70 -4.59 1.17 -46.85
N GLU C 71 -4.50 -0.13 -47.08
CA GLU C 71 -5.65 -0.95 -47.43
C GLU C 71 -6.74 -0.95 -46.33
N ALA C 72 -6.31 -1.13 -45.08
CA ALA C 72 -7.24 -1.19 -43.96
C ALA C 72 -7.95 0.15 -43.79
N LEU C 73 -7.20 1.24 -43.96
CA LEU C 73 -7.80 2.59 -43.84
C LEU C 73 -8.90 2.80 -44.86
N GLU C 74 -8.67 2.33 -46.09
CA GLU C 74 -9.67 2.45 -47.15
C GLU C 74 -10.82 1.49 -46.99
N ALA C 75 -10.58 0.35 -46.35
CA ALA C 75 -11.61 -0.63 -46.13
C ALA C 75 -12.55 -0.25 -44.99
N VAL C 76 -11.98 0.05 -43.84
CA VAL C 76 -12.80 0.29 -42.58
C VAL C 76 -12.66 1.65 -41.90
N GLY C 77 -11.73 2.46 -42.37
CA GLY C 77 -11.53 3.78 -41.84
C GLY C 77 -10.45 3.92 -40.78
N ALA C 78 -10.47 5.09 -40.12
CA ALA C 78 -9.37 5.56 -39.24
C ALA C 78 -9.19 4.85 -37.92
N GLY C 79 -10.30 4.48 -37.31
CA GLY C 79 -10.31 3.82 -36.03
C GLY C 79 -11.36 2.74 -35.98
N SER C 80 -11.44 2.07 -34.84
CA SER C 80 -12.42 1.00 -34.62
C SER C 80 -13.79 1.56 -34.20
N GLY C 81 -13.75 2.71 -33.51
CA GLY C 81 -14.96 3.36 -33.05
C GLY C 81 -15.53 2.74 -31.79
N GLY C 82 -14.79 1.84 -31.16
CA GLY C 82 -15.23 1.39 -29.87
C GLY C 82 -14.30 0.49 -29.14
N THR C 83 -14.78 0.07 -27.95
CA THR C 83 -14.08 -0.94 -27.15
C THR C 83 -14.32 -2.29 -27.80
N ARG C 84 -13.56 -3.29 -27.35
CA ARG C 84 -13.73 -4.67 -27.85
C ARG C 84 -15.14 -5.20 -27.60
N ASN C 85 -15.72 -4.80 -26.48
CA ASN C 85 -17.11 -5.18 -26.14
C ASN C 85 -18.13 -4.41 -27.02
N ILE C 86 -17.92 -3.11 -27.20
CA ILE C 86 -18.91 -2.26 -27.86
C ILE C 86 -18.43 -1.75 -29.25
N SER C 87 -18.64 -2.61 -30.25
CA SER C 87 -18.38 -2.32 -31.71
C SER C 87 -16.95 -2.28 -32.20
N GLY C 88 -15.99 -2.45 -31.27
CA GLY C 88 -14.57 -2.35 -31.62
C GLY C 88 -13.82 -3.64 -31.82
N THR C 89 -14.53 -4.77 -31.79
CA THR C 89 -13.92 -6.08 -32.18
C THR C 89 -14.14 -6.29 -33.68
N THR C 90 -13.03 -6.38 -34.39
CA THR C 90 -13.05 -6.56 -35.84
C THR C 90 -12.20 -7.74 -36.23
N ALA C 91 -12.41 -8.18 -37.47
CA ALA C 91 -11.65 -9.25 -38.08
C ALA C 91 -10.11 -9.01 -38.01
N TYR C 92 -9.73 -7.76 -38.07
CA TYR C 92 -8.31 -7.35 -38.01
C TYR C 92 -7.67 -7.70 -36.63
N HIS C 93 -8.42 -7.48 -35.54
CA HIS C 93 -7.94 -7.81 -34.20
C HIS C 93 -7.85 -9.33 -34.02
N ARG C 94 -8.87 -10.05 -34.45
CA ARG C 94 -8.91 -11.48 -34.31
C ARG C 94 -7.79 -12.13 -35.13
N ARG C 95 -7.60 -11.71 -36.36
CA ARG C 95 -6.52 -12.22 -37.20
C ARG C 95 -5.16 -11.86 -36.59
N LEU C 96 -5.05 -10.66 -36.01
CA LEU C 96 -3.77 -10.28 -35.26
C LEU C 96 -3.51 -11.20 -34.07
N GLU C 97 -4.54 -11.37 -33.23
CA GLU C 97 -4.43 -12.23 -32.07
C GLU C 97 -4.06 -13.64 -32.46
N ALA C 98 -4.63 -14.12 -33.55
CA ALA C 98 -4.29 -15.48 -34.07
C ALA C 98 -2.83 -15.59 -34.51
N GLU C 99 -2.33 -14.58 -35.20
CA GLU C 99 -0.95 -14.53 -35.62
C GLU C 99 0.03 -14.54 -34.43
N ILE C 100 -0.29 -13.78 -33.39
CA ILE C 100 0.51 -13.68 -32.16
C ILE C 100 0.53 -14.99 -31.39
N ALA C 101 -0.66 -15.58 -31.22
CA ALA C 101 -0.80 -16.88 -30.55
C ALA C 101 0.09 -17.90 -31.26
N GLY C 102 -0.02 -17.92 -32.59
CA GLY C 102 0.77 -18.77 -33.47
C GLY C 102 2.27 -18.53 -33.34
N LEU C 103 2.67 -17.26 -33.26
CA LEU C 103 4.08 -16.89 -33.03
C LEU C 103 4.63 -17.56 -31.77
N HIS C 104 3.86 -17.49 -30.69
CA HIS C 104 4.28 -18.02 -29.40
C HIS C 104 3.85 -19.46 -29.12
N GLN C 105 3.27 -20.10 -30.13
CA GLN C 105 2.75 -21.45 -30.03
C GLN C 105 1.83 -21.64 -28.80
N LYS C 106 0.98 -20.65 -28.61
CA LYS C 106 0.03 -20.61 -27.51
C LYS C 106 -1.39 -20.74 -28.09
N GLU C 107 -2.32 -21.19 -27.26
CA GLU C 107 -3.73 -21.29 -27.67
C GLU C 107 -4.38 -19.94 -28.05
N ALA C 108 -3.98 -18.88 -27.35
CA ALA C 108 -4.65 -17.60 -27.47
C ALA C 108 -3.72 -16.44 -27.25
N ALA C 109 -4.21 -15.28 -27.61
CA ALA C 109 -3.49 -14.01 -27.44
C ALA C 109 -4.48 -12.88 -27.29
N LEU C 110 -4.03 -11.82 -26.63
CA LEU C 110 -4.86 -10.69 -26.32
C LEU C 110 -4.11 -9.40 -26.59
N VAL C 111 -4.65 -8.55 -27.49
CA VAL C 111 -4.02 -7.28 -27.82
C VAL C 111 -4.56 -6.15 -26.97
N PHE C 112 -3.63 -5.27 -26.64
CA PHE C 112 -3.88 -4.10 -25.83
C PHE C 112 -3.35 -2.93 -26.63
N SER C 113 -3.69 -1.73 -26.15
CA SER C 113 -3.22 -0.45 -26.72
C SER C 113 -1.67 -0.32 -26.74
N SER C 114 -1.01 -0.96 -25.78
CA SER C 114 0.43 -1.00 -25.73
C SER C 114 0.89 -2.16 -24.90
N ALA C 115 2.16 -2.48 -25.00
CA ALA C 115 2.78 -3.55 -24.16
C ALA C 115 2.84 -3.06 -22.70
N TYR C 116 2.96 -1.73 -22.52
CA TYR C 116 2.92 -1.13 -21.18
C TYR C 116 1.60 -1.55 -20.50
N ASN C 117 0.51 -1.32 -21.22
CA ASN C 117 -0.87 -1.66 -20.74
C ASN C 117 -1.09 -3.12 -20.54
N ALA C 118 -0.52 -3.91 -21.47
CA ALA C 118 -0.56 -5.34 -21.39
C ALA C 118 -0.01 -5.82 -20.07
N ASN C 119 1.19 -5.36 -19.74
CA ASN C 119 1.86 -5.71 -18.48
C ASN C 119 1.13 -5.22 -17.23
N ASP C 120 0.76 -3.94 -17.25
N ASP C 120 0.78 -3.94 -17.26
CA ASP C 120 0.14 -3.28 -16.12
CA ASP C 120 0.14 -3.27 -16.15
C ASP C 120 -1.21 -3.96 -15.81
C ASP C 120 -1.19 -3.97 -15.82
N ALA C 121 -1.99 -4.18 -16.86
CA ALA C 121 -3.32 -4.79 -16.74
C ALA C 121 -3.32 -6.23 -16.36
N THR C 122 -2.42 -6.98 -16.99
CA THR C 122 -2.36 -8.42 -16.79
C THR C 122 -1.84 -8.77 -15.38
N LEU C 123 -0.73 -8.19 -15.01
CA LEU C 123 -0.10 -8.47 -13.69
C LEU C 123 -0.99 -8.11 -12.53
N SER C 124 -1.64 -6.95 -12.63
CA SER C 124 -2.55 -6.52 -11.59
C SER C 124 -3.83 -7.41 -11.52
N THR C 125 -4.33 -7.84 -12.69
CA THR C 125 -5.54 -8.68 -12.75
C THR C 125 -5.25 -10.12 -12.26
N LEU C 126 -4.04 -10.59 -12.46
CA LEU C 126 -3.63 -11.93 -11.97
C LEU C 126 -3.76 -12.10 -10.46
N ARG C 127 -3.49 -11.04 -9.70
CA ARG C 127 -3.73 -11.00 -8.27
C ARG C 127 -5.24 -11.16 -7.89
N VAL C 128 -6.15 -10.66 -8.72
CA VAL C 128 -7.62 -10.85 -8.55
C VAL C 128 -7.98 -12.30 -8.86
N LEU C 129 -7.48 -12.81 -9.99
CA LEU C 129 -7.75 -14.18 -10.45
C LEU C 129 -7.17 -15.28 -9.52
N PHE C 130 -6.04 -14.96 -8.90
CA PHE C 130 -5.32 -15.88 -8.00
C PHE C 130 -5.15 -15.25 -6.65
N PRO C 131 -6.23 -15.24 -5.84
CA PRO C 131 -6.12 -14.60 -4.51
C PRO C 131 -4.94 -15.14 -3.67
N GLY C 132 -4.18 -14.23 -3.08
CA GLY C 132 -2.96 -14.54 -2.33
C GLY C 132 -1.66 -14.63 -3.17
N LEU C 133 -1.78 -14.32 -4.46
CA LEU C 133 -0.65 -14.40 -5.40
C LEU C 133 0.57 -13.65 -4.91
N ILE C 134 1.70 -14.34 -4.83
CA ILE C 134 2.97 -13.71 -4.51
C ILE C 134 3.71 -13.52 -5.85
N ILE C 135 4.00 -12.27 -6.22
CA ILE C 135 4.76 -11.97 -7.44
C ILE C 135 6.27 -11.75 -7.15
N TYR C 136 7.09 -12.56 -7.79
CA TYR C 136 8.55 -12.47 -7.68
C TYR C 136 9.04 -11.71 -8.92
N SER C 137 9.69 -10.59 -8.69
CA SER C 137 10.06 -9.68 -9.80
C SER C 137 11.55 -9.31 -9.85
N ASP C 138 12.14 -9.43 -11.04
CA ASP C 138 13.51 -8.98 -11.27
C ASP C 138 13.70 -7.50 -10.94
N SER C 139 14.84 -7.17 -10.30
CA SER C 139 15.08 -5.79 -9.77
C SER C 139 15.19 -4.73 -10.89
N LEU C 140 15.49 -5.20 -12.10
CA LEU C 140 15.54 -4.32 -13.26
C LEU C 140 14.35 -4.47 -14.20
N ASN C 141 13.23 -5.02 -13.73
CA ASN C 141 12.06 -5.13 -14.59
C ASN C 141 11.57 -3.75 -15.02
N HIS C 142 11.03 -3.69 -16.23
CA HIS C 142 10.48 -2.46 -16.80
C HIS C 142 9.41 -1.89 -15.86
N ALA C 143 9.24 -0.56 -15.93
CA ALA C 143 8.25 0.20 -15.16
C ALA C 143 6.79 -0.33 -15.26
N SER C 144 6.41 -0.74 -16.47
CA SER C 144 5.07 -1.30 -16.78
C SER C 144 4.75 -2.53 -15.93
N MET C 145 5.75 -3.40 -15.78
CA MET C 145 5.65 -4.60 -14.97
C MET C 145 5.59 -4.24 -13.49
N ILE C 146 6.49 -3.37 -13.05
CA ILE C 146 6.56 -2.90 -11.64
C ILE C 146 5.23 -2.27 -11.22
N GLU C 147 4.75 -1.38 -12.09
CA GLU C 147 3.46 -0.68 -11.89
C GLU C 147 2.29 -1.66 -11.79
N GLY C 148 2.27 -2.68 -12.65
CA GLY C 148 1.22 -3.70 -12.60
C GLY C 148 1.31 -4.54 -11.33
N ILE C 149 2.54 -4.84 -10.93
CA ILE C 149 2.82 -5.64 -9.70
C ILE C 149 2.38 -4.89 -8.44
N LYS C 150 2.74 -3.60 -8.36
CA LYS C 150 2.42 -2.72 -7.19
C LYS C 150 0.96 -2.21 -7.16
N ARG C 151 0.32 -2.21 -8.32
CA ARG C 151 -1.03 -1.69 -8.54
C ARG C 151 -2.09 -2.16 -7.54
N ASN C 152 -2.43 -3.43 -7.63
CA ASN C 152 -3.34 -4.05 -6.70
C ASN C 152 -2.48 -4.45 -5.52
N ALA C 153 -3.03 -4.26 -4.33
CA ALA C 153 -2.32 -4.63 -3.11
C ALA C 153 -2.09 -6.14 -3.12
N GLY C 154 -0.91 -6.54 -2.67
CA GLY C 154 -0.58 -7.96 -2.56
C GLY C 154 0.90 -8.20 -2.42
N PRO C 155 1.29 -9.41 -2.01
CA PRO C 155 2.70 -9.66 -1.80
C PRO C 155 3.57 -9.60 -3.06
N LYS C 156 4.70 -8.91 -2.96
CA LYS C 156 5.72 -8.87 -4.01
C LYS C 156 7.08 -9.04 -3.40
N ARG C 157 7.96 -9.72 -4.11
N ARG C 157 7.97 -9.70 -4.13
CA ARG C 157 9.34 -9.87 -3.70
CA ARG C 157 9.33 -9.96 -3.69
C ARG C 157 10.20 -9.50 -4.87
C ARG C 157 10.26 -9.59 -4.85
N ILE C 158 11.21 -8.73 -4.56
CA ILE C 158 12.14 -8.25 -5.58
C ILE C 158 13.41 -9.04 -5.45
N PHE C 159 13.80 -9.73 -6.51
CA PHE C 159 15.08 -10.44 -6.52
C PHE C 159 16.16 -9.65 -7.26
N ARG C 160 17.40 -9.73 -6.78
N ARG C 160 17.42 -9.74 -6.78
CA ARG C 160 18.51 -9.01 -7.40
CA ARG C 160 18.52 -9.02 -7.42
C ARG C 160 18.67 -9.46 -8.85
C ARG C 160 18.64 -9.46 -8.87
N HIS C 161 18.90 -8.48 -9.71
CA HIS C 161 18.93 -8.68 -11.17
C HIS C 161 19.63 -9.95 -11.64
N ASN C 162 18.87 -10.80 -12.35
CA ASN C 162 19.39 -12.09 -12.86
C ASN C 162 19.90 -13.08 -11.77
N ASP C 163 19.64 -12.79 -10.48
CA ASP C 163 20.18 -13.56 -9.34
C ASP C 163 19.22 -14.67 -8.97
N VAL C 164 19.48 -15.79 -9.62
CA VAL C 164 18.65 -16.97 -9.54
C VAL C 164 18.65 -17.58 -8.12
N ALA C 165 19.82 -17.58 -7.50
CA ALA C 165 20.02 -18.07 -6.13
C ALA C 165 19.17 -17.25 -5.15
N HIS C 166 19.17 -15.93 -5.34
CA HIS C 166 18.36 -15.00 -4.54
C HIS C 166 16.85 -15.29 -4.70
N LEU C 167 16.41 -15.44 -5.94
CA LEU C 167 15.01 -15.83 -6.26
C LEU C 167 14.60 -17.11 -5.52
N ARG C 168 15.50 -18.09 -5.51
CA ARG C 168 15.28 -19.36 -4.82
C ARG C 168 15.12 -19.19 -3.32
N GLU C 169 16.03 -18.39 -2.76
CA GLU C 169 16.00 -17.99 -1.33
C GLU C 169 14.61 -17.42 -0.97
N LEU C 170 14.15 -16.48 -1.78
CA LEU C 170 12.86 -15.79 -1.55
C LEU C 170 11.66 -16.71 -1.68
N ILE C 171 11.64 -17.47 -2.77
CA ILE C 171 10.51 -18.37 -3.06
C ILE C 171 10.40 -19.48 -2.03
N ALA C 172 11.55 -20.01 -1.60
CA ALA C 172 11.61 -21.08 -0.60
C ALA C 172 11.08 -20.65 0.78
N ALA C 173 11.27 -19.38 1.11
CA ALA C 173 10.85 -18.80 2.38
C ALA C 173 9.35 -18.62 2.53
N ASP C 174 8.65 -18.55 1.40
CA ASP C 174 7.23 -18.28 1.40
C ASP C 174 6.37 -19.51 1.59
N ASP C 175 5.10 -19.23 1.92
CA ASP C 175 4.05 -20.23 2.11
C ASP C 175 3.92 -21.08 0.82
N PRO C 176 4.23 -22.42 0.90
CA PRO C 176 4.14 -23.26 -0.32
C PRO C 176 2.75 -23.41 -0.93
N ALA C 177 1.71 -23.13 -0.15
CA ALA C 177 0.32 -23.19 -0.62
C ALA C 177 -0.10 -21.97 -1.44
N ALA C 178 0.58 -20.85 -1.22
CA ALA C 178 0.27 -19.60 -1.90
C ALA C 178 0.49 -19.68 -3.41
N PRO C 179 -0.40 -19.08 -4.21
CA PRO C 179 -0.13 -19.03 -5.64
C PRO C 179 1.09 -18.13 -5.87
N LYS C 180 1.84 -18.44 -6.92
CA LYS C 180 3.07 -17.73 -7.23
C LYS C 180 3.28 -17.45 -8.71
N LEU C 181 3.93 -16.33 -9.00
N LEU C 181 3.95 -16.33 -9.00
CA LEU C 181 4.30 -15.95 -10.37
CA LEU C 181 4.26 -15.85 -10.36
C LEU C 181 5.64 -15.31 -10.36
C LEU C 181 5.65 -15.30 -10.34
N ILE C 182 6.46 -15.69 -11.32
CA ILE C 182 7.80 -15.13 -11.50
C ILE C 182 7.78 -14.28 -12.77
N ALA C 183 8.00 -12.99 -12.60
CA ALA C 183 8.03 -12.03 -13.73
C ALA C 183 9.47 -11.56 -14.04
N PHE C 184 9.82 -11.64 -15.32
CA PHE C 184 11.17 -11.27 -15.77
C PHE C 184 11.19 -10.90 -17.28
N GLU C 185 12.34 -10.45 -17.77
CA GLU C 185 12.50 -10.11 -19.19
C GLU C 185 13.48 -11.05 -19.86
N SER C 186 13.30 -11.27 -21.16
CA SER C 186 14.24 -12.10 -21.94
C SER C 186 15.50 -11.29 -22.28
N VAL C 187 15.28 -10.05 -22.70
CA VAL C 187 16.35 -9.06 -23.01
C VAL C 187 16.04 -7.80 -22.24
N TYR C 188 16.97 -7.37 -21.39
CA TYR C 188 16.76 -6.14 -20.59
C TYR C 188 17.16 -4.93 -21.42
N SER C 189 16.21 -4.01 -21.48
CA SER C 189 16.22 -2.86 -22.39
C SER C 189 17.43 -2.00 -22.39
N MET C 190 18.02 -1.78 -21.22
CA MET C 190 19.10 -0.78 -21.08
C MET C 190 20.51 -1.31 -21.02
N ASP C 191 20.72 -2.41 -20.31
CA ASP C 191 22.05 -3.07 -20.27
C ASP C 191 22.26 -3.95 -21.53
N GLY C 192 21.16 -4.43 -22.11
CA GLY C 192 21.19 -5.37 -23.24
C GLY C 192 21.62 -6.79 -22.88
N ASP C 193 21.39 -7.16 -21.63
CA ASP C 193 21.69 -8.50 -21.15
C ASP C 193 20.47 -9.41 -21.21
N PHE C 194 20.75 -10.71 -21.12
CA PHE C 194 19.72 -11.73 -21.22
C PHE C 194 19.28 -12.24 -19.86
N GLY C 195 17.98 -12.51 -19.73
CA GLY C 195 17.41 -13.13 -18.51
C GLY C 195 17.71 -14.62 -18.55
N PRO C 196 17.89 -15.27 -17.38
CA PRO C 196 18.22 -16.71 -17.38
C PRO C 196 16.94 -17.55 -17.42
N ILE C 197 16.38 -17.65 -18.62
CA ILE C 197 15.05 -18.23 -18.85
C ILE C 197 15.00 -19.66 -18.31
N LYS C 198 15.96 -20.47 -18.71
CA LYS C 198 15.96 -21.89 -18.29
C LYS C 198 15.99 -22.04 -16.77
N GLU C 199 16.90 -21.32 -16.14
N GLU C 199 16.89 -21.31 -16.15
CA GLU C 199 17.15 -21.35 -14.70
CA GLU C 199 17.14 -21.42 -14.72
C GLU C 199 15.88 -20.92 -13.92
C GLU C 199 15.93 -20.88 -13.88
N ILE C 200 15.19 -19.92 -14.44
CA ILE C 200 13.94 -19.42 -13.82
C ILE C 200 12.79 -20.42 -13.96
N CYS C 201 12.67 -21.02 -15.15
CA CYS C 201 11.63 -22.03 -15.41
C CYS C 201 11.82 -23.26 -14.52
N ASP C 202 13.08 -23.64 -14.31
CA ASP C 202 13.43 -24.74 -13.36
C ASP C 202 12.93 -24.44 -11.94
N ILE C 203 13.20 -23.22 -11.47
CA ILE C 203 12.72 -22.77 -10.15
C ILE C 203 11.17 -22.79 -10.11
N ALA C 204 10.57 -22.25 -11.17
CA ALA C 204 9.11 -22.20 -11.27
C ALA C 204 8.48 -23.57 -11.22
N GLU C 205 9.04 -24.53 -11.95
N GLU C 205 9.05 -24.56 -11.94
CA GLU C 205 8.54 -25.92 -11.97
CA GLU C 205 8.54 -25.96 -11.91
C GLU C 205 8.68 -26.57 -10.56
C GLU C 205 8.65 -26.52 -10.49
N GLU C 206 9.82 -26.32 -9.90
CA GLU C 206 10.14 -26.84 -8.55
C GLU C 206 9.19 -26.31 -7.46
N PHE C 207 8.95 -25.01 -7.48
CA PHE C 207 8.10 -24.34 -6.50
C PHE C 207 6.62 -24.14 -6.90
N GLY C 208 6.25 -24.62 -8.10
CA GLY C 208 4.87 -24.58 -8.56
C GLY C 208 4.35 -23.16 -8.82
N ALA C 209 5.18 -22.39 -9.51
CA ALA C 209 4.89 -21.00 -9.83
C ALA C 209 4.64 -20.81 -11.32
N LEU C 210 3.86 -19.79 -11.63
CA LEU C 210 3.68 -19.38 -13.05
C LEU C 210 4.89 -18.60 -13.53
N THR C 211 5.18 -18.67 -14.82
CA THR C 211 6.25 -17.86 -15.43
C THR C 211 5.64 -16.81 -16.40
N TYR C 212 6.05 -15.57 -16.19
CA TYR C 212 5.61 -14.43 -16.99
C TYR C 212 6.86 -13.79 -17.55
N ILE C 213 6.99 -13.78 -18.87
CA ILE C 213 8.15 -13.20 -19.50
C ILE C 213 7.79 -12.04 -20.45
N ASP C 214 8.52 -10.95 -20.27
CA ASP C 214 8.42 -9.78 -21.12
C ASP C 214 9.53 -9.94 -22.18
N GLU C 215 9.10 -10.23 -23.42
CA GLU C 215 10.01 -10.39 -24.58
C GLU C 215 9.90 -9.19 -25.54
N VAL C 216 9.54 -8.04 -24.99
CA VAL C 216 9.39 -6.80 -25.77
C VAL C 216 10.63 -6.42 -26.63
N HIS C 217 11.84 -6.62 -26.08
CA HIS C 217 13.11 -6.32 -26.75
C HIS C 217 13.74 -7.55 -27.40
N ALA C 218 12.92 -8.55 -27.65
CA ALA C 218 13.35 -9.76 -28.35
C ALA C 218 12.40 -10.18 -29.49
N VAL C 219 11.09 -9.89 -29.37
CA VAL C 219 10.15 -10.31 -30.42
C VAL C 219 10.48 -9.64 -31.75
N GLY C 220 10.44 -10.47 -32.80
CA GLY C 220 10.89 -10.11 -34.14
C GLY C 220 12.38 -10.32 -34.41
N MET C 221 13.18 -10.45 -33.35
CA MET C 221 14.64 -10.37 -33.47
C MET C 221 15.44 -11.59 -33.10
N TYR C 222 14.84 -12.48 -32.31
CA TYR C 222 15.50 -13.71 -31.86
C TYR C 222 14.57 -14.89 -32.10
N GLY C 223 15.15 -16.05 -32.26
CA GLY C 223 14.46 -17.25 -32.61
C GLY C 223 14.32 -17.36 -34.11
N PRO C 224 14.15 -18.58 -34.65
CA PRO C 224 14.06 -18.78 -36.09
C PRO C 224 12.86 -18.11 -36.78
N ARG C 225 11.82 -17.79 -36.03
CA ARG C 225 10.65 -17.10 -36.58
C ARG C 225 10.40 -15.75 -35.90
N GLY C 226 11.40 -15.27 -35.14
CA GLY C 226 11.27 -14.02 -34.42
C GLY C 226 10.35 -14.11 -33.18
N ALA C 227 10.09 -15.31 -32.66
CA ALA C 227 9.19 -15.43 -31.45
C ALA C 227 9.88 -15.07 -30.15
N GLY C 228 11.19 -14.84 -30.21
CA GLY C 228 11.97 -14.39 -29.05
C GLY C 228 13.06 -15.32 -28.61
N VAL C 229 13.63 -14.99 -27.44
CA VAL C 229 14.75 -15.75 -26.86
C VAL C 229 14.30 -17.12 -26.33
N ALA C 230 13.09 -17.18 -25.74
CA ALA C 230 12.53 -18.52 -25.35
C ALA C 230 12.47 -19.42 -26.62
N GLU C 231 12.07 -18.86 -27.75
CA GLU C 231 12.07 -19.62 -29.04
C GLU C 231 13.49 -20.03 -29.43
N ARG C 232 14.42 -19.08 -29.37
CA ARG C 232 15.82 -19.35 -29.69
C ARG C 232 16.37 -20.53 -28.88
N ASP C 233 16.05 -20.53 -27.60
CA ASP C 233 16.53 -21.51 -26.61
C ASP C 233 15.63 -22.75 -26.45
N GLY C 234 14.50 -22.75 -27.14
CA GLY C 234 13.56 -23.88 -27.13
C GLY C 234 12.75 -24.10 -25.85
N LEU C 235 12.39 -23.00 -25.19
N LEU C 235 12.35 -23.02 -25.18
CA LEU C 235 11.75 -23.02 -23.87
CA LEU C 235 11.56 -23.14 -23.92
C LEU C 235 10.38 -22.31 -23.88
C LEU C 235 10.14 -22.58 -23.99
N MET C 236 9.85 -22.11 -25.08
N MET C 236 9.77 -21.94 -25.11
CA MET C 236 8.57 -21.41 -25.29
CA MET C 236 8.42 -21.34 -25.22
C MET C 236 7.37 -22.16 -24.60
C MET C 236 7.36 -22.16 -24.47
N HIS C 237 7.41 -23.47 -24.65
CA HIS C 237 6.46 -24.40 -23.96
C HIS C 237 6.48 -24.32 -22.39
N ARG C 238 7.59 -23.82 -21.84
CA ARG C 238 7.79 -23.65 -20.38
C ARG C 238 7.36 -22.29 -19.82
N ILE C 239 6.96 -21.40 -20.72
CA ILE C 239 6.46 -20.07 -20.38
C ILE C 239 4.94 -20.10 -20.31
N ASP C 240 4.38 -19.62 -19.22
CA ASP C 240 2.91 -19.59 -19.08
C ASP C 240 2.33 -18.39 -19.80
N ILE C 241 2.94 -17.23 -19.60
CA ILE C 241 2.49 -15.99 -20.22
C ILE C 241 3.62 -15.25 -20.90
N PHE C 242 3.40 -14.92 -22.16
CA PHE C 242 4.27 -14.04 -22.92
C PHE C 242 3.70 -12.64 -23.01
N ASN C 243 4.53 -11.66 -22.72
CA ASN C 243 4.23 -10.29 -22.99
C ASN C 243 5.16 -9.82 -24.10
N GLY C 244 4.59 -9.11 -25.06
CA GLY C 244 5.37 -8.50 -26.13
C GLY C 244 4.74 -7.22 -26.64
N THR C 245 5.44 -6.58 -27.58
CA THR C 245 5.01 -5.33 -28.21
C THR C 245 4.97 -5.45 -29.70
N LEU C 246 4.13 -4.60 -30.31
N LEU C 246 4.12 -4.63 -30.34
CA LEU C 246 4.02 -4.50 -31.78
CA LEU C 246 4.10 -4.54 -31.82
C LEU C 246 4.69 -3.22 -32.29
C LEU C 246 4.70 -3.21 -32.29
N ALA C 247 5.24 -2.43 -31.34
CA ALA C 247 5.75 -1.06 -31.55
C ALA C 247 7.26 -0.92 -31.73
N LYS C 248 7.99 -2.01 -31.59
CA LYS C 248 9.44 -1.93 -31.64
C LYS C 248 9.94 -2.65 -32.92
N ALA C 249 10.51 -3.86 -32.83
CA ALA C 249 10.97 -4.56 -34.06
C ALA C 249 9.79 -4.76 -35.07
N TYR C 250 8.55 -4.92 -34.56
CA TYR C 250 7.39 -5.07 -35.44
C TYR C 250 7.01 -3.75 -36.15
N GLY C 251 7.49 -2.63 -35.61
CA GLY C 251 7.51 -1.37 -36.32
C GLY C 251 6.21 -0.59 -36.37
N VAL C 252 5.25 -0.99 -35.56
CA VAL C 252 3.93 -0.35 -35.62
C VAL C 252 3.55 0.19 -34.25
N PHE C 253 2.55 -0.41 -33.62
CA PHE C 253 2.05 0.06 -32.33
C PHE C 253 1.16 -1.01 -31.73
N GLY C 254 1.07 -0.97 -30.40
CA GLY C 254 0.28 -1.92 -29.65
C GLY C 254 1.08 -2.93 -28.88
N GLY C 255 0.38 -3.71 -28.08
CA GLY C 255 1.00 -4.74 -27.28
C GLY C 255 0.13 -5.93 -27.08
N TYR C 256 0.68 -6.92 -26.39
CA TYR C 256 -0.09 -8.11 -26.17
C TYR C 256 0.41 -9.02 -25.06
N ILE C 257 -0.47 -9.94 -24.71
CA ILE C 257 -0.10 -11.17 -24.00
C ILE C 257 -0.47 -12.39 -24.87
N ALA C 258 0.25 -13.46 -24.66
CA ALA C 258 -0.07 -14.76 -25.29
C ALA C 258 0.01 -15.82 -24.22
N ALA C 259 -1.00 -16.66 -24.18
CA ALA C 259 -1.17 -17.64 -23.12
C ALA C 259 -2.27 -18.64 -23.47
N SER C 260 -2.61 -19.52 -22.54
CA SER C 260 -3.70 -20.45 -22.73
C SER C 260 -5.02 -19.70 -22.92
N ALA C 261 -5.99 -20.38 -23.53
CA ALA C 261 -7.31 -19.81 -23.74
C ALA C 261 -7.97 -19.40 -22.40
N ARG C 262 -7.80 -20.20 -21.34
N ARG C 262 -7.79 -20.25 -21.37
CA ARG C 262 -8.35 -19.85 -19.99
CA ARG C 262 -8.25 -19.99 -19.97
C ARG C 262 -7.72 -18.58 -19.46
C ARG C 262 -7.72 -18.64 -19.48
N MET C 263 -6.40 -18.50 -19.58
CA MET C 263 -5.67 -17.36 -19.08
C MET C 263 -6.15 -16.08 -19.79
N VAL C 264 -6.17 -16.12 -21.11
CA VAL C 264 -6.60 -14.97 -21.93
C VAL C 264 -8.08 -14.60 -21.68
N ASP C 265 -8.94 -15.60 -21.68
CA ASP C 265 -10.39 -15.34 -21.46
C ASP C 265 -10.62 -14.69 -20.08
N ALA C 266 -9.87 -15.16 -19.08
CA ALA C 266 -10.00 -14.59 -17.71
C ALA C 266 -9.54 -13.16 -17.61
N VAL C 267 -8.38 -12.87 -18.20
CA VAL C 267 -7.81 -11.53 -18.21
C VAL C 267 -8.68 -10.56 -18.95
N ARG C 268 -9.11 -10.95 -20.13
CA ARG C 268 -9.96 -10.06 -20.91
C ARG C 268 -11.30 -9.77 -20.26
N SER C 269 -11.79 -10.71 -19.48
CA SER C 269 -13.09 -10.61 -18.80
C SER C 269 -13.04 -9.83 -17.49
N TYR C 270 -11.85 -9.71 -16.90
CA TYR C 270 -11.64 -9.05 -15.60
C TYR C 270 -10.76 -7.78 -15.58
N ALA C 271 -9.89 -7.60 -16.57
CA ALA C 271 -8.93 -6.47 -16.57
C ALA C 271 -9.59 -5.15 -17.03
N PRO C 272 -9.73 -4.14 -16.13
CA PRO C 272 -10.30 -2.87 -16.58
C PRO C 272 -9.54 -2.18 -17.74
N GLY C 273 -8.21 -2.29 -17.72
CA GLY C 273 -7.33 -1.74 -18.75
C GLY C 273 -7.57 -2.32 -20.11
N PHE C 274 -8.15 -3.51 -20.15
CA PHE C 274 -8.55 -4.11 -21.45
C PHE C 274 -9.93 -3.68 -21.84
N ILE C 275 -10.82 -3.82 -20.89
CA ILE C 275 -12.25 -3.61 -21.11
C ILE C 275 -12.61 -2.19 -21.49
N PHE C 276 -12.10 -1.21 -20.70
CA PHE C 276 -12.58 0.18 -20.70
C PHE C 276 -11.84 1.15 -21.59
N SER C 277 -11.24 0.61 -22.63
CA SER C 277 -10.47 1.44 -23.58
C SER C 277 -10.73 1.02 -25.01
N THR C 278 -10.70 2.02 -25.92
CA THR C 278 -10.97 1.81 -27.32
C THR C 278 -9.98 0.81 -27.86
N SER C 279 -10.46 -0.09 -28.73
CA SER C 279 -9.58 -1.06 -29.34
C SER C 279 -8.65 -0.38 -30.35
N LEU C 280 -7.50 -1.03 -30.61
CA LEU C 280 -6.52 -0.51 -31.57
C LEU C 280 -7.17 -0.25 -32.92
N PRO C 281 -6.73 0.77 -33.64
CA PRO C 281 -7.27 1.00 -34.96
C PRO C 281 -7.04 -0.20 -35.86
N PRO C 282 -8.05 -0.61 -36.63
CA PRO C 282 -7.84 -1.76 -37.55
C PRO C 282 -6.59 -1.67 -38.45
N ALA C 283 -6.27 -0.46 -38.93
CA ALA C 283 -5.05 -0.23 -39.75
C ALA C 283 -3.75 -0.56 -39.01
N ILE C 284 -3.72 -0.26 -37.72
CA ILE C 284 -2.58 -0.61 -36.86
C ILE C 284 -2.48 -2.13 -36.70
N ALA C 285 -3.61 -2.77 -36.46
CA ALA C 285 -3.67 -4.21 -36.33
C ALA C 285 -3.26 -4.92 -37.64
N ALA C 286 -3.70 -4.36 -38.78
CA ALA C 286 -3.35 -4.86 -40.11
C ALA C 286 -1.83 -4.82 -40.36
N GLY C 287 -1.26 -3.64 -40.13
CA GLY C 287 0.19 -3.41 -40.25
C GLY C 287 1.00 -4.34 -39.36
N ALA C 288 0.59 -4.44 -38.13
CA ALA C 288 1.28 -5.30 -37.12
C ALA C 288 1.24 -6.76 -37.54
N GLN C 289 0.09 -7.21 -37.97
CA GLN C 289 -0.06 -8.60 -38.38
C GLN C 289 0.83 -8.96 -39.58
N ALA C 290 0.84 -8.06 -40.56
CA ALA C 290 1.68 -8.17 -41.80
C ALA C 290 3.16 -8.20 -41.42
N SER C 291 3.52 -7.39 -40.43
CA SER C 291 4.93 -7.35 -39.93
C SER C 291 5.33 -8.66 -39.24
N ILE C 292 4.46 -9.17 -38.39
CA ILE C 292 4.71 -10.42 -37.68
C ILE C 292 4.88 -11.56 -38.66
N ALA C 293 3.94 -11.62 -39.61
CA ALA C 293 3.96 -12.71 -40.64
C ALA C 293 5.19 -12.66 -41.50
N PHE C 294 5.59 -11.47 -41.93
CA PHE C 294 6.82 -11.31 -42.71
C PHE C 294 8.05 -11.77 -41.92
N LEU C 295 8.16 -11.32 -40.67
CA LEU C 295 9.30 -11.66 -39.85
C LEU C 295 9.38 -13.15 -39.48
N LYS C 296 8.28 -13.89 -39.57
CA LYS C 296 8.31 -15.34 -39.37
C LYS C 296 8.97 -16.07 -40.53
N THR C 297 9.15 -15.38 -41.66
CA THR C 297 9.70 -16.00 -42.87
C THR C 297 11.22 -15.95 -42.95
N ALA C 298 11.77 -16.68 -43.92
CA ALA C 298 13.22 -16.71 -44.23
C ALA C 298 13.74 -15.30 -44.61
N GLU C 299 12.89 -14.52 -45.28
CA GLU C 299 13.20 -13.10 -45.60
C GLU C 299 13.32 -12.26 -44.33
N GLY C 300 12.45 -12.55 -43.36
CA GLY C 300 12.56 -11.97 -42.06
C GLY C 300 13.84 -12.33 -41.36
N GLN C 301 14.27 -13.58 -41.50
CA GLN C 301 15.52 -14.05 -40.88
C GLN C 301 16.72 -13.26 -41.40
N LYS C 302 16.65 -12.86 -42.67
CA LYS C 302 17.73 -12.07 -43.28
C LYS C 302 17.92 -10.73 -42.54
N LEU C 303 16.82 -10.11 -42.11
N LEU C 303 16.80 -10.09 -42.15
CA LEU C 303 16.88 -8.84 -41.34
CA LEU C 303 16.82 -8.84 -41.33
C LEU C 303 17.48 -9.01 -39.96
C LEU C 303 17.50 -9.03 -39.98
N ARG C 304 17.17 -10.12 -39.30
CA ARG C 304 17.76 -10.48 -37.99
C ARG C 304 19.26 -10.71 -38.08
N ASP C 305 19.67 -11.47 -39.11
CA ASP C 305 21.10 -11.75 -39.39
C ASP C 305 21.86 -10.44 -39.61
N ALA C 306 21.26 -9.53 -40.38
CA ALA C 306 21.88 -8.21 -40.67
C ALA C 306 22.00 -7.35 -39.39
N GLN C 307 20.96 -7.34 -38.61
CA GLN C 307 20.97 -6.61 -37.35
C GLN C 307 22.09 -7.09 -36.44
N GLN C 308 22.18 -8.40 -36.26
CA GLN C 308 23.19 -9.00 -35.38
C GLN C 308 24.59 -8.74 -35.88
N MET C 309 24.76 -8.79 -37.15
CA MET C 309 26.05 -8.57 -37.73
C MET C 309 26.45 -7.08 -37.50
N HIS C 310 25.57 -6.13 -37.85
CA HIS C 310 25.82 -4.68 -37.63
C HIS C 310 26.12 -4.33 -36.19
N ALA C 311 25.33 -4.93 -35.28
CA ALA C 311 25.53 -4.77 -33.85
C ALA C 311 26.92 -5.22 -33.47
N LYS C 312 27.26 -6.44 -33.90
N LYS C 312 27.29 -6.41 -33.91
CA LYS C 312 28.60 -7.06 -33.71
CA LYS C 312 28.61 -6.98 -33.61
C LYS C 312 29.74 -6.11 -34.11
C LYS C 312 29.78 -6.13 -34.13
N VAL C 313 29.66 -5.58 -35.35
CA VAL C 313 30.69 -4.65 -35.93
C VAL C 313 30.75 -3.31 -35.15
N LEU C 314 29.58 -2.71 -34.86
CA LEU C 314 29.58 -1.46 -34.10
C LEU C 314 30.34 -1.64 -32.75
N LYS C 315 30.02 -2.73 -32.09
CA LYS C 315 30.65 -3.06 -30.82
C LYS C 315 32.16 -3.20 -30.93
N MET C 316 32.61 -3.96 -31.93
CA MET C 316 34.04 -4.12 -32.16
C MET C 316 34.77 -2.78 -32.44
N ARG C 317 34.16 -1.92 -33.26
CA ARG C 317 34.71 -0.58 -33.58
C ARG C 317 34.80 0.35 -32.37
N LEU C 318 33.80 0.33 -31.50
N LEU C 318 33.80 0.33 -31.50
CA LEU C 318 33.81 1.17 -30.29
C LEU C 318 34.82 0.66 -29.29
N LYS C 319 34.83 -0.65 -29.08
CA LYS C 319 35.86 -1.26 -28.17
C LYS C 319 37.27 -0.89 -28.64
N ALA C 320 37.46 -0.89 -29.98
CA ALA C 320 38.75 -0.50 -30.58
C ALA C 320 39.16 0.97 -30.24
N LEU C 321 38.19 1.82 -29.92
CA LEU C 321 38.43 3.18 -29.46
C LEU C 321 38.79 3.37 -27.95
N GLY C 322 37.99 2.88 -27.01
N GLY C 322 37.98 2.93 -27.00
CA GLY C 322 38.26 3.17 -25.58
CA GLY C 322 38.26 3.26 -25.58
C GLY C 322 36.94 3.44 -24.94
C GLY C 322 36.92 3.55 -24.98
N MET C 323 35.94 3.44 -25.82
N MET C 323 35.93 3.26 -25.80
CA MET C 323 34.58 3.64 -25.41
CA MET C 323 34.57 3.49 -25.43
C MET C 323 34.21 2.58 -24.36
C MET C 323 34.20 2.51 -24.34
N PRO C 324 33.62 3.02 -23.23
CA PRO C 324 33.17 2.14 -22.17
C PRO C 324 31.86 1.48 -22.62
N ILE C 325 32.00 0.42 -23.41
N ILE C 325 31.99 0.40 -23.40
CA ILE C 325 30.87 -0.32 -23.94
CA ILE C 325 30.86 -0.31 -23.96
C ILE C 325 30.63 -1.56 -23.08
C ILE C 325 30.62 -1.57 -23.14
N ILE C 326 29.37 -1.74 -22.70
CA ILE C 326 28.96 -2.90 -21.93
C ILE C 326 28.39 -3.87 -22.96
N ASP C 327 29.07 -5.01 -23.12
CA ASP C 327 28.71 -6.00 -24.15
C ASP C 327 28.22 -7.33 -23.55
N HIS C 328 26.90 -7.46 -23.48
CA HIS C 328 26.23 -8.67 -23.00
C HIS C 328 25.76 -9.60 -24.13
N GLY C 329 26.17 -9.31 -25.38
CA GLY C 329 25.89 -10.19 -26.54
C GLY C 329 24.52 -10.00 -27.24
N SER C 330 23.87 -8.88 -27.01
CA SER C 330 22.59 -8.59 -27.70
C SER C 330 22.79 -7.53 -28.80
N HIS C 331 21.67 -7.14 -29.41
CA HIS C 331 21.62 -6.11 -30.47
C HIS C 331 21.75 -4.67 -29.94
N ILE C 332 21.65 -4.55 -28.63
CA ILE C 332 21.70 -3.27 -27.90
C ILE C 332 23.16 -2.92 -27.55
N VAL C 333 23.52 -1.67 -27.82
CA VAL C 333 24.89 -1.21 -27.64
C VAL C 333 24.97 0.01 -26.71
N PRO C 334 25.03 -0.25 -25.40
CA PRO C 334 25.13 0.86 -24.46
C PRO C 334 26.53 1.37 -24.22
N VAL C 335 26.69 2.69 -24.24
CA VAL C 335 27.96 3.37 -23.91
C VAL C 335 27.60 4.18 -22.64
N VAL C 336 28.11 3.70 -21.50
N VAL C 336 28.12 3.70 -21.50
CA VAL C 336 27.82 4.26 -20.18
CA VAL C 336 27.80 4.27 -20.20
C VAL C 336 28.74 5.45 -19.87
C VAL C 336 28.74 5.44 -19.86
N ILE C 337 28.14 6.62 -19.62
CA ILE C 337 28.87 7.85 -19.29
C ILE C 337 28.96 8.02 -17.76
N GLY C 338 27.89 7.72 -17.02
CA GLY C 338 27.91 7.75 -15.56
C GLY C 338 27.46 9.04 -14.90
N ASP C 339 27.08 10.03 -15.71
CA ASP C 339 26.67 11.35 -15.22
C ASP C 339 25.62 11.92 -16.19
N PRO C 340 24.46 12.37 -15.66
CA PRO C 340 23.37 12.79 -16.55
C PRO C 340 23.68 14.03 -17.38
N VAL C 341 24.33 15.00 -16.77
CA VAL C 341 24.70 16.25 -17.45
C VAL C 341 25.74 16.04 -18.58
N HIS C 342 26.77 15.22 -18.30
N HIS C 342 26.76 15.23 -18.29
CA HIS C 342 27.81 14.90 -19.31
CA HIS C 342 27.79 14.92 -19.29
C HIS C 342 27.22 14.07 -20.46
C HIS C 342 27.19 14.11 -20.46
N THR C 343 26.29 13.19 -20.13
CA THR C 343 25.62 12.35 -21.15
C THR C 343 24.83 13.26 -22.12
N LYS C 344 24.08 14.21 -21.56
CA LYS C 344 23.36 15.18 -22.39
C LYS C 344 24.32 16.00 -23.25
N ALA C 345 25.42 16.43 -22.68
CA ALA C 345 26.43 17.25 -23.40
C ALA C 345 27.01 16.49 -24.58
N VAL C 346 27.37 15.24 -24.36
CA VAL C 346 27.91 14.36 -25.44
C VAL C 346 26.83 14.17 -26.53
N SER C 347 25.62 13.88 -26.08
CA SER C 347 24.49 13.71 -26.99
C SER C 347 24.22 14.96 -27.82
N ASP C 348 24.25 16.12 -27.14
CA ASP C 348 23.99 17.41 -27.81
C ASP C 348 25.03 17.69 -28.90
N MET C 349 26.30 17.50 -28.56
CA MET C 349 27.39 17.66 -29.52
C MET C 349 27.29 16.71 -30.70
N LEU C 350 27.00 15.45 -30.43
CA LEU C 350 26.80 14.45 -31.51
C LEU C 350 25.70 14.89 -32.50
N LEU C 351 24.62 15.40 -31.94
CA LEU C 351 23.50 15.83 -32.76
C LEU C 351 23.83 17.05 -33.57
N SER C 352 24.23 18.12 -32.89
CA SER C 352 24.40 19.44 -33.56
C SER C 352 25.60 19.57 -34.50
N ASP C 353 26.71 18.94 -34.12
N ASP C 353 26.73 18.97 -34.13
CA ASP C 353 27.96 18.99 -34.87
CA ASP C 353 27.96 19.04 -34.93
C ASP C 353 28.04 17.90 -35.95
C ASP C 353 28.20 17.85 -35.88
N TYR C 354 27.56 16.70 -35.62
CA TYR C 354 27.75 15.49 -36.48
C TYR C 354 26.50 14.85 -37.07
N GLY C 355 25.32 15.31 -36.68
CA GLY C 355 24.06 14.76 -37.24
C GLY C 355 23.74 13.35 -36.76
N VAL C 356 24.31 12.99 -35.63
CA VAL C 356 24.11 11.71 -34.98
C VAL C 356 23.14 11.91 -33.83
N TYR C 357 22.01 11.21 -33.91
CA TYR C 357 21.01 11.30 -32.88
C TYR C 357 20.97 10.08 -31.97
N VAL C 358 21.45 10.28 -30.75
CA VAL C 358 21.47 9.27 -29.69
C VAL C 358 21.02 9.96 -28.36
N GLN C 359 19.76 9.75 -27.99
CA GLN C 359 19.19 10.44 -26.81
C GLN C 359 19.93 10.08 -25.50
N PRO C 360 20.22 11.10 -24.67
CA PRO C 360 20.82 10.80 -23.41
C PRO C 360 19.82 10.09 -22.51
N ILE C 361 20.25 8.93 -21.99
CA ILE C 361 19.40 8.09 -21.11
C ILE C 361 19.75 8.27 -19.64
N ASN C 362 18.75 8.68 -18.86
CA ASN C 362 18.96 8.95 -17.42
C ASN C 362 17.87 8.36 -16.50
N PHE C 363 17.98 8.62 -15.21
CA PHE C 363 16.97 8.22 -14.22
C PHE C 363 15.62 8.89 -14.59
N PRO C 364 14.47 8.16 -14.51
CA PRO C 364 14.23 6.81 -14.00
C PRO C 364 14.36 5.64 -14.95
N THR C 365 14.86 5.86 -16.15
CA THR C 365 15.00 4.79 -17.15
C THR C 365 16.16 3.84 -16.80
N VAL C 366 17.22 4.42 -16.25
CA VAL C 366 18.38 3.67 -15.77
C VAL C 366 18.74 4.17 -14.36
N PRO C 367 19.41 3.32 -13.54
CA PRO C 367 19.77 3.80 -12.22
C PRO C 367 20.70 5.02 -12.25
N ARG C 368 20.55 5.86 -11.23
CA ARG C 368 21.41 7.03 -11.05
C ARG C 368 22.88 6.61 -11.12
N GLY C 369 23.71 7.41 -11.77
CA GLY C 369 25.15 7.09 -11.93
C GLY C 369 25.50 6.10 -13.05
N THR C 370 24.48 5.59 -13.74
CA THR C 370 24.65 4.67 -14.88
C THR C 370 24.07 5.30 -16.16
N GLU C 371 24.07 6.63 -16.23
CA GLU C 371 23.50 7.36 -17.36
C GLU C 371 24.32 7.05 -18.61
N ARG C 372 23.64 6.98 -19.75
CA ARG C 372 24.28 6.41 -20.92
C ARG C 372 23.65 6.81 -22.21
N LEU C 373 24.41 6.50 -23.27
CA LEU C 373 23.97 6.56 -24.65
C LEU C 373 23.64 5.13 -25.05
N ARG C 374 22.52 4.94 -25.72
CA ARG C 374 22.09 3.61 -26.12
C ARG C 374 21.90 3.48 -27.62
N PHE C 375 22.91 2.91 -28.28
CA PHE C 375 22.87 2.67 -29.69
C PHE C 375 22.12 1.40 -30.05
N THR C 376 21.30 1.52 -31.09
CA THR C 376 20.45 0.45 -31.57
C THR C 376 20.70 0.20 -33.07
N PRO C 377 21.87 -0.41 -33.42
CA PRO C 377 22.16 -0.60 -34.84
C PRO C 377 21.15 -1.54 -35.45
N SER C 378 20.71 -1.21 -36.65
CA SER C 378 19.67 -1.95 -37.35
C SER C 378 20.21 -2.47 -38.69
N PRO C 379 19.40 -3.25 -39.43
CA PRO C 379 19.79 -3.64 -40.79
C PRO C 379 19.96 -2.47 -41.75
N VAL C 380 19.32 -1.34 -41.49
CA VAL C 380 19.47 -0.14 -42.35
C VAL C 380 20.70 0.74 -42.00
N HIS C 381 21.28 0.53 -40.84
CA HIS C 381 22.56 1.13 -40.51
C HIS C 381 23.67 0.28 -41.13
N ASP C 382 24.05 0.60 -42.39
CA ASP C 382 25.13 -0.10 -43.12
C ASP C 382 26.51 0.15 -42.49
N LEU C 383 27.50 -0.63 -42.91
CA LEU C 383 28.84 -0.48 -42.38
C LEU C 383 29.47 0.92 -42.60
N LYS C 384 29.08 1.66 -43.67
CA LYS C 384 29.50 3.07 -43.99
C LYS C 384 28.93 4.08 -42.97
N GLN C 385 27.74 3.78 -42.46
CA GLN C 385 27.10 4.60 -41.41
C GLN C 385 27.75 4.32 -40.08
N ILE C 386 28.06 3.05 -39.88
CA ILE C 386 28.76 2.63 -38.67
C ILE C 386 30.16 3.31 -38.63
N ASP C 387 30.82 3.41 -39.78
CA ASP C 387 32.12 4.08 -39.90
C ASP C 387 31.99 5.56 -39.57
N GLY C 388 30.97 6.19 -40.14
CA GLY C 388 30.69 7.61 -39.88
C GLY C 388 30.43 7.89 -38.43
N LEU C 389 29.67 7.01 -37.79
CA LEU C 389 29.39 7.13 -36.32
C LEU C 389 30.67 7.01 -35.48
N VAL C 390 31.43 5.94 -35.73
CA VAL C 390 32.68 5.65 -34.99
C VAL C 390 33.70 6.82 -35.11
N HIS C 391 33.80 7.40 -36.30
CA HIS C 391 34.64 8.59 -36.59
C HIS C 391 34.21 9.84 -35.82
N ALA C 392 32.92 10.10 -35.82
CA ALA C 392 32.31 11.20 -35.04
C ALA C 392 32.60 11.06 -33.53
N MET C 393 32.46 9.83 -33.03
CA MET C 393 32.73 9.52 -31.60
C MET C 393 34.20 9.73 -31.23
N ASP C 394 35.08 9.32 -32.14
CA ASP C 394 36.54 9.45 -31.98
C ASP C 394 36.93 10.95 -31.93
N LEU C 395 36.42 11.69 -32.92
CA LEU C 395 36.63 13.15 -33.04
C LEU C 395 36.13 13.88 -31.80
N LEU C 396 34.98 13.43 -31.30
CA LEU C 396 34.35 14.01 -30.13
C LEU C 396 35.19 13.86 -28.87
N TRP C 397 35.85 12.71 -28.72
CA TRP C 397 36.80 12.56 -27.60
C TRP C 397 38.19 13.17 -27.96
N ASP D 2 -3.66 -25.44 -8.04
CA ASP D 2 -4.16 -25.58 -9.45
C ASP D 2 -4.60 -24.24 -10.01
N TYR D 3 -3.75 -23.70 -10.86
CA TYR D 3 -3.99 -22.43 -11.53
C TYR D 3 -5.15 -22.53 -12.50
N ASN D 4 -5.27 -23.69 -13.16
CA ASN D 4 -6.36 -23.92 -14.12
C ASN D 4 -7.75 -24.00 -13.50
N LEU D 5 -7.82 -24.58 -12.31
CA LEU D 5 -9.07 -24.61 -11.54
C LEU D 5 -9.52 -23.21 -11.20
N ALA D 6 -8.58 -22.40 -10.73
CA ALA D 6 -8.85 -21.01 -10.34
C ALA D 6 -9.39 -20.18 -11.50
N LEU D 7 -8.78 -20.38 -12.66
CA LEU D 7 -9.19 -19.72 -13.92
C LEU D 7 -10.60 -20.18 -14.33
N ASP D 8 -10.84 -21.49 -14.24
CA ASP D 8 -12.16 -22.06 -14.54
C ASP D 8 -13.23 -21.45 -13.63
N LYS D 9 -12.94 -21.37 -12.33
CA LYS D 9 -13.84 -20.70 -11.33
C LYS D 9 -14.15 -19.24 -11.64
N ALA D 10 -13.12 -18.50 -12.00
CA ALA D 10 -13.24 -17.07 -12.30
C ALA D 10 -14.15 -16.85 -13.51
N ILE D 11 -13.96 -17.71 -14.52
CA ILE D 11 -14.77 -17.67 -15.75
C ILE D 11 -16.21 -18.15 -15.48
N GLN D 12 -16.36 -19.21 -14.69
N GLN D 12 -16.33 -19.21 -14.67
CA GLN D 12 -17.70 -19.73 -14.36
CA GLN D 12 -17.66 -19.75 -14.29
C GLN D 12 -18.51 -18.67 -13.57
C GLN D 12 -18.50 -18.69 -13.56
N LYS D 13 -17.85 -17.93 -12.68
CA LYS D 13 -18.52 -16.81 -11.90
C LYS D 13 -19.23 -15.80 -12.83
N LEU D 14 -18.60 -15.51 -13.95
CA LEU D 14 -19.17 -14.62 -14.97
C LEU D 14 -20.41 -15.17 -15.61
N HIS D 15 -20.37 -16.46 -15.99
CA HIS D 15 -21.52 -17.17 -16.56
C HIS D 15 -22.66 -17.20 -15.55
N ASP D 16 -22.33 -17.56 -14.31
CA ASP D 16 -23.31 -17.63 -13.16
C ASP D 16 -24.00 -16.30 -12.88
N GLU D 17 -23.26 -15.21 -13.07
CA GLU D 17 -23.79 -13.84 -12.92
C GLU D 17 -24.45 -13.30 -14.22
N GLY D 18 -24.38 -14.08 -15.30
CA GLY D 18 -25.03 -13.74 -16.58
C GLY D 18 -24.33 -12.62 -17.33
N ARG D 19 -23.12 -12.30 -16.88
CA ARG D 19 -22.36 -11.17 -17.41
C ARG D 19 -21.12 -11.56 -18.29
N TYR D 20 -21.03 -12.84 -18.66
CA TYR D 20 -19.94 -13.26 -19.53
C TYR D 20 -20.23 -12.61 -20.86
N ARG D 21 -19.21 -12.02 -21.44
CA ARG D 21 -19.37 -11.24 -22.64
C ARG D 21 -18.90 -11.91 -23.90
N THR D 22 -19.79 -11.95 -24.89
CA THR D 22 -19.50 -12.46 -26.23
C THR D 22 -19.32 -11.27 -27.17
N PHE D 23 -18.13 -11.17 -27.73
CA PHE D 23 -17.84 -10.12 -28.70
C PHE D 23 -18.37 -10.42 -30.11
N ILE D 24 -18.77 -9.34 -30.79
CA ILE D 24 -19.33 -9.39 -32.16
C ILE D 24 -18.24 -8.89 -33.09
N ASP D 25 -17.88 -9.72 -34.04
CA ASP D 25 -16.82 -9.43 -35.01
C ASP D 25 -17.41 -8.70 -36.21
N ILE D 26 -17.03 -7.43 -36.35
CA ILE D 26 -17.51 -6.60 -37.45
C ILE D 26 -16.42 -5.92 -38.23
N GLU D 27 -16.77 -5.48 -39.45
CA GLU D 27 -15.90 -4.65 -40.29
C GLU D 27 -16.74 -3.52 -40.82
N ARG D 28 -16.55 -2.30 -40.26
CA ARG D 28 -17.32 -1.15 -40.76
C ARG D 28 -16.95 -0.86 -42.22
N GLU D 29 -17.93 -0.43 -43.00
CA GLU D 29 -17.69 -0.17 -44.41
C GLU D 29 -17.41 1.31 -44.64
N LYS D 30 -16.14 1.62 -44.81
CA LYS D 30 -15.69 3.00 -44.96
C LYS D 30 -16.40 3.61 -46.16
N GLY D 31 -17.00 4.77 -45.95
CA GLY D 31 -17.71 5.48 -47.01
C GLY D 31 -19.21 5.18 -46.99
N ALA D 32 -19.61 4.21 -46.18
CA ALA D 32 -21.02 3.81 -46.07
C ALA D 32 -21.42 3.65 -44.64
N PHE D 33 -20.76 4.34 -43.69
CA PHE D 33 -21.16 4.23 -42.29
C PHE D 33 -22.65 4.65 -42.25
N PRO D 34 -23.45 4.05 -41.34
CA PRO D 34 -23.17 3.11 -40.24
C PRO D 34 -23.23 1.61 -40.64
N LYS D 35 -23.13 1.31 -41.94
N LYS D 35 -23.11 1.32 -41.93
CA LYS D 35 -23.08 -0.05 -42.47
CA LYS D 35 -23.14 -0.05 -42.44
C LYS D 35 -21.81 -0.77 -42.01
C LYS D 35 -21.82 -0.78 -42.07
N ALA D 36 -21.96 -2.04 -41.69
CA ALA D 36 -20.82 -2.91 -41.36
C ALA D 36 -21.13 -4.32 -41.85
N GLN D 37 -20.07 -5.11 -42.00
CA GLN D 37 -20.18 -6.53 -42.27
C GLN D 37 -20.03 -7.23 -40.93
N TRP D 38 -21.01 -8.07 -40.58
CA TRP D 38 -20.92 -8.92 -39.39
C TRP D 38 -20.39 -10.29 -39.80
N ASN D 39 -19.26 -10.65 -39.21
CA ASN D 39 -18.61 -11.94 -39.43
C ASN D 39 -19.19 -12.87 -38.39
N ARG D 40 -20.19 -13.65 -38.79
CA ARG D 40 -20.91 -14.49 -37.86
C ARG D 40 -20.12 -15.69 -37.40
N PRO D 41 -20.48 -16.22 -36.22
CA PRO D 41 -19.82 -17.43 -35.72
C PRO D 41 -19.94 -18.69 -36.64
N ASP D 42 -20.99 -18.77 -37.46
CA ASP D 42 -21.15 -19.88 -38.40
C ASP D 42 -20.23 -19.74 -39.67
N GLY D 43 -19.46 -18.64 -39.74
CA GLY D 43 -18.56 -18.38 -40.87
C GLY D 43 -19.19 -17.52 -41.94
N GLY D 44 -20.45 -17.18 -41.76
CA GLY D 44 -21.18 -16.35 -42.69
C GLY D 44 -20.87 -14.89 -42.52
N LYS D 45 -21.33 -14.12 -43.49
CA LYS D 45 -21.15 -12.66 -43.51
C LYS D 45 -22.48 -12.02 -43.78
N GLN D 46 -22.83 -11.04 -42.95
CA GLN D 46 -24.14 -10.38 -43.03
C GLN D 46 -23.97 -8.87 -42.87
N ASP D 47 -24.60 -8.10 -43.78
CA ASP D 47 -24.61 -6.65 -43.63
C ASP D 47 -25.47 -6.26 -42.43
N ILE D 48 -24.94 -5.36 -41.63
CA ILE D 48 -25.64 -4.86 -40.45
C ILE D 48 -25.50 -3.35 -40.36
N THR D 49 -26.32 -2.77 -39.50
CA THR D 49 -26.23 -1.36 -39.14
C THR D 49 -25.71 -1.27 -37.73
N VAL D 50 -24.60 -0.57 -37.56
CA VAL D 50 -24.03 -0.34 -36.24
C VAL D 50 -24.83 0.79 -35.54
N TRP D 51 -25.34 0.49 -34.35
CA TRP D 51 -26.16 1.42 -33.58
C TRP D 51 -25.63 1.76 -32.19
N CYS D 52 -24.49 1.24 -31.83
CA CYS D 52 -23.94 1.35 -30.50
C CYS D 52 -22.45 1.81 -30.43
N GLY D 53 -21.89 2.24 -31.56
CA GLY D 53 -20.50 2.66 -31.58
C GLY D 53 -20.25 4.03 -30.99
N ASN D 54 -18.97 4.32 -30.79
CA ASN D 54 -18.53 5.60 -30.22
C ASN D 54 -17.92 6.59 -31.22
N ASP D 55 -17.92 6.20 -32.49
CA ASP D 55 -17.49 7.10 -33.56
C ASP D 55 -18.71 7.95 -33.89
N TYR D 56 -19.05 8.80 -32.94
CA TYR D 56 -20.31 9.51 -32.88
C TYR D 56 -20.69 10.37 -34.05
N LEU D 57 -19.70 10.98 -34.69
CA LEU D 57 -19.94 11.91 -35.82
C LEU D 57 -19.56 11.38 -37.18
N GLY D 58 -19.22 10.09 -37.23
CA GLY D 58 -18.76 9.46 -38.45
C GLY D 58 -17.40 9.95 -38.95
N MET D 59 -16.58 10.50 -38.07
CA MET D 59 -15.26 11.04 -38.48
C MET D 59 -14.27 9.98 -38.89
N GLY D 60 -14.52 8.74 -38.49
CA GLY D 60 -13.66 7.62 -38.90
C GLY D 60 -13.57 7.37 -40.40
N GLN D 61 -14.58 7.83 -41.15
CA GLN D 61 -14.60 7.75 -42.60
C GLN D 61 -14.41 9.13 -43.27
N HIS D 62 -14.13 10.17 -42.51
CA HIS D 62 -14.04 11.51 -43.09
C HIS D 62 -12.80 11.61 -43.99
N PRO D 63 -12.98 12.14 -45.23
CA PRO D 63 -11.84 12.24 -46.15
C PRO D 63 -10.66 13.09 -45.69
N VAL D 64 -10.89 14.13 -44.91
CA VAL D 64 -9.78 14.96 -44.40
C VAL D 64 -8.94 14.23 -43.37
N VAL D 65 -9.60 13.44 -42.54
CA VAL D 65 -8.92 12.59 -41.58
C VAL D 65 -8.08 11.55 -42.33
N LEU D 66 -8.74 10.81 -43.19
CA LEU D 66 -8.05 9.71 -43.92
C LEU D 66 -6.92 10.19 -44.78
N ALA D 67 -7.13 11.31 -45.49
CA ALA D 67 -6.08 11.91 -46.32
C ALA D 67 -4.83 12.20 -45.48
N ALA D 68 -5.03 12.83 -44.33
CA ALA D 68 -3.93 13.14 -43.42
C ALA D 68 -3.17 11.90 -42.97
N MET D 69 -3.92 10.82 -42.70
CA MET D 69 -3.32 9.52 -42.26
C MET D 69 -2.51 8.86 -43.35
N HIS D 70 -3.07 8.81 -44.55
CA HIS D 70 -2.37 8.26 -45.73
C HIS D 70 -1.05 8.99 -46.04
N GLU D 71 -1.13 10.32 -45.98
CA GLU D 71 0.03 11.22 -46.18
C GLU D 71 1.11 10.99 -45.15
N ALA D 72 0.71 10.89 -43.89
CA ALA D 72 1.69 10.68 -42.80
C ALA D 72 2.41 9.34 -42.94
N LEU D 73 1.65 8.30 -43.28
CA LEU D 73 2.27 6.96 -43.49
C LEU D 73 3.34 7.00 -44.60
N GLU D 74 3.08 7.72 -45.68
N GLU D 74 3.05 7.73 -45.69
CA GLU D 74 4.02 7.80 -46.76
CA GLU D 74 3.95 7.89 -46.87
C GLU D 74 5.16 8.80 -46.50
C GLU D 74 5.16 8.76 -46.47
N ALA D 75 4.94 9.75 -45.60
CA ALA D 75 6.01 10.68 -45.18
C ALA D 75 6.97 10.05 -44.16
N VAL D 76 6.42 9.47 -43.09
CA VAL D 76 7.27 8.99 -41.95
C VAL D 76 7.17 7.52 -41.56
N GLY D 77 6.23 6.81 -42.18
CA GLY D 77 6.05 5.39 -41.94
C GLY D 77 5.01 5.02 -40.93
N ALA D 78 5.03 3.74 -40.56
CA ALA D 78 3.94 3.07 -39.74
C ALA D 78 3.82 3.47 -38.29
N GLY D 79 4.94 3.69 -37.66
CA GLY D 79 4.97 4.08 -36.24
C GLY D 79 6.06 5.13 -35.98
N SER D 80 6.18 5.53 -34.71
CA SER D 80 7.19 6.54 -34.31
C SER D 80 8.55 5.90 -34.07
N GLY D 81 8.52 4.65 -33.66
CA GLY D 81 9.76 3.90 -33.37
C GLY D 81 10.35 4.21 -32.02
N GLY D 82 9.64 4.95 -31.19
CA GLY D 82 10.13 5.16 -29.84
C GLY D 82 9.20 5.87 -28.91
N THR D 83 9.70 6.00 -27.69
CA THR D 83 9.04 6.77 -26.64
C THR D 83 9.28 8.25 -26.96
N ARG D 84 8.54 9.13 -26.29
CA ARG D 84 8.71 10.59 -26.49
C ARG D 84 10.13 11.05 -26.22
N ASN D 85 10.74 10.43 -25.22
CA ASN D 85 12.12 10.73 -24.85
C ASN D 85 13.13 10.17 -25.89
N ILE D 86 12.90 8.95 -26.33
CA ILE D 86 13.86 8.26 -27.23
C ILE D 86 13.34 8.09 -28.67
N SER D 87 13.51 9.14 -29.47
CA SER D 87 13.23 9.17 -30.93
C SER D 87 11.76 9.21 -31.36
N GLY D 88 10.83 9.18 -30.40
CA GLY D 88 9.37 9.13 -30.69
C GLY D 88 8.63 10.47 -30.59
N THR D 89 9.35 11.56 -30.34
CA THR D 89 8.76 12.91 -30.40
C THR D 89 8.94 13.45 -31.83
N THR D 90 7.80 13.67 -32.49
CA THR D 90 7.76 14.16 -33.86
C THR D 90 6.90 15.41 -33.95
N ALA D 91 7.06 16.11 -35.08
CA ALA D 91 6.28 17.30 -35.41
C ALA D 91 4.77 17.03 -35.32
N TYR D 92 4.37 15.81 -35.67
CA TYR D 92 2.95 15.41 -35.63
C TYR D 92 2.39 15.44 -34.21
N HIS D 93 3.18 14.99 -33.22
N HIS D 93 3.19 15.00 -33.23
CA HIS D 93 2.75 14.97 -31.80
CA HIS D 93 2.76 14.97 -31.81
C HIS D 93 2.66 16.39 -31.30
C HIS D 93 2.68 16.37 -31.28
N ARG D 94 3.67 17.20 -31.60
CA ARG D 94 3.68 18.63 -31.20
C ARG D 94 2.58 19.50 -31.80
N ARG D 95 2.32 19.32 -33.09
CA ARG D 95 1.19 19.96 -33.77
C ARG D 95 -0.15 19.47 -33.16
N LEU D 96 -0.25 18.18 -32.88
CA LEU D 96 -1.47 17.64 -32.24
C LEU D 96 -1.73 18.25 -30.84
N GLU D 97 -0.69 18.22 -30.01
CA GLU D 97 -0.74 18.81 -28.68
C GLU D 97 -1.12 20.28 -28.75
N ALA D 98 -0.57 21.00 -29.72
CA ALA D 98 -0.94 22.42 -29.91
C ALA D 98 -2.41 22.60 -30.28
N GLU D 99 -2.93 21.69 -31.11
N GLU D 99 -2.94 21.74 -31.14
CA GLU D 99 -4.35 21.73 -31.54
CA GLU D 99 -4.38 21.84 -31.54
C GLU D 99 -5.30 21.53 -30.36
C GLU D 99 -5.35 21.50 -30.38
N ILE D 100 -4.93 20.58 -29.51
CA ILE D 100 -5.70 20.21 -28.32
C ILE D 100 -5.68 21.32 -27.28
N ALA D 101 -4.47 21.84 -27.02
CA ALA D 101 -4.32 22.96 -26.07
C ALA D 101 -5.21 24.15 -26.52
N GLY D 102 -5.16 24.45 -27.84
CA GLY D 102 -6.00 25.47 -28.47
C GLY D 102 -7.50 25.19 -28.36
N LEU D 103 -7.88 23.93 -28.53
CA LEU D 103 -9.28 23.49 -28.33
C LEU D 103 -9.79 23.86 -26.93
N HIS D 104 -9.02 23.46 -25.91
N HIS D 104 -9.03 23.47 -25.91
CA HIS D 104 -9.38 23.76 -24.52
CA HIS D 104 -9.40 23.79 -24.53
C HIS D 104 -8.97 25.14 -23.98
C HIS D 104 -8.97 25.15 -23.98
N GLN D 105 -8.39 26.00 -24.85
CA GLN D 105 -7.86 27.33 -24.47
C GLN D 105 -6.90 27.26 -23.26
N LYS D 106 -6.04 26.24 -23.31
CA LYS D 106 -5.06 25.98 -22.29
C LYS D 106 -3.68 26.23 -22.86
N GLU D 107 -2.71 26.46 -21.98
CA GLU D 107 -1.31 26.69 -22.39
C GLU D 107 -0.66 25.50 -23.07
N ALA D 108 -1.02 24.32 -22.61
CA ALA D 108 -0.35 23.10 -23.05
C ALA D 108 -1.32 21.89 -23.04
N ALA D 109 -0.84 20.81 -23.68
CA ALA D 109 -1.55 19.54 -23.76
C ALA D 109 -0.56 18.43 -23.87
N LEU D 110 -1.00 17.25 -23.48
CA LEU D 110 -0.16 16.07 -23.45
C LEU D 110 -0.92 14.86 -23.95
N VAL D 111 -0.38 14.25 -25.01
CA VAL D 111 -1.00 13.07 -25.63
C VAL D 111 -0.44 11.79 -25.05
N PHE D 112 -1.35 10.86 -24.88
CA PHE D 112 -1.08 9.50 -24.37
C PHE D 112 -1.64 8.53 -25.40
N SER D 113 -1.29 7.28 -25.21
CA SER D 113 -1.79 6.17 -26.05
C SER D 113 -3.33 6.06 -26.04
N SER D 114 -3.96 6.46 -24.94
CA SER D 114 -5.42 6.43 -24.80
C SER D 114 -5.82 7.39 -23.74
N ALA D 115 -7.10 7.74 -23.73
CA ALA D 115 -7.67 8.56 -22.69
C ALA D 115 -7.68 7.77 -21.36
N TYR D 116 -7.80 6.44 -21.47
CA TYR D 116 -7.75 5.55 -20.27
C TYR D 116 -6.38 5.81 -19.55
N ASN D 117 -5.32 5.74 -20.34
CA ASN D 117 -3.95 5.99 -19.89
C ASN D 117 -3.72 7.39 -19.38
N ALA D 118 -4.31 8.37 -20.07
CA ALA D 118 -4.22 9.74 -19.65
C ALA D 118 -4.78 9.91 -18.25
N ASN D 119 -5.95 9.37 -18.02
CA ASN D 119 -6.59 9.43 -16.66
C ASN D 119 -5.82 8.67 -15.59
N ASP D 120 -5.44 7.43 -15.92
CA ASP D 120 -4.77 6.58 -14.95
C ASP D 120 -3.45 7.20 -14.53
N ALA D 121 -2.67 7.62 -15.54
CA ALA D 121 -1.33 8.19 -15.32
C ALA D 121 -1.35 9.54 -14.65
N THR D 122 -2.26 10.40 -15.07
CA THR D 122 -2.32 11.76 -14.56
C THR D 122 -2.80 11.79 -13.09
N LEU D 123 -3.92 11.14 -12.84
CA LEU D 123 -4.51 11.13 -11.47
C LEU D 123 -3.56 10.53 -10.44
N SER D 124 -2.92 9.44 -10.80
CA SER D 124 -1.97 8.77 -9.90
C SER D 124 -0.70 9.62 -9.68
N THR D 125 -0.24 10.29 -10.73
CA THR D 125 0.98 11.15 -10.64
C THR D 125 0.69 12.44 -9.85
N LEU D 126 -0.54 12.94 -9.94
CA LEU D 126 -0.93 14.12 -9.15
C LEU D 126 -0.74 13.94 -7.62
N ARG D 127 -0.90 12.72 -7.13
CA ARG D 127 -0.66 12.37 -5.74
C ARG D 127 0.82 12.46 -5.33
N VAL D 128 1.71 12.18 -6.29
CA VAL D 128 3.17 12.34 -6.14
C VAL D 128 3.53 13.86 -6.15
N LEU D 129 3.00 14.59 -7.13
CA LEU D 129 3.27 16.02 -7.28
C LEU D 129 2.69 16.90 -6.13
N PHE D 130 1.58 16.45 -5.55
CA PHE D 130 0.88 17.15 -4.46
C PHE D 130 0.75 16.22 -3.26
N PRO D 131 1.84 16.05 -2.49
CA PRO D 131 1.78 15.15 -1.34
C PRO D 131 0.63 15.46 -0.38
N GLY D 132 -0.12 14.42 0.00
CA GLY D 132 -1.31 14.56 0.85
C GLY D 132 -2.61 14.84 0.09
N LEU D 133 -2.54 14.84 -1.24
CA LEU D 133 -3.70 15.12 -2.10
C LEU D 133 -4.90 14.24 -1.75
N ILE D 134 -6.02 14.88 -1.48
CA ILE D 134 -7.29 14.19 -1.27
C ILE D 134 -8.07 14.31 -2.57
N ILE D 135 -8.37 13.17 -3.22
CA ILE D 135 -9.18 13.15 -4.45
C ILE D 135 -10.66 12.86 -4.13
N TYR D 136 -11.52 13.79 -4.56
CA TYR D 136 -12.98 13.66 -4.45
C TYR D 136 -13.50 13.20 -5.81
N SER D 137 -14.16 12.03 -5.83
CA SER D 137 -14.53 11.37 -7.07
C SER D 137 -16.01 11.01 -7.19
N ASP D 138 -16.64 11.38 -8.31
CA ASP D 138 -18.03 11.00 -8.56
C ASP D 138 -18.20 9.47 -8.54
N SER D 139 -19.25 9.05 -7.86
N SER D 139 -19.24 8.99 -7.87
CA SER D 139 -19.66 7.64 -7.73
CA SER D 139 -19.42 7.53 -7.73
C SER D 139 -19.59 6.86 -9.05
C SER D 139 -19.57 6.81 -9.08
N LEU D 140 -20.01 7.50 -10.14
CA LEU D 140 -20.10 6.87 -11.46
C LEU D 140 -18.95 7.23 -12.39
N ASN D 141 -17.81 7.66 -11.85
CA ASN D 141 -16.68 7.98 -12.69
C ASN D 141 -16.17 6.73 -13.41
N HIS D 142 -15.63 6.94 -14.62
N HIS D 142 -15.62 6.95 -14.60
CA HIS D 142 -15.04 5.88 -15.45
CA HIS D 142 -15.02 5.92 -15.44
C HIS D 142 -13.96 5.08 -14.73
C HIS D 142 -13.96 5.09 -14.72
N ALA D 143 -13.87 3.82 -15.09
CA ALA D 143 -12.88 2.91 -14.53
C ALA D 143 -11.46 3.47 -14.57
N SER D 144 -11.12 4.14 -15.68
CA SER D 144 -9.77 4.75 -15.88
C SER D 144 -9.42 5.77 -14.80
N MET D 145 -10.41 6.57 -14.46
CA MET D 145 -10.29 7.56 -13.38
C MET D 145 -10.18 6.87 -12.02
N ILE D 146 -11.09 5.95 -11.75
CA ILE D 146 -11.10 5.19 -10.49
C ILE D 146 -9.75 4.48 -10.26
N GLU D 147 -9.30 3.81 -11.31
CA GLU D 147 -8.04 3.11 -11.28
C GLU D 147 -6.84 4.04 -11.01
N GLY D 148 -6.82 5.21 -11.64
CA GLY D 148 -5.78 6.21 -11.38
C GLY D 148 -5.84 6.73 -9.96
N ILE D 149 -7.05 6.96 -9.48
CA ILE D 149 -7.29 7.46 -8.10
C ILE D 149 -6.81 6.45 -7.04
N LYS D 150 -7.15 5.18 -7.22
N LYS D 150 -7.16 5.18 -7.20
CA LYS D 150 -6.79 4.11 -6.26
CA LYS D 150 -6.77 4.12 -6.23
C LYS D 150 -5.34 3.64 -6.39
C LYS D 150 -5.34 3.62 -6.40
N ARG D 151 -4.76 3.85 -7.57
CA ARG D 151 -3.42 3.37 -7.94
C ARG D 151 -2.32 3.62 -6.91
N ASN D 152 -1.99 4.89 -6.72
CA ASN D 152 -1.04 5.29 -5.72
C ASN D 152 -1.87 5.42 -4.47
N ALA D 153 -1.30 4.96 -3.36
CA ALA D 153 -1.98 5.06 -2.05
C ALA D 153 -2.20 6.55 -1.70
N GLY D 154 -3.36 6.83 -1.15
CA GLY D 154 -3.69 8.19 -0.71
C GLY D 154 -5.17 8.38 -0.47
N PRO D 155 -5.54 9.47 0.20
CA PRO D 155 -6.94 9.66 0.50
C PRO D 155 -7.87 9.90 -0.71
N LYS D 156 -9.05 9.32 -0.62
N LYS D 156 -9.03 9.25 -0.69
CA LYS D 156 -10.08 9.36 -1.67
CA LYS D 156 -10.07 9.50 -1.68
C LYS D 156 -11.44 9.51 -1.00
C LYS D 156 -11.41 9.60 -0.97
N ARG D 157 -12.36 10.24 -1.63
CA ARG D 157 -13.69 10.47 -1.09
C ARG D 157 -14.63 10.27 -2.25
N ILE D 158 -15.54 9.34 -2.14
CA ILE D 158 -16.49 9.07 -3.20
C ILE D 158 -17.76 9.81 -2.87
N PHE D 159 -18.18 10.70 -3.75
CA PHE D 159 -19.44 11.39 -3.57
C PHE D 159 -20.56 10.79 -4.45
N ARG D 160 -21.78 10.71 -3.89
CA ARG D 160 -22.95 10.23 -4.60
C ARG D 160 -23.05 10.92 -5.95
N HIS D 161 -23.39 10.14 -6.98
CA HIS D 161 -23.43 10.66 -8.37
C HIS D 161 -24.14 11.99 -8.52
N ASN D 162 -23.43 12.98 -9.07
CA ASN D 162 -23.95 14.36 -9.26
C ASN D 162 -24.44 15.06 -7.97
N ASP D 163 -24.14 14.50 -6.80
CA ASP D 163 -24.64 15.03 -5.50
C ASP D 163 -23.67 16.05 -4.92
N VAL D 164 -23.84 17.31 -5.32
N VAL D 164 -23.87 17.32 -5.30
CA VAL D 164 -22.93 18.40 -4.90
CA VAL D 164 -22.98 18.44 -4.93
C VAL D 164 -23.07 18.80 -3.42
C VAL D 164 -23.07 18.79 -3.43
N ALA D 165 -24.22 18.54 -2.84
CA ALA D 165 -24.41 18.73 -1.39
C ALA D 165 -23.53 17.71 -0.63
N HIS D 166 -23.51 16.46 -1.11
CA HIS D 166 -22.66 15.39 -0.55
C HIS D 166 -21.18 15.73 -0.68
N LEU D 167 -20.76 16.13 -1.89
CA LEU D 167 -19.40 16.60 -2.16
C LEU D 167 -18.96 17.70 -1.15
N ARG D 168 -19.85 18.64 -0.92
CA ARG D 168 -19.60 19.72 0.03
C ARG D 168 -19.40 19.22 1.46
N GLU D 169 -20.28 18.33 1.86
CA GLU D 169 -20.23 17.62 3.16
C GLU D 169 -18.83 16.99 3.35
N LEU D 170 -18.38 16.24 2.34
CA LEU D 170 -17.09 15.54 2.38
C LEU D 170 -15.90 16.47 2.43
N ILE D 171 -15.91 17.45 1.53
CA ILE D 171 -14.81 18.39 1.39
C ILE D 171 -14.66 19.27 2.63
N ALA D 172 -15.78 19.67 3.20
CA ALA D 172 -15.81 20.49 4.42
C ALA D 172 -15.26 19.77 5.66
N ALA D 173 -15.42 18.46 5.71
CA ALA D 173 -14.96 17.63 6.83
C ALA D 173 -13.45 17.43 6.86
N ASP D 174 -12.79 17.60 5.72
CA ASP D 174 -11.37 17.35 5.62
C ASP D 174 -10.50 18.51 6.07
N ASP D 175 -9.22 18.17 6.29
CA ASP D 175 -8.16 19.14 6.65
C ASP D 175 -8.09 20.24 5.58
N PRO D 176 -8.37 21.51 5.95
CA PRO D 176 -8.32 22.60 4.95
C PRO D 176 -6.95 22.89 4.34
N ALA D 177 -5.89 22.45 5.01
CA ALA D 177 -4.52 22.63 4.52
C ALA D 177 -4.13 21.61 3.44
N ALA D 178 -4.79 20.45 3.43
CA ALA D 178 -4.51 19.39 2.49
C ALA D 178 -4.77 19.82 1.04
N PRO D 179 -3.90 19.40 0.11
CA PRO D 179 -4.22 19.66 -1.29
C PRO D 179 -5.45 18.83 -1.69
N LYS D 180 -6.24 19.37 -2.62
CA LYS D 180 -7.49 18.73 -3.02
C LYS D 180 -7.75 18.78 -4.52
N LEU D 181 -8.44 17.75 -5.01
N LEU D 181 -8.44 17.73 -5.00
CA LEU D 181 -8.81 17.69 -6.40
CA LEU D 181 -8.77 17.60 -6.42
C LEU D 181 -10.18 17.02 -6.55
C LEU D 181 -10.16 16.99 -6.56
N ILE D 182 -10.99 17.60 -7.40
CA ILE D 182 -12.33 17.09 -7.66
C ILE D 182 -12.37 16.54 -9.05
N ALA D 183 -12.58 15.24 -9.16
CA ALA D 183 -12.65 14.53 -10.47
C ALA D 183 -14.08 14.15 -10.85
N PHE D 184 -14.47 14.49 -12.08
CA PHE D 184 -15.82 14.22 -12.57
C PHE D 184 -15.89 14.21 -14.09
N GLU D 185 -17.05 13.88 -14.64
CA GLU D 185 -17.26 13.84 -16.09
C GLU D 185 -18.28 14.87 -16.52
N SER D 186 -18.12 15.40 -17.72
CA SER D 186 -19.10 16.38 -18.27
C SER D 186 -20.36 15.65 -18.74
N VAL D 187 -20.15 14.53 -19.43
CA VAL D 187 -21.24 13.64 -19.92
C VAL D 187 -20.90 12.23 -19.45
N TYR D 188 -21.82 11.61 -18.69
CA TYR D 188 -21.61 10.23 -18.20
C TYR D 188 -22.01 9.22 -19.25
N SER D 189 -21.08 8.31 -19.50
CA SER D 189 -21.11 7.39 -20.69
C SER D 189 -22.33 6.60 -20.84
N MET D 190 -22.88 6.12 -19.74
CA MET D 190 -23.94 5.12 -19.80
C MET D 190 -25.34 5.60 -19.59
N ASP D 191 -25.52 6.50 -18.63
CA ASP D 191 -26.85 7.15 -18.38
C ASP D 191 -27.08 8.28 -19.43
N GLY D 192 -25.99 8.87 -19.92
CA GLY D 192 -26.09 10.03 -20.82
C GLY D 192 -26.52 11.33 -20.14
N ASP D 193 -26.26 11.45 -18.84
CA ASP D 193 -26.53 12.66 -18.08
C ASP D 193 -25.30 13.54 -17.98
N PHE D 194 -25.56 14.77 -17.59
CA PHE D 194 -24.55 15.81 -17.48
C PHE D 194 -24.07 16.01 -16.06
N GLY D 195 -22.75 16.23 -15.92
CA GLY D 195 -22.17 16.59 -14.62
C GLY D 195 -22.45 18.06 -14.33
N PRO D 196 -22.61 18.43 -13.05
CA PRO D 196 -22.92 19.83 -12.68
C PRO D 196 -21.64 20.67 -12.60
N ILE D 197 -21.13 21.05 -13.77
CA ILE D 197 -19.82 21.69 -13.91
C ILE D 197 -19.76 22.96 -13.06
N LYS D 198 -20.73 23.83 -13.24
CA LYS D 198 -20.71 25.13 -12.54
C LYS D 198 -20.69 24.95 -11.02
N GLU D 199 -21.54 24.07 -10.53
CA GLU D 199 -21.69 23.91 -9.09
C GLU D 199 -20.45 23.26 -8.50
N ILE D 200 -19.79 22.37 -9.24
CA ILE D 200 -18.55 21.76 -8.78
C ILE D 200 -17.42 22.77 -8.74
N CYS D 201 -17.32 23.60 -9.78
CA CYS D 201 -16.28 24.66 -9.85
C CYS D 201 -16.45 25.66 -8.69
N ASP D 202 -17.71 25.99 -8.37
CA ASP D 202 -18.03 26.85 -7.20
C ASP D 202 -17.50 26.24 -5.88
N ILE D 203 -17.72 24.95 -5.70
CA ILE D 203 -17.21 24.22 -4.51
C ILE D 203 -15.68 24.26 -4.51
N ALA D 204 -15.09 23.94 -5.67
CA ALA D 204 -13.65 23.90 -5.83
C ALA D 204 -13.01 25.25 -5.50
N GLU D 205 -13.61 26.34 -5.98
CA GLU D 205 -13.15 27.69 -5.75
C GLU D 205 -13.23 28.06 -4.22
N GLU D 206 -14.33 27.68 -3.57
CA GLU D 206 -14.59 27.88 -2.13
C GLU D 206 -13.62 27.11 -1.21
N PHE D 207 -13.37 25.84 -1.52
CA PHE D 207 -12.49 24.98 -0.72
C PHE D 207 -11.02 24.88 -1.22
N GLY D 208 -10.68 25.61 -2.28
CA GLY D 208 -9.31 25.69 -2.77
C GLY D 208 -8.79 24.37 -3.37
N ALA D 209 -9.66 23.75 -4.17
CA ALA D 209 -9.36 22.45 -4.81
C ALA D 209 -9.17 22.61 -6.31
N LEU D 210 -8.42 21.71 -6.86
CA LEU D 210 -8.27 21.60 -8.31
C LEU D 210 -9.49 20.93 -8.93
N THR D 211 -9.83 21.29 -10.16
CA THR D 211 -10.93 20.63 -10.92
C THR D 211 -10.33 19.82 -12.09
N TYR D 212 -10.75 18.57 -12.18
CA TYR D 212 -10.31 17.60 -13.20
C TYR D 212 -11.56 17.07 -13.86
N ILE D 213 -11.73 17.36 -15.17
CA ILE D 213 -12.93 16.95 -15.86
C ILE D 213 -12.59 16.01 -17.04
N ASP D 214 -13.31 14.91 -17.08
CA ASP D 214 -13.23 13.95 -18.16
C ASP D 214 -14.37 14.32 -19.13
N GLU D 215 -13.98 14.88 -20.30
CA GLU D 215 -14.93 15.29 -21.37
C GLU D 215 -14.87 14.32 -22.58
N VAL D 216 -14.49 13.08 -22.29
CA VAL D 216 -14.37 12.02 -23.32
C VAL D 216 -15.63 11.83 -24.18
N HIS D 217 -16.79 11.87 -23.52
N HIS D 217 -16.78 11.85 -23.52
CA HIS D 217 -18.08 11.74 -24.20
CA HIS D 217 -18.08 11.69 -24.18
C HIS D 217 -18.77 13.05 -24.52
C HIS D 217 -18.74 13.01 -24.63
N ALA D 218 -17.96 14.12 -24.67
CA ALA D 218 -18.42 15.45 -25.11
C ALA D 218 -17.51 16.12 -26.16
N VAL D 219 -16.21 15.83 -26.13
CA VAL D 219 -15.28 16.49 -27.06
C VAL D 219 -15.66 16.13 -28.49
N GLY D 220 -15.66 17.17 -29.32
CA GLY D 220 -16.15 17.09 -30.71
C GLY D 220 -17.65 17.34 -30.89
N MET D 221 -18.40 17.23 -29.80
CA MET D 221 -19.87 17.18 -29.87
C MET D 221 -20.64 18.26 -29.21
N TYR D 222 -20.02 18.98 -28.28
CA TYR D 222 -20.66 20.09 -27.54
C TYR D 222 -19.74 21.29 -27.59
N GLY D 223 -20.34 22.47 -27.46
CA GLY D 223 -19.67 23.74 -27.58
C GLY D 223 -19.57 24.16 -29.03
N PRO D 224 -19.39 25.45 -29.28
CA PRO D 224 -19.36 25.96 -30.64
C PRO D 224 -18.18 25.47 -31.49
N ARG D 225 -17.12 25.00 -30.86
CA ARG D 225 -15.97 24.45 -31.57
C ARG D 225 -15.70 23.00 -31.21
N GLY D 226 -16.67 22.39 -30.55
CA GLY D 226 -16.53 21.00 -30.11
C GLY D 226 -15.58 20.80 -28.92
N ALA D 227 -15.29 21.84 -28.15
CA ALA D 227 -14.35 21.73 -27.00
C ALA D 227 -14.98 21.06 -25.79
N GLY D 228 -16.30 20.85 -25.85
CA GLY D 228 -17.06 20.16 -24.80
C GLY D 228 -18.13 20.95 -24.13
N VAL D 229 -18.66 20.38 -23.04
CA VAL D 229 -19.74 20.99 -22.28
C VAL D 229 -19.29 22.20 -21.48
N ALA D 230 -18.06 22.16 -20.93
CA ALA D 230 -17.49 23.36 -20.26
C ALA D 230 -17.46 24.53 -21.29
N GLU D 231 -17.07 24.22 -22.53
CA GLU D 231 -17.11 25.24 -23.62
C GLU D 231 -18.55 25.73 -23.90
N ARG D 232 -19.49 24.78 -23.99
CA ARG D 232 -20.92 25.10 -24.19
C ARG D 232 -21.43 26.08 -23.12
N ASP D 233 -21.06 25.80 -21.88
CA ASP D 233 -21.47 26.54 -20.69
C ASP D 233 -20.60 27.74 -20.30
N GLY D 234 -19.48 27.90 -21.01
CA GLY D 234 -18.57 29.01 -20.80
C GLY D 234 -17.69 28.95 -19.56
N LEU D 235 -17.24 27.75 -19.22
CA LEU D 235 -16.51 27.51 -17.98
C LEU D 235 -15.13 26.89 -18.12
N MET D 236 -14.60 26.79 -19.34
CA MET D 236 -13.32 26.13 -19.54
C MET D 236 -12.23 26.76 -18.73
N HIS D 237 -12.29 28.09 -18.62
CA HIS D 237 -11.34 28.85 -17.80
C HIS D 237 -11.34 28.44 -16.29
N ARG D 238 -12.42 27.82 -15.83
CA ARG D 238 -12.58 27.34 -14.43
C ARG D 238 -12.12 25.90 -14.19
N ILE D 239 -11.79 25.22 -15.28
CA ILE D 239 -11.28 23.85 -15.23
C ILE D 239 -9.74 23.88 -15.22
N ASP D 240 -9.13 23.17 -14.28
CA ASP D 240 -7.67 23.12 -14.19
C ASP D 240 -7.09 22.10 -15.17
N ILE D 241 -7.72 20.92 -15.22
CA ILE D 241 -7.28 19.86 -16.11
C ILE D 241 -8.42 19.27 -16.90
N PHE D 242 -8.24 19.23 -18.22
CA PHE D 242 -9.15 18.54 -19.14
C PHE D 242 -8.60 17.21 -19.54
N ASN D 243 -9.43 16.19 -19.45
CA ASN D 243 -9.12 14.89 -20.01
C ASN D 243 -10.09 14.64 -21.18
N GLY D 244 -9.54 14.17 -22.28
CA GLY D 244 -10.33 13.83 -23.44
C GLY D 244 -9.73 12.66 -24.23
N THR D 245 -10.47 12.25 -25.26
CA THR D 245 -10.05 11.17 -26.16
C THR D 245 -10.05 11.64 -27.59
N LEU D 246 -9.26 10.93 -28.40
CA LEU D 246 -9.23 11.13 -29.85
C LEU D 246 -9.90 9.96 -30.58
N ALA D 247 -10.39 9.02 -29.81
CA ALA D 247 -10.90 7.75 -30.30
C ALA D 247 -12.42 7.63 -30.49
N LYS D 248 -13.16 8.66 -30.09
CA LYS D 248 -14.63 8.60 -30.11
C LYS D 248 -15.18 9.56 -31.18
N ALA D 249 -15.71 10.71 -30.81
CA ALA D 249 -16.18 11.68 -31.85
C ALA D 249 -15.07 12.10 -32.81
N TYR D 250 -13.83 12.16 -32.34
CA TYR D 250 -12.68 12.50 -33.22
C TYR D 250 -12.32 11.37 -34.20
N GLY D 251 -12.77 10.16 -33.88
CA GLY D 251 -12.82 9.05 -34.82
C GLY D 251 -11.53 8.34 -35.10
N VAL D 252 -10.53 8.57 -34.25
CA VAL D 252 -9.23 7.98 -34.50
C VAL D 252 -8.79 7.14 -33.34
N PHE D 253 -7.79 7.60 -32.60
CA PHE D 253 -7.23 6.83 -31.45
C PHE D 253 -6.31 7.75 -30.68
N GLY D 254 -6.21 7.46 -29.38
CA GLY D 254 -5.37 8.21 -28.46
C GLY D 254 -6.16 8.99 -27.44
N GLY D 255 -5.44 9.59 -26.52
CA GLY D 255 -6.05 10.42 -25.50
C GLY D 255 -5.16 11.53 -25.06
N TYR D 256 -5.68 12.36 -24.18
CA TYR D 256 -4.90 13.50 -23.70
C TYR D 256 -5.36 14.11 -22.40
N ILE D 257 -4.46 14.94 -21.87
CA ILE D 257 -4.80 16.00 -20.91
C ILE D 257 -4.46 17.38 -21.51
N ALA D 258 -5.17 18.39 -21.05
CA ALA D 258 -4.90 19.78 -21.42
C ALA D 258 -4.94 20.58 -20.12
N ALA D 259 -3.93 21.40 -19.94
CA ALA D 259 -3.73 22.12 -18.68
C ALA D 259 -2.62 23.18 -18.84
N SER D 260 -2.23 23.80 -17.74
CA SER D 260 -1.16 24.77 -17.76
C SER D 260 0.12 24.11 -18.16
N ALA D 261 1.08 24.92 -18.65
CA ALA D 261 2.41 24.40 -19.01
C ALA D 261 3.09 23.70 -17.85
N ARG D 262 2.93 24.23 -16.64
CA ARG D 262 3.49 23.63 -15.42
C ARG D 262 2.90 22.31 -15.10
N MET D 263 1.59 22.23 -15.21
CA MET D 263 0.91 20.99 -14.95
C MET D 263 1.39 19.92 -15.92
N VAL D 264 1.35 20.23 -17.20
CA VAL D 264 1.76 19.30 -18.28
C VAL D 264 3.23 18.90 -18.15
N ASP D 265 4.10 19.89 -17.98
CA ASP D 265 5.57 19.59 -17.83
C ASP D 265 5.84 18.67 -16.64
N ALA D 266 5.14 18.90 -15.55
CA ALA D 266 5.31 18.07 -14.35
C ALA D 266 4.82 16.63 -14.55
N VAL D 267 3.65 16.49 -15.16
CA VAL D 267 3.07 15.15 -15.42
C VAL D 267 3.94 14.36 -16.39
N ARG D 268 4.34 15.00 -17.47
CA ARG D 268 5.15 14.31 -18.45
C ARG D 268 6.51 13.90 -17.93
N SER D 269 7.02 14.64 -16.96
CA SER D 269 8.33 14.40 -16.36
C SER D 269 8.32 13.34 -15.27
N TYR D 270 7.14 13.08 -14.68
CA TYR D 270 7.00 12.13 -13.56
C TYR D 270 6.12 10.91 -13.79
N ALA D 271 5.23 10.93 -14.78
CA ALA D 271 4.25 9.84 -14.97
C ALA D 271 4.86 8.68 -15.73
N PRO D 272 5.03 7.49 -15.08
CA PRO D 272 5.58 6.33 -15.82
C PRO D 272 4.79 5.92 -17.06
N GLY D 273 3.47 6.01 -16.96
CA GLY D 273 2.59 5.70 -18.07
C GLY D 273 2.77 6.58 -19.29
N PHE D 274 3.31 7.77 -19.07
CA PHE D 274 3.67 8.64 -20.22
C PHE D 274 5.06 8.31 -20.73
N ILE D 275 5.99 8.20 -19.79
N ILE D 275 5.99 8.20 -19.79
CA ILE D 275 7.43 8.03 -20.06
CA ILE D 275 7.43 8.02 -20.07
C ILE D 275 7.81 6.71 -20.76
C ILE D 275 7.74 6.72 -20.80
N PHE D 276 7.29 5.61 -20.22
CA PHE D 276 7.75 4.27 -20.58
C PHE D 276 6.95 3.51 -21.65
N SER D 277 6.30 4.26 -22.51
CA SER D 277 5.52 3.66 -23.57
C SER D 277 5.74 4.40 -24.88
N THR D 278 5.73 3.63 -25.97
CA THR D 278 5.93 4.13 -27.32
C THR D 278 4.92 5.21 -27.61
N SER D 279 5.39 6.28 -28.26
CA SER D 279 4.49 7.39 -28.59
C SER D 279 3.55 6.93 -29.71
N LEU D 280 2.40 7.59 -29.80
CA LEU D 280 1.39 7.29 -30.84
C LEU D 280 2.00 7.34 -32.21
N PRO D 281 1.53 6.48 -33.12
CA PRO D 281 2.04 6.57 -34.50
C PRO D 281 1.74 7.94 -35.10
N PRO D 282 2.72 8.53 -35.79
CA PRO D 282 2.46 9.84 -36.43
C PRO D 282 1.19 9.94 -37.29
N ALA D 283 0.89 8.89 -38.06
CA ALA D 283 -0.34 8.81 -38.85
C ALA D 283 -1.64 8.96 -38.02
N ILE D 284 -1.63 8.40 -36.81
CA ILE D 284 -2.74 8.54 -35.85
C ILE D 284 -2.84 9.99 -35.35
N ALA D 285 -1.70 10.57 -35.02
CA ALA D 285 -1.63 11.92 -34.58
C ALA D 285 -2.09 12.90 -35.69
N ALA D 286 -1.69 12.63 -36.93
CA ALA D 286 -2.07 13.41 -38.12
C ALA D 286 -3.61 13.40 -38.33
N GLY D 287 -4.15 12.19 -38.36
CA GLY D 287 -5.61 11.99 -38.48
C GLY D 287 -6.39 12.72 -37.39
N ALA D 288 -5.95 12.53 -36.15
CA ALA D 288 -6.61 13.14 -34.97
C ALA D 288 -6.58 14.65 -35.05
N GLN D 289 -5.44 15.20 -35.40
CA GLN D 289 -5.32 16.65 -35.52
C GLN D 289 -6.26 17.24 -36.56
N ALA D 290 -6.27 16.59 -37.73
CA ALA D 290 -7.13 16.95 -38.86
C ALA D 290 -8.62 16.89 -38.44
N SER D 291 -8.95 15.87 -37.66
CA SER D 291 -10.33 15.71 -37.15
C SER D 291 -10.73 16.84 -36.16
N ILE D 292 -9.82 17.16 -35.25
CA ILE D 292 -10.07 18.23 -34.27
C ILE D 292 -10.26 19.55 -34.99
N ALA D 293 -9.36 19.85 -35.93
CA ALA D 293 -9.40 21.12 -36.68
C ALA D 293 -10.67 21.24 -37.49
N PHE D 294 -11.07 20.16 -38.14
CA PHE D 294 -12.33 20.20 -38.93
C PHE D 294 -13.55 20.46 -38.01
N LEU D 295 -13.61 19.74 -36.90
CA LEU D 295 -14.71 19.89 -35.96
C LEU D 295 -14.78 21.24 -35.26
N LYS D 296 -13.69 21.98 -35.21
CA LYS D 296 -13.71 23.36 -34.72
C LYS D 296 -14.43 24.32 -35.68
N THR D 297 -14.65 23.90 -36.92
CA THR D 297 -15.21 24.80 -37.95
C THR D 297 -16.74 24.74 -38.01
N ALA D 298 -17.32 25.67 -38.79
CA ALA D 298 -18.78 25.74 -39.04
C ALA D 298 -19.30 24.46 -39.70
N GLU D 299 -18.46 23.83 -40.54
CA GLU D 299 -18.78 22.53 -41.17
C GLU D 299 -18.85 21.44 -40.12
N GLY D 300 -17.95 21.52 -39.14
CA GLY D 300 -18.02 20.64 -37.99
C GLY D 300 -19.32 20.84 -37.16
N GLN D 301 -19.74 22.10 -37.02
CA GLN D 301 -20.96 22.42 -36.29
C GLN D 301 -22.18 21.75 -36.92
N LYS D 302 -22.16 21.64 -38.25
CA LYS D 302 -23.25 21.00 -38.98
C LYS D 302 -23.43 19.54 -38.56
N LEU D 303 -22.36 18.85 -38.25
CA LEU D 303 -22.45 17.46 -37.80
C LEU D 303 -23.05 17.36 -36.41
N ARG D 304 -22.60 18.25 -35.53
CA ARG D 304 -23.12 18.29 -34.16
C ARG D 304 -24.64 18.53 -34.18
N ASP D 305 -25.08 19.48 -35.01
CA ASP D 305 -26.50 19.81 -35.19
C ASP D 305 -27.30 18.59 -35.67
N ALA D 306 -26.74 17.86 -36.63
CA ALA D 306 -27.36 16.64 -37.18
C ALA D 306 -27.42 15.54 -36.14
N GLN D 307 -26.34 15.37 -35.37
CA GLN D 307 -26.33 14.34 -34.30
C GLN D 307 -27.41 14.61 -33.28
N GLN D 308 -27.50 15.85 -32.83
CA GLN D 308 -28.50 16.25 -31.83
C GLN D 308 -29.92 16.08 -32.33
N MET D 309 -30.17 16.39 -33.60
N MET D 309 -30.17 16.43 -33.59
CA MET D 309 -31.49 16.23 -34.21
CA MET D 309 -31.51 16.26 -34.19
C MET D 309 -31.84 14.76 -34.25
C MET D 309 -31.87 14.77 -34.30
N HIS D 310 -30.94 13.96 -34.80
CA HIS D 310 -31.16 12.48 -34.88
C HIS D 310 -31.39 11.83 -33.52
N ALA D 311 -30.60 12.24 -32.54
CA ALA D 311 -30.78 11.79 -31.17
C ALA D 311 -32.18 12.12 -30.65
N LYS D 312 -32.65 13.37 -30.76
N LYS D 312 -32.61 13.37 -30.80
CA LYS D 312 -34.00 13.72 -30.28
CA LYS D 312 -33.94 13.81 -30.39
C LYS D 312 -35.10 12.97 -31.02
C LYS D 312 -35.03 12.97 -31.01
N VAL D 313 -34.96 12.82 -32.34
CA VAL D 313 -35.94 12.03 -33.11
C VAL D 313 -36.00 10.59 -32.64
N LEU D 314 -34.83 9.97 -32.50
CA LEU D 314 -34.82 8.54 -32.02
C LEU D 314 -35.54 8.44 -30.65
N LYS D 315 -35.20 9.36 -29.77
CA LYS D 315 -35.80 9.42 -28.45
C LYS D 315 -37.31 9.57 -28.50
N MET D 316 -37.80 10.51 -29.30
N MET D 316 -37.85 10.52 -29.28
CA MET D 316 -39.26 10.74 -29.45
CA MET D 316 -39.34 10.66 -29.37
C MET D 316 -39.96 9.44 -29.91
C MET D 316 -39.96 9.37 -29.87
N ARG D 317 -39.37 8.79 -30.94
CA ARG D 317 -39.91 7.57 -31.55
C ARG D 317 -39.96 6.39 -30.58
N LEU D 318 -38.90 6.23 -29.77
N LEU D 318 -38.91 6.21 -29.77
CA LEU D 318 -38.86 5.15 -28.77
CA LEU D 318 -38.92 5.09 -28.78
C LEU D 318 -39.86 5.40 -27.63
C LEU D 318 -39.83 5.38 -27.58
N LYS D 319 -39.89 6.63 -27.15
CA LYS D 319 -40.88 7.02 -26.11
C LYS D 319 -42.33 6.76 -26.60
N ALA D 320 -42.55 7.03 -27.90
CA ALA D 320 -43.86 6.77 -28.54
C ALA D 320 -44.26 5.28 -28.53
N LEU D 321 -43.29 4.39 -28.44
CA LEU D 321 -43.53 2.93 -28.27
C LEU D 321 -43.80 2.56 -26.84
N GLY D 322 -43.34 3.39 -25.93
CA GLY D 322 -43.49 3.13 -24.53
C GLY D 322 -42.28 2.39 -24.06
N MET D 323 -41.15 2.57 -24.73
CA MET D 323 -39.87 1.91 -24.37
C MET D 323 -39.33 2.55 -23.12
N PRO D 324 -38.58 1.78 -22.29
CA PRO D 324 -38.01 2.39 -21.09
C PRO D 324 -36.72 3.18 -21.42
N ILE D 325 -36.93 4.39 -21.95
CA ILE D 325 -35.86 5.34 -22.32
C ILE D 325 -35.55 6.19 -21.17
N ILE D 326 -34.26 6.33 -20.85
CA ILE D 326 -33.81 7.29 -19.88
C ILE D 326 -33.27 8.47 -20.66
N ASP D 327 -33.93 9.61 -20.54
CA ASP D 327 -33.61 10.81 -21.33
C ASP D 327 -33.11 11.98 -20.47
N HIS D 328 -31.80 12.10 -20.39
CA HIS D 328 -31.14 13.22 -19.70
C HIS D 328 -30.71 14.36 -20.62
N GLY D 329 -31.14 14.33 -21.89
CA GLY D 329 -30.87 15.45 -22.85
C GLY D 329 -29.54 15.45 -23.58
N SER D 330 -28.88 14.29 -23.64
CA SER D 330 -27.63 14.17 -24.41
C SER D 330 -27.87 13.37 -25.72
N HIS D 331 -26.78 13.13 -26.43
CA HIS D 331 -26.77 12.36 -27.70
C HIS D 331 -26.88 10.84 -27.49
N ILE D 332 -26.74 10.43 -26.23
CA ILE D 332 -26.77 9.01 -25.82
C ILE D 332 -28.19 8.60 -25.52
N VAL D 333 -28.57 7.44 -26.05
CA VAL D 333 -29.96 6.94 -25.93
C VAL D 333 -30.02 5.55 -25.28
N PRO D 334 -30.04 5.51 -23.93
CA PRO D 334 -30.07 4.22 -23.26
C PRO D 334 -31.47 3.67 -23.10
N VAL D 335 -31.63 2.38 -23.41
CA VAL D 335 -32.91 1.63 -23.18
C VAL D 335 -32.51 0.57 -22.14
N VAL D 336 -33.00 0.74 -20.91
CA VAL D 336 -32.64 -0.10 -19.76
C VAL D 336 -33.55 -1.31 -19.67
N ILE D 337 -32.94 -2.49 -19.72
CA ILE D 337 -33.65 -3.78 -19.67
C ILE D 337 -33.67 -4.26 -18.21
N GLY D 338 -32.52 -4.12 -17.52
N GLY D 338 -32.53 -4.16 -17.51
CA GLY D 338 -32.39 -4.46 -16.09
CA GLY D 338 -32.44 -4.54 -16.08
C GLY D 338 -32.03 -5.91 -15.76
C GLY D 338 -32.23 -6.02 -15.75
N ASP D 339 -31.80 -6.73 -16.80
N ASP D 339 -31.84 -6.81 -16.75
CA ASP D 339 -31.40 -8.14 -16.65
CA ASP D 339 -31.46 -8.24 -16.57
C ASP D 339 -30.32 -8.43 -17.69
C ASP D 339 -30.43 -8.63 -17.65
N PRO D 340 -29.16 -8.95 -17.25
CA PRO D 340 -28.07 -9.13 -18.24
C PRO D 340 -28.38 -10.18 -19.31
N VAL D 341 -29.03 -11.27 -18.91
CA VAL D 341 -29.41 -12.34 -19.82
C VAL D 341 -30.51 -11.89 -20.86
N HIS D 342 -31.54 -11.14 -20.42
CA HIS D 342 -32.61 -10.66 -21.35
C HIS D 342 -32.06 -9.49 -22.25
N THR D 343 -31.10 -8.76 -21.74
CA THR D 343 -30.48 -7.72 -22.55
C THR D 343 -29.73 -8.40 -23.71
N LYS D 344 -28.94 -9.42 -23.41
CA LYS D 344 -28.24 -10.18 -24.48
C LYS D 344 -29.24 -10.80 -25.45
N ALA D 345 -30.31 -11.35 -24.94
CA ALA D 345 -31.32 -12.01 -25.81
C ALA D 345 -31.96 -10.99 -26.78
N VAL D 346 -32.31 -9.83 -26.27
CA VAL D 346 -32.90 -8.77 -27.13
C VAL D 346 -31.85 -8.31 -28.16
N SER D 347 -30.63 -8.12 -27.69
CA SER D 347 -29.54 -7.75 -28.60
C SER D 347 -29.27 -8.79 -29.70
N ASP D 348 -29.29 -10.05 -29.33
N ASP D 348 -29.24 -10.07 -29.34
CA ASP D 348 -29.06 -11.18 -30.28
CA ASP D 348 -28.99 -11.14 -30.35
C ASP D 348 -30.09 -11.24 -31.38
C ASP D 348 -30.09 -11.28 -31.39
N MET D 349 -31.34 -11.05 -30.97
CA MET D 349 -32.47 -11.10 -31.88
C MET D 349 -32.43 -9.89 -32.81
N LEU D 350 -32.13 -8.71 -32.25
CA LEU D 350 -31.98 -7.50 -33.08
C LEU D 350 -30.89 -7.70 -34.16
N LEU D 351 -29.79 -8.33 -33.77
CA LEU D 351 -28.70 -8.56 -34.69
C LEU D 351 -29.05 -9.59 -35.73
N SER D 352 -29.43 -10.78 -35.29
CA SER D 352 -29.64 -11.92 -36.22
C SER D 352 -30.86 -11.83 -37.13
N ASP D 353 -31.98 -11.28 -36.62
CA ASP D 353 -33.23 -11.14 -37.39
C ASP D 353 -33.40 -9.85 -38.13
N TYR D 354 -32.85 -8.79 -37.56
CA TYR D 354 -33.07 -7.43 -38.13
C TYR D 354 -31.84 -6.69 -38.60
N GLY D 355 -30.64 -7.23 -38.36
CA GLY D 355 -29.40 -6.55 -38.83
C GLY D 355 -29.07 -5.25 -38.09
N VAL D 356 -29.60 -5.14 -36.86
CA VAL D 356 -29.37 -4.03 -35.97
C VAL D 356 -28.36 -4.49 -34.90
N TYR D 357 -27.25 -3.79 -34.85
CA TYR D 357 -26.21 -4.10 -33.90
C TYR D 357 -26.17 -3.08 -32.75
N VAL D 358 -26.63 -3.54 -31.58
CA VAL D 358 -26.60 -2.80 -30.32
C VAL D 358 -26.13 -3.77 -29.20
N GLN D 359 -24.85 -3.64 -28.80
CA GLN D 359 -24.21 -4.55 -27.83
C GLN D 359 -24.91 -4.51 -26.49
N PRO D 360 -25.17 -5.69 -25.89
CA PRO D 360 -25.75 -5.68 -24.55
C PRO D 360 -24.69 -5.15 -23.54
N ILE D 361 -25.09 -4.15 -22.77
CA ILE D 361 -24.22 -3.53 -21.77
C ILE D 361 -24.55 -4.03 -20.34
N ASN D 362 -23.54 -4.60 -19.71
CA ASN D 362 -23.68 -5.22 -18.37
C ASN D 362 -22.58 -4.80 -17.38
N PHE D 363 -22.65 -5.34 -16.16
CA PHE D 363 -21.61 -5.15 -15.13
C PHE D 363 -20.27 -5.73 -15.70
N PRO D 364 -19.12 -5.04 -15.48
CA PRO D 364 -18.86 -3.81 -14.67
C PRO D 364 -19.01 -2.47 -15.36
N THR D 365 -19.54 -2.45 -16.57
CA THR D 365 -19.72 -1.17 -17.30
C THR D 365 -20.85 -0.32 -16.72
N VAL D 366 -21.92 -1.02 -16.27
CA VAL D 366 -23.08 -0.40 -15.58
C VAL D 366 -23.38 -1.18 -14.32
N PRO D 367 -24.03 -0.53 -13.35
CA PRO D 367 -24.34 -1.31 -12.13
C PRO D 367 -25.26 -2.50 -12.40
N ARG D 368 -25.09 -3.55 -11.59
CA ARG D 368 -25.96 -4.74 -11.68
C ARG D 368 -27.43 -4.29 -11.59
N GLY D 369 -28.28 -4.93 -12.37
CA GLY D 369 -29.72 -4.60 -12.40
C GLY D 369 -30.08 -3.38 -13.25
N THR D 370 -29.07 -2.75 -13.85
CA THR D 370 -29.27 -1.60 -14.76
C THR D 370 -28.75 -1.92 -16.16
N GLU D 371 -28.76 -3.21 -16.53
CA GLU D 371 -28.21 -3.67 -17.83
C GLU D 371 -29.08 -3.10 -18.95
N ARG D 372 -28.44 -2.80 -20.05
CA ARG D 372 -29.11 -1.99 -21.06
C ARG D 372 -28.52 -2.06 -22.44
N LEU D 373 -29.33 -1.55 -23.35
CA LEU D 373 -28.94 -1.27 -24.73
C LEU D 373 -28.62 0.22 -24.84
N ARG D 374 -27.50 0.55 -25.46
CA ARG D 374 -27.11 1.94 -25.58
C ARG D 374 -26.96 2.36 -27.04
N PHE D 375 -27.98 3.09 -27.51
CA PHE D 375 -28.02 3.63 -28.85
C PHE D 375 -27.25 4.93 -28.93
N THR D 376 -26.48 5.03 -30.00
CA THR D 376 -25.64 6.18 -30.24
C THR D 376 -25.94 6.74 -31.63
N PRO D 377 -27.10 7.42 -31.80
CA PRO D 377 -27.44 7.95 -33.14
C PRO D 377 -26.44 9.01 -33.58
N SER D 378 -26.06 8.96 -34.83
CA SER D 378 -25.03 9.82 -35.36
C SER D 378 -25.58 10.58 -36.57
N PRO D 379 -24.79 11.53 -37.15
CA PRO D 379 -25.25 12.20 -38.36
C PRO D 379 -25.46 11.27 -39.53
N VAL D 380 -24.80 10.12 -39.55
CA VAL D 380 -24.99 9.14 -40.63
C VAL D 380 -26.25 8.23 -40.46
N HIS D 381 -26.88 8.26 -39.27
N HIS D 381 -26.90 8.27 -39.29
CA HIS D 381 -28.14 7.56 -39.01
CA HIS D 381 -28.13 7.53 -39.04
C HIS D 381 -29.29 8.46 -39.45
C HIS D 381 -29.32 8.42 -39.44
N ASP D 382 -29.59 8.41 -40.74
CA ASP D 382 -30.67 9.22 -41.30
C ASP D 382 -32.05 8.83 -40.72
N LEU D 383 -33.06 9.65 -41.05
CA LEU D 383 -34.45 9.46 -40.56
C LEU D 383 -35.07 8.09 -40.97
N LYS D 384 -34.64 7.60 -42.13
CA LYS D 384 -35.04 6.28 -42.66
C LYS D 384 -34.44 5.11 -41.91
N GLN D 385 -33.22 5.29 -41.39
CA GLN D 385 -32.56 4.26 -40.57
C GLN D 385 -33.20 4.26 -39.19
N ILE D 386 -33.50 5.45 -38.71
CA ILE D 386 -34.18 5.59 -37.42
C ILE D 386 -35.53 4.89 -37.49
N ASP D 387 -36.23 5.06 -38.61
CA ASP D 387 -37.56 4.44 -38.84
C ASP D 387 -37.42 2.90 -38.88
N GLY D 388 -36.42 2.41 -39.59
CA GLY D 388 -36.13 0.98 -39.63
C GLY D 388 -35.85 0.41 -38.25
N LEU D 389 -35.03 1.10 -37.47
CA LEU D 389 -34.72 0.68 -36.10
C LEU D 389 -35.97 0.59 -35.23
N VAL D 390 -36.75 1.67 -35.19
N VAL D 390 -36.75 1.66 -35.21
CA VAL D 390 -37.93 1.70 -34.32
CA VAL D 390 -37.94 1.72 -34.34
C VAL D 390 -38.96 0.61 -34.70
C VAL D 390 -38.93 0.60 -34.71
N HIS D 391 -39.10 0.36 -36.00
CA HIS D 391 -39.95 -0.75 -36.49
C HIS D 391 -39.49 -2.13 -36.04
N ALA D 392 -38.19 -2.37 -36.14
CA ALA D 392 -37.58 -3.61 -35.64
C ALA D 392 -37.84 -3.80 -34.14
N MET D 393 -37.69 -2.72 -33.38
CA MET D 393 -37.89 -2.74 -31.93
C MET D 393 -39.36 -3.00 -31.54
N ASP D 394 -40.26 -2.41 -32.31
CA ASP D 394 -41.72 -2.61 -32.15
C ASP D 394 -42.08 -4.08 -32.42
N LEU D 395 -41.61 -4.58 -33.56
CA LEU D 395 -41.82 -5.99 -33.98
C LEU D 395 -41.28 -6.97 -32.94
N LEU D 396 -40.12 -6.62 -32.40
CA LEU D 396 -39.46 -7.45 -31.42
C LEU D 396 -40.26 -7.56 -30.11
N TRP D 397 -40.92 -6.50 -29.70
CA TRP D 397 -41.84 -6.57 -28.56
C TRP D 397 -43.20 -7.07 -29.11
N ALA D 398 -43.29 -8.33 -29.47
CA ALA D 398 -44.56 -8.86 -29.89
C ALA D 398 -44.33 -10.24 -29.45
N ARG D 399 -43.48 -10.92 -30.20
CA ARG D 399 -43.00 -12.19 -29.77
C ARG D 399 -44.11 -13.21 -29.71
N1 PLP E . -9.56 2.49 23.81
C2 PLP E . -10.03 3.64 24.42
C2A PLP E . -11.45 4.12 24.06
C3 PLP E . -9.15 4.31 25.34
O3 PLP E . -9.52 5.31 25.89
C4 PLP E . -7.85 3.86 25.67
C4A PLP E . -6.95 4.58 26.72
C5 PLP E . -7.45 2.70 25.00
C6 PLP E . -8.29 2.04 24.11
C5A PLP E . -6.09 2.12 25.26
O4P PLP E . -5.89 1.62 26.60
P PLP E . -4.46 1.18 27.15
O1P PLP E . -4.83 -0.02 27.99
O2P PLP E . -4.10 2.37 27.91
O3P PLP E . -3.64 1.03 25.92
C1 SIN F . -7.41 8.35 41.44
O1 SIN F . -7.53 7.08 41.38
O2 SIN F . -6.33 8.96 41.80
C2 SIN F . -8.63 9.13 41.07
C3 SIN F . -8.29 10.14 39.99
C4 SIN F . -9.45 10.30 39.04
O3 SIN F . -9.62 11.51 38.68
O4 SIN F . -10.22 9.29 38.66
CL CL G . -12.28 0.77 -1.25
N1 PLP H . 13.34 -6.39 19.10
C2 PLP H . 13.98 -7.61 19.16
C2A PLP H . 15.20 -7.86 18.28
C3 PLP H . 13.48 -8.63 20.01
O3 PLP H . 14.05 -9.74 20.04
C4 PLP H . 12.35 -8.41 20.82
C4A PLP H . 11.91 -9.55 21.76
C5 PLP H . 11.70 -7.15 20.75
C6 PLP H . 12.22 -6.16 19.90
C5A PLP H . 10.46 -6.78 21.56
O4P PLP H . 10.64 -6.46 22.96
P PLP H . 9.42 -6.47 23.98
O1P PLP H . 9.97 -5.51 24.97
O2P PLP H . 9.26 -7.86 24.42
O3P PLP H . 8.29 -6.05 23.19
S SO4 I . 5.85 -9.70 10.24
O1 SO4 I . 5.98 -8.89 9.03
O2 SO4 I . 4.56 -10.41 10.22
O3 SO4 I . 6.95 -10.66 10.30
O4 SO4 I . 5.93 -8.80 11.38
C ACY J . -4.09 11.67 25.79
O ACY J . -4.35 12.88 25.52
OXT ACY J . -3.10 11.36 26.53
CH3 ACY J . -4.97 10.57 25.23
N1 PLP K . 8.42 -3.69 -21.68
C2 PLP K . 9.72 -3.32 -21.92
C2A PLP K . 10.86 -4.15 -21.38
C3 PLP K . 9.97 -2.18 -22.70
O3 PLP K . 11.15 -1.85 -22.91
C4 PLP K . 8.89 -1.40 -23.19
C4A PLP K . 9.21 -0.21 -24.09
C5 PLP K . 7.57 -1.83 -22.92
C6 PLP K . 7.34 -2.97 -22.16
C5A PLP K . 6.37 -1.12 -23.42
O4P PLP K . 6.19 -1.07 -24.87
P PLP K . 5.01 -0.17 -25.52
O1P PLP K . 4.34 -1.19 -26.41
O2P PLP K . 5.82 0.86 -26.15
O3P PLP K . 4.22 0.29 -24.36
C ACY L . -17.30 -1.62 -22.29
O ACY L . -18.15 -2.35 -21.67
OXT ACY L . -16.74 -1.96 -23.38
CH3 ACY L . -16.97 -0.27 -21.72
C1 SIN M . 17.43 2.48 -34.82
O1 SIN M . 18.18 3.24 -34.08
O2 SIN M . 17.05 1.26 -34.53
C2 SIN M . 17.03 3.07 -36.14
C3 SIN M . 15.59 3.39 -36.16
C4 SIN M . 15.19 3.53 -37.59
O3 SIN M . 14.90 2.50 -38.28
O4 SIN M . 15.15 4.68 -38.07
N1 PLP N . -13.26 8.00 -19.92
C2 PLP N . -14.54 7.69 -20.31
C2A PLP N . -15.67 8.32 -19.57
C3 PLP N . -14.75 6.78 -21.38
O3 PLP N . -15.91 6.48 -21.69
C4 PLP N . -13.66 6.21 -22.09
C4A PLP N . -13.90 5.22 -23.29
C5 PLP N . -12.35 6.55 -21.64
C6 PLP N . -12.16 7.45 -20.58
C5A PLP N . -11.11 5.98 -22.27
O4P PLP N . -10.98 6.24 -23.67
P PLP N . -9.95 5.53 -24.58
O1P PLP N . -9.36 6.60 -25.45
O2P PLP N . -10.84 4.64 -25.31
O3P PLP N . -9.02 4.80 -23.75
C1 SIN O . -22.60 5.12 -33.82
O1 SIN O . -22.38 6.26 -33.24
O2 SIN O . -23.60 4.33 -33.64
C2 SIN O . -21.57 4.61 -34.75
C3 SIN O . -21.98 4.79 -36.19
C4 SIN O . -20.73 4.66 -36.96
O3 SIN O . -20.58 3.73 -37.78
O4 SIN O . -19.82 5.49 -36.71
C FMT P . 12.51 6.27 -21.74
O1 FMT P . 11.81 6.67 -22.68
O2 FMT P . 13.32 7.12 -21.23
CL CL Q . -7.76 9.05 5.08
#